data_8EDP
# 
_entry.id   8EDP 
# 
_audit_conform.dict_name       mmcif_pdbx.dic 
_audit_conform.dict_version    5.392 
_audit_conform.dict_location   http://mmcif.pdb.org/dictionaries/ascii/mmcif_pdbx.dic 
# 
loop_
_database_2.database_id 
_database_2.database_code 
_database_2.pdbx_database_accession 
_database_2.pdbx_DOI 
PDB   8EDP         pdb_00008edp 10.2210/pdb8edp/pdb 
WWPDB D_1000265092 ?            ?                   
# 
loop_
_pdbx_audit_revision_history.ordinal 
_pdbx_audit_revision_history.data_content_type 
_pdbx_audit_revision_history.major_revision 
_pdbx_audit_revision_history.minor_revision 
_pdbx_audit_revision_history.revision_date 
1 'Structure model' 1 0 2022-12-28 
2 'Structure model' 1 1 2024-05-22 
# 
_pdbx_audit_revision_details.ordinal             1 
_pdbx_audit_revision_details.revision_ordinal    1 
_pdbx_audit_revision_details.data_content_type   'Structure model' 
_pdbx_audit_revision_details.provider            repository 
_pdbx_audit_revision_details.type                'Initial release' 
_pdbx_audit_revision_details.description         ? 
_pdbx_audit_revision_details.details             ? 
# 
_pdbx_audit_revision_group.ordinal             1 
_pdbx_audit_revision_group.revision_ordinal    2 
_pdbx_audit_revision_group.data_content_type   'Structure model' 
_pdbx_audit_revision_group.group               'Data collection' 
# 
loop_
_pdbx_audit_revision_category.ordinal 
_pdbx_audit_revision_category.revision_ordinal 
_pdbx_audit_revision_category.data_content_type 
_pdbx_audit_revision_category.category 
1 2 'Structure model' chem_comp_atom 
2 2 'Structure model' chem_comp_bond 
# 
_pdbx_database_status.status_code                     REL 
_pdbx_database_status.status_code_sf                  REL 
_pdbx_database_status.status_code_mr                  ? 
_pdbx_database_status.entry_id                        8EDP 
_pdbx_database_status.recvd_initial_deposition_date   2022-09-05 
_pdbx_database_status.SG_entry                        N 
_pdbx_database_status.deposit_site                    RCSB 
_pdbx_database_status.process_site                    RCSB 
_pdbx_database_status.status_code_cs                  ? 
_pdbx_database_status.status_code_nmr_data            ? 
_pdbx_database_status.methods_development_category    ? 
_pdbx_database_status.pdb_format_compatible           Y 
# 
_pdbx_contact_author.id                 3 
_pdbx_contact_author.email              lyastun1@swarthmore.edu 
_pdbx_contact_author.name_first         Liliya 
_pdbx_contact_author.name_last          Yatsunyk 
_pdbx_contact_author.name_mi            A. 
_pdbx_contact_author.role               'principal investigator/group leader' 
_pdbx_contact_author.identifier_ORCID   0000-0003-3946-0939 
# 
loop_
_audit_author.name 
_audit_author.pdbx_ordinal 
_audit_author.identifier_ORCID 
'Ye, M.'         1 0000-0001-7680-8450 
'Yatsunyk, L.A.' 2 0000-0003-3946-0939 
# 
_citation.abstract                  ? 
_citation.abstract_id_CAS           ? 
_citation.book_id_ISBN              ? 
_citation.book_publisher            ? 
_citation.book_publisher_city       ? 
_citation.book_title                ? 
_citation.coordinate_linkage        ? 
_citation.country                   UK 
_citation.database_id_Medline       ? 
_citation.details                   ? 
_citation.id                        primary 
_citation.journal_abbrev            Bioorg.Med.Chem. 
_citation.journal_id_ASTM           BMECEP 
_citation.journal_id_CSD            1200 
_citation.journal_id_ISSN           1464-3391 
_citation.journal_full              ? 
_citation.journal_issue             ? 
_citation.journal_volume            77 
_citation.language                  ? 
_citation.page_first                117112 
_citation.page_last                 117112 
_citation.title                     
;Homopurine guanine-rich sequences in complex with N-methyl mesoporphyrin IX form parallel G-quadruplex dimers and display a unique symmetry tetrad.
;
_citation.year                      2022 
_citation.database_id_CSD           ? 
_citation.pdbx_database_id_DOI      10.1016/j.bmc.2022.117112 
_citation.pdbx_database_id_PubMed   36508994 
_citation.pdbx_database_id_patent   ? 
_citation.unpublished_flag          ? 
# 
loop_
_citation_author.citation_id 
_citation_author.name 
_citation_author.ordinal 
_citation_author.identifier_ORCID 
primary 'Ye, M.'         1 ? 
primary 'Chen, E.V.'     2 ? 
primary 'Pfeil, S.H.'    3 ? 
primary 'Martin, K.N.'   4 ? 
primary 'Atrafi, T.'     5 ? 
primary 'Yun, S.'        6 ? 
primary 'Martinez, Z.'   7 ? 
primary 'Yatsunyk, L.A.' 8 ? 
# 
loop_
_entity.id 
_entity.type 
_entity.src_method 
_entity.pdbx_description 
_entity.formula_weight 
_entity.pdbx_number_of_molecules 
_entity.pdbx_ec 
_entity.pdbx_mutation 
_entity.pdbx_fragment 
_entity.details 
1 polymer     syn 
;DNA (5'-D(*AP*GP*GP*GP*AP*AP*AP*AP*GP*GP*GP*GP*AP*GP*GP*GP*AP*AP*AP*AP*GP*GP*GP*G)-3')
;
8009.201 1 ? ? ? ? 
2 non-polymer syn 'COBALT HEXAMMINE(III)'                                                                  161.116  1 ? ? ? ? 
3 non-polymer syn 'POTASSIUM ION'                                                                          39.098   4 ? ? ? ? 
4 non-polymer syn N-METHYLMESOPORPHYRIN                                                                    580.716  1 ? ? ? ? 
5 water       nat water                                                                                    18.015   5 ? ? ? ? 
# 
_entity_poly.entity_id                      1 
_entity_poly.type                           polydeoxyribonucleotide 
_entity_poly.nstd_linkage                   no 
_entity_poly.nstd_monomer                   no 
_entity_poly.pdbx_seq_one_letter_code       
;(DA)(DG)(DG)(DG)(DA)(DA)(DA)(DA)(DG)(DG)(DG)(DG)(DA)(DG)(DG)(DG)(DA)(DA)(DA)(DA)
(DG)(DG)(DG)(DG)(DA)
;
_entity_poly.pdbx_seq_one_letter_code_can   AGGGAAAAGGGGAGGGAAAAGGGGA 
_entity_poly.pdbx_strand_id                 A 
_entity_poly.pdbx_target_identifier         ? 
# 
loop_
_pdbx_entity_nonpoly.entity_id 
_pdbx_entity_nonpoly.name 
_pdbx_entity_nonpoly.comp_id 
2 'COBALT HEXAMMINE(III)' NCO 
3 'POTASSIUM ION'         K   
4 N-METHYLMESOPORPHYRIN   MMP 
5 water                   HOH 
# 
loop_
_entity_poly_seq.entity_id 
_entity_poly_seq.num 
_entity_poly_seq.mon_id 
_entity_poly_seq.hetero 
1 1  DA n 
1 2  DG n 
1 3  DG n 
1 4  DG n 
1 5  DA n 
1 6  DA n 
1 7  DA n 
1 8  DA n 
1 9  DG n 
1 10 DG n 
1 11 DG n 
1 12 DG n 
1 13 DA n 
1 14 DG n 
1 15 DG n 
1 16 DG n 
1 17 DA n 
1 18 DA n 
1 19 DA n 
1 20 DA n 
1 21 DG n 
1 22 DG n 
1 23 DG n 
1 24 DG n 
1 25 DA n 
# 
_pdbx_entity_src_syn.entity_id              1 
_pdbx_entity_src_syn.pdbx_src_id            1 
_pdbx_entity_src_syn.pdbx_alt_source_flag   sample 
_pdbx_entity_src_syn.pdbx_beg_seq_num       1 
_pdbx_entity_src_syn.pdbx_end_seq_num       25 
_pdbx_entity_src_syn.organism_scientific    'Homo sapiens' 
_pdbx_entity_src_syn.organism_common_name   Human 
_pdbx_entity_src_syn.ncbi_taxonomy_id       9606 
_pdbx_entity_src_syn.details                ? 
# 
loop_
_chem_comp.id 
_chem_comp.type 
_chem_comp.mon_nstd_flag 
_chem_comp.name 
_chem_comp.pdbx_synonyms 
_chem_comp.formula 
_chem_comp.formula_weight 
DA  'DNA linking' y "2'-DEOXYADENOSINE-5'-MONOPHOSPHATE" ? 'C10 H14 N5 O6 P' 331.222 
DG  'DNA linking' y "2'-DEOXYGUANOSINE-5'-MONOPHOSPHATE" ? 'C10 H14 N5 O7 P' 347.221 
HOH non-polymer   . WATER                                ? 'H2 O'            18.015  
K   non-polymer   . 'POTASSIUM ION'                      ? 'K 1'             39.098  
MMP non-polymer   . N-METHYLMESOPORPHYRIN                ? 'C35 H40 N4 O4'   580.716 
NCO non-polymer   . 'COBALT HEXAMMINE(III)'              ? 'Co H18 N6 3'     161.116 
# 
loop_
_pdbx_poly_seq_scheme.asym_id 
_pdbx_poly_seq_scheme.entity_id 
_pdbx_poly_seq_scheme.seq_id 
_pdbx_poly_seq_scheme.mon_id 
_pdbx_poly_seq_scheme.ndb_seq_num 
_pdbx_poly_seq_scheme.pdb_seq_num 
_pdbx_poly_seq_scheme.auth_seq_num 
_pdbx_poly_seq_scheme.pdb_mon_id 
_pdbx_poly_seq_scheme.auth_mon_id 
_pdbx_poly_seq_scheme.pdb_strand_id 
_pdbx_poly_seq_scheme.pdb_ins_code 
_pdbx_poly_seq_scheme.hetero 
A 1 1  DA 1  1  1  DA DA A . n 
A 1 2  DG 2  2  2  DG DG A . n 
A 1 3  DG 3  3  3  DG DG A . n 
A 1 4  DG 4  4  4  DG DG A . n 
A 1 5  DA 5  5  5  DA DA A . n 
A 1 6  DA 6  6  6  DA DA A . n 
A 1 7  DA 7  7  7  DA DA A . n 
A 1 8  DA 8  8  8  DA DA A . n 
A 1 9  DG 9  9  9  DG DG A . n 
A 1 10 DG 10 10 10 DG DG A . n 
A 1 11 DG 11 11 11 DG DG A . n 
A 1 12 DG 12 12 12 DG DG A . n 
A 1 13 DA 13 13 13 DA DA A . n 
A 1 14 DG 14 14 14 DG DG A . n 
A 1 15 DG 15 15 15 DG DG A . n 
A 1 16 DG 16 16 16 DG DG A . n 
A 1 17 DA 17 17 17 DA DA A . n 
A 1 18 DA 18 18 18 DA DA A . n 
A 1 19 DA 19 19 19 DA DA A . n 
A 1 20 DA 20 20 20 DA DA A . n 
A 1 21 DG 21 21 21 DG DG A . n 
A 1 22 DG 22 22 22 DG DG A . n 
A 1 23 DG 23 23 23 DG DG A . n 
A 1 24 DG 24 24 24 DG DG A . n 
A 1 25 DA 25 25 25 DA DA A . n 
# 
loop_
_pdbx_nonpoly_scheme.asym_id 
_pdbx_nonpoly_scheme.entity_id 
_pdbx_nonpoly_scheme.mon_id 
_pdbx_nonpoly_scheme.ndb_seq_num 
_pdbx_nonpoly_scheme.pdb_seq_num 
_pdbx_nonpoly_scheme.auth_seq_num 
_pdbx_nonpoly_scheme.pdb_mon_id 
_pdbx_nonpoly_scheme.auth_mon_id 
_pdbx_nonpoly_scheme.pdb_strand_id 
_pdbx_nonpoly_scheme.pdb_ins_code 
B 2 NCO 1 101 101 NCO NCO A . 
C 3 K   1 102 101 K   K   A . 
D 3 K   1 103 102 K   K   A . 
E 3 K   1 104 103 K   K   A . 
F 3 K   1 105 104 K   K   A . 
G 4 MMP 1 106 101 MMP MMP A . 
H 5 HOH 1 201 8   HOH HOH A . 
H 5 HOH 2 202 6   HOH HOH A . 
H 5 HOH 3 203 9   HOH HOH A . 
H 5 HOH 4 204 7   HOH HOH A . 
H 5 HOH 5 205 10  HOH HOH A . 
# 
loop_
_pdbx_unobs_or_zero_occ_atoms.id 
_pdbx_unobs_or_zero_occ_atoms.PDB_model_num 
_pdbx_unobs_or_zero_occ_atoms.polymer_flag 
_pdbx_unobs_or_zero_occ_atoms.occupancy_flag 
_pdbx_unobs_or_zero_occ_atoms.auth_asym_id 
_pdbx_unobs_or_zero_occ_atoms.auth_comp_id 
_pdbx_unobs_or_zero_occ_atoms.auth_seq_id 
_pdbx_unobs_or_zero_occ_atoms.PDB_ins_code 
_pdbx_unobs_or_zero_occ_atoms.auth_atom_id 
_pdbx_unobs_or_zero_occ_atoms.label_alt_id 
_pdbx_unobs_or_zero_occ_atoms.label_asym_id 
_pdbx_unobs_or_zero_occ_atoms.label_comp_id 
_pdbx_unobs_or_zero_occ_atoms.label_seq_id 
_pdbx_unobs_or_zero_occ_atoms.label_atom_id 
1  1 Y 1 A DA  1   ? "O5'" ? A DA  1  "O5'" 
2  1 Y 1 A DA  1   ? "C5'" ? A DA  1  "C5'" 
3  1 Y 1 A DA  1   ? "O4'" ? A DA  1  "O4'" 
4  1 Y 1 A DA  1   ? "C1'" ? A DA  1  "C1'" 
5  1 Y 1 A DA  1   ? N9    ? A DA  1  N9    
6  1 Y 1 A DA  1   ? C8    ? A DA  1  C8    
7  1 Y 1 A DA  1   ? N7    ? A DA  1  N7    
8  1 Y 1 A DA  1   ? C5    ? A DA  1  C5    
9  1 Y 1 A DA  1   ? C6    ? A DA  1  C6    
10 1 Y 1 A DA  1   ? N6    ? A DA  1  N6    
11 1 Y 1 A DA  1   ? N1    ? A DA  1  N1    
12 1 Y 1 A DA  1   ? C2    ? A DA  1  C2    
13 1 Y 1 A DA  1   ? N3    ? A DA  1  N3    
14 1 Y 1 A DA  1   ? C4    ? A DA  1  C4    
15 1 Y 1 A DA  5   ? C8    ? A DA  5  C8    
16 1 Y 1 A DA  5   ? N7    ? A DA  5  N7    
17 1 Y 1 A DA  5   ? C5    ? A DA  5  C5    
18 1 Y 1 A DA  5   ? C6    ? A DA  5  C6    
19 1 Y 1 A DA  5   ? N6    ? A DA  5  N6    
20 1 Y 1 A DA  5   ? N1    ? A DA  5  N1    
21 1 Y 1 A DA  5   ? C2    ? A DA  5  C2    
22 1 Y 1 A DA  5   ? N3    ? A DA  5  N3    
23 1 Y 1 A DA  5   ? C4    ? A DA  5  C4    
24 1 Y 1 A DA  6   ? N9    ? A DA  6  N9    
25 1 Y 1 A DA  6   ? C8    ? A DA  6  C8    
26 1 Y 1 A DA  6   ? N7    ? A DA  6  N7    
27 1 Y 1 A DA  6   ? C5    ? A DA  6  C5    
28 1 Y 1 A DA  6   ? C6    ? A DA  6  C6    
29 1 Y 1 A DA  6   ? N6    ? A DA  6  N6    
30 1 Y 1 A DA  6   ? N1    ? A DA  6  N1    
31 1 Y 1 A DA  6   ? C2    ? A DA  6  C2    
32 1 Y 1 A DA  6   ? N3    ? A DA  6  N3    
33 1 Y 1 A DA  6   ? C4    ? A DA  6  C4    
34 1 Y 1 A DA  7   ? N9    ? A DA  7  N9    
35 1 Y 1 A DA  7   ? C8    ? A DA  7  C8    
36 1 Y 1 A DA  7   ? N7    ? A DA  7  N7    
37 1 Y 1 A DA  7   ? C5    ? A DA  7  C5    
38 1 Y 1 A DA  7   ? C6    ? A DA  7  C6    
39 1 Y 1 A DA  7   ? N6    ? A DA  7  N6    
40 1 Y 1 A DA  7   ? N1    ? A DA  7  N1    
41 1 Y 1 A DA  7   ? C2    ? A DA  7  C2    
42 1 Y 1 A DA  7   ? N3    ? A DA  7  N3    
43 1 Y 1 A DA  7   ? C4    ? A DA  7  C4    
44 1 Y 1 A DA  8   ? C6    ? A DA  8  C6    
45 1 Y 1 A DA  8   ? N6    ? A DA  8  N6    
46 1 Y 1 A DA  8   ? N1    ? A DA  8  N1    
47 1 Y 1 A DA  8   ? C2    ? A DA  8  C2    
48 1 Y 1 A DA  8   ? N3    ? A DA  8  N3    
49 1 Y 1 A DA  25  ? "C4'" ? A DA  25 "C4'" 
50 1 Y 1 A DA  25  ? "O4'" ? A DA  25 "O4'" 
51 1 Y 1 A DA  25  ? "C3'" ? A DA  25 "C3'" 
52 1 Y 1 A DA  25  ? "O3'" ? A DA  25 "O3'" 
53 1 Y 1 A DA  25  ? "C2'" ? A DA  25 "C2'" 
54 1 Y 1 A DA  25  ? "C1'" ? A DA  25 "C1'" 
55 1 Y 1 A DA  25  ? N9    ? A DA  25 N9    
56 1 Y 1 A DA  25  ? C8    ? A DA  25 C8    
57 1 Y 1 A DA  25  ? N7    ? A DA  25 N7    
58 1 Y 1 A DA  25  ? C5    ? A DA  25 C5    
59 1 Y 1 A DA  25  ? C6    ? A DA  25 C6    
60 1 Y 1 A DA  25  ? N6    ? A DA  25 N6    
61 1 Y 1 A DA  25  ? N1    ? A DA  25 N1    
62 1 Y 1 A DA  25  ? C2    ? A DA  25 C2    
63 1 Y 1 A DA  25  ? N3    ? A DA  25 N3    
64 1 Y 1 A DA  25  ? C4    ? A DA  25 C4    
65 1 N 1 A MMP 106 ? C18   ? G MMP 1  C18   
66 1 N 1 A MMP 106 ? C28   ? G MMP 1  C28   
67 1 N 1 A MMP 106 ? C38   ? G MMP 1  C38   
68 1 N 1 A MMP 106 ? C39   ? G MMP 1  C39   
69 1 N 1 A MMP 106 ? O31   ? G MMP 1  O31   
70 1 N 1 A MMP 106 ? O32   ? G MMP 1  O32   
71 1 N 1 A MMP 106 ? C48   ? G MMP 1  C48   
72 1 N 1 A MMP 106 ? C49   ? G MMP 1  C49   
73 1 N 1 A MMP 106 ? O41   ? G MMP 1  O41   
74 1 N 1 A MMP 106 ? O42   ? G MMP 1  O42   
# 
loop_
_software.citation_id 
_software.classification 
_software.compiler_name 
_software.compiler_version 
_software.contact_author 
_software.contact_author_email 
_software.date 
_software.description 
_software.dependencies 
_software.hardware 
_software.language 
_software.location 
_software.mods 
_software.name 
_software.os 
_software.os_version 
_software.type 
_software.version 
_software.pdbx_ordinal 
? refinement       ? ? ? ? ? ? ? ? ? ? ? PHENIX  ? ? ? 1.18_3845   1 
? 'data scaling'   ? ? ? ? ? ? ? ? ? ? ? Aimless ? ? ? 1.19.2_4158 2 
? 'model building' ? ? ? ? ? ? ? ? ? ? ? Coot    ? ? ? 0.9.6       3 
? phasing          ? ? ? ? ? ? ? ? ? ? ? PHENIX  ? ? ? .           4 
? 'data reduction' ? ? ? ? ? ? ? ? ? ? ? XDS     ? ? ? .           5 
# 
_cell.angle_alpha                  90.000 
_cell.angle_alpha_esd              ? 
_cell.angle_beta                   90.000 
_cell.angle_beta_esd               ? 
_cell.angle_gamma                  90.000 
_cell.angle_gamma_esd              ? 
_cell.entry_id                     8EDP 
_cell.details                      ? 
_cell.formula_units_Z              ? 
_cell.length_a                     30.583 
_cell.length_a_esd                 ? 
_cell.length_b                     40.927 
_cell.length_b_esd                 ? 
_cell.length_c                     56.018 
_cell.length_c_esd                 ? 
_cell.volume                       70116.075 
_cell.volume_esd                   ? 
_cell.Z_PDB                        4 
_cell.reciprocal_angle_alpha       ? 
_cell.reciprocal_angle_beta        ? 
_cell.reciprocal_angle_gamma       ? 
_cell.reciprocal_angle_alpha_esd   ? 
_cell.reciprocal_angle_beta_esd    ? 
_cell.reciprocal_angle_gamma_esd   ? 
_cell.reciprocal_length_a          ? 
_cell.reciprocal_length_b          ? 
_cell.reciprocal_length_c          ? 
_cell.reciprocal_length_a_esd      ? 
_cell.reciprocal_length_b_esd      ? 
_cell.reciprocal_length_c_esd      ? 
_cell.pdbx_unique_axis             ? 
_cell.pdbx_esd_method              ? 
# 
_symmetry.entry_id                         8EDP 
_symmetry.cell_setting                     ? 
_symmetry.Int_Tables_number                18 
_symmetry.space_group_name_Hall            'P 2 2ab (z,x,y)' 
_symmetry.space_group_name_H-M             'P 2 21 21' 
_symmetry.pdbx_full_space_group_name_H-M   ? 
# 
_exptl.absorpt_coefficient_mu     ? 
_exptl.absorpt_correction_T_max   ? 
_exptl.absorpt_correction_T_min   ? 
_exptl.absorpt_correction_type    ? 
_exptl.absorpt_process_details    ? 
_exptl.entry_id                   8EDP 
_exptl.crystals_number            1 
_exptl.details                    ? 
_exptl.method                     'X-RAY DIFFRACTION' 
_exptl.method_details             ? 
# 
_exptl_crystal.colour                       ? 
_exptl_crystal.density_diffrn               ? 
_exptl_crystal.density_Matthews             2.25 
_exptl_crystal.density_method               ? 
_exptl_crystal.density_percent_sol          45.5 
_exptl_crystal.description                  'Red crystals in cubic, rhombus, or square prism shapes' 
_exptl_crystal.F_000                        ? 
_exptl_crystal.id                           1 
_exptl_crystal.preparation                  ? 
_exptl_crystal.size_max                     ? 
_exptl_crystal.size_mid                     ? 
_exptl_crystal.size_min                     ? 
_exptl_crystal.size_rad                     ? 
_exptl_crystal.colour_lustre                ? 
_exptl_crystal.colour_modifier              ? 
_exptl_crystal.colour_primary               ? 
_exptl_crystal.density_meas                 ? 
_exptl_crystal.density_meas_esd             ? 
_exptl_crystal.density_meas_gt              ? 
_exptl_crystal.density_meas_lt              ? 
_exptl_crystal.density_meas_temp            ? 
_exptl_crystal.density_meas_temp_esd        ? 
_exptl_crystal.density_meas_temp_gt         ? 
_exptl_crystal.density_meas_temp_lt         ? 
_exptl_crystal.pdbx_crystal_image_url       ? 
_exptl_crystal.pdbx_crystal_image_format    ? 
_exptl_crystal.pdbx_mosaicity               ? 
_exptl_crystal.pdbx_mosaicity_esd           ? 
_exptl_crystal.pdbx_mosaic_method           ? 
_exptl_crystal.pdbx_mosaic_block_size       ? 
_exptl_crystal.pdbx_mosaic_block_size_esd   ? 
# 
_exptl_crystal_grow.apparatus       ? 
_exptl_crystal_grow.atmosphere      ? 
_exptl_crystal_grow.crystal_id      1 
_exptl_crystal_grow.details         ? 
_exptl_crystal_grow.method          'VAPOR DIFFUSION, HANGING DROP' 
_exptl_crystal_grow.method_ref      ? 
_exptl_crystal_grow.pH              ? 
_exptl_crystal_grow.pressure        ? 
_exptl_crystal_grow.pressure_esd    ? 
_exptl_crystal_grow.seeding         ? 
_exptl_crystal_grow.seeding_ref     ? 
_exptl_crystal_grow.temp_details    ? 
_exptl_crystal_grow.temp_esd        ? 
_exptl_crystal_grow.time            ? 
_exptl_crystal_grow.pdbx_details    '0.05M MES 6.5, 0.3M potassium chloride, 40% MPD, 0.005M Hexaammine cobalt chloride' 
_exptl_crystal_grow.pdbx_pH_range   ? 
_exptl_crystal_grow.temp            298.15 
# 
_diffrn.ambient_environment              ? 
_diffrn.ambient_temp                     196 
_diffrn.ambient_temp_details             ? 
_diffrn.ambient_temp_esd                 ? 
_diffrn.crystal_id                       1 
_diffrn.crystal_support                  ? 
_diffrn.crystal_treatment                ? 
_diffrn.details                          ? 
_diffrn.id                               1 
_diffrn.ambient_pressure                 ? 
_diffrn.ambient_pressure_esd             ? 
_diffrn.ambient_pressure_gt              ? 
_diffrn.ambient_pressure_lt              ? 
_diffrn.ambient_temp_gt                  ? 
_diffrn.ambient_temp_lt                  ? 
_diffrn.pdbx_serial_crystal_experiment   N 
# 
_diffrn_detector.details                      ? 
_diffrn_detector.detector                     PIXEL 
_diffrn_detector.diffrn_id                    1 
_diffrn_detector.type                         'DECTRIS EIGER2 X 16M' 
_diffrn_detector.area_resol_mean              ? 
_diffrn_detector.dtime                        ? 
_diffrn_detector.pdbx_frames_total            ? 
_diffrn_detector.pdbx_collection_time_total   ? 
_diffrn_detector.pdbx_collection_date         2021-12-08 
_diffrn_detector.pdbx_frequency               ? 
# 
_diffrn_radiation.collimation                      ? 
_diffrn_radiation.diffrn_id                        1 
_diffrn_radiation.filter_edge                      ? 
_diffrn_radiation.inhomogeneity                    ? 
_diffrn_radiation.monochromator                    ? 
_diffrn_radiation.polarisn_norm                    ? 
_diffrn_radiation.polarisn_ratio                   ? 
_diffrn_radiation.probe                            ? 
_diffrn_radiation.type                             ? 
_diffrn_radiation.xray_symbol                      ? 
_diffrn_radiation.wavelength_id                    1 
_diffrn_radiation.pdbx_monochromatic_or_laue_m_l   M 
_diffrn_radiation.pdbx_wavelength_list             ? 
_diffrn_radiation.pdbx_wavelength                  ? 
_diffrn_radiation.pdbx_diffrn_protocol             'SINGLE WAVELENGTH' 
_diffrn_radiation.pdbx_analyzer                    ? 
_diffrn_radiation.pdbx_scattering_type             x-ray 
# 
_diffrn_radiation_wavelength.id           1 
_diffrn_radiation_wavelength.wavelength   0.97918 
_diffrn_radiation_wavelength.wt           1.0 
# 
_diffrn_source.current                     ? 
_diffrn_source.details                     ? 
_diffrn_source.diffrn_id                   1 
_diffrn_source.power                       ? 
_diffrn_source.size                        ? 
_diffrn_source.source                      SYNCHROTRON 
_diffrn_source.target                      ? 
_diffrn_source.type                        'APS BEAMLINE 24-ID-C' 
_diffrn_source.voltage                     ? 
_diffrn_source.take-off_angle              ? 
_diffrn_source.pdbx_wavelength_list        0.97918 
_diffrn_source.pdbx_wavelength             ? 
_diffrn_source.pdbx_synchrotron_beamline   24-ID-C 
_diffrn_source.pdbx_synchrotron_site       APS 
# 
_reflns.B_iso_Wilson_estimate                          62.16 
_reflns.entry_id                                       8EDP 
_reflns.data_reduction_details                         ? 
_reflns.data_reduction_method                          ? 
_reflns.d_resolution_high                              2.01 
_reflns.d_resolution_low                               56.02 
_reflns.details                                        ? 
_reflns.limit_h_max                                    ? 
_reflns.limit_h_min                                    ? 
_reflns.limit_k_max                                    ? 
_reflns.limit_k_min                                    ? 
_reflns.limit_l_max                                    ? 
_reflns.limit_l_min                                    ? 
_reflns.number_all                                     ? 
_reflns.number_obs                                     5027 
_reflns.observed_criterion                             ? 
_reflns.observed_criterion_F_max                       ? 
_reflns.observed_criterion_F_min                       ? 
_reflns.observed_criterion_I_max                       ? 
_reflns.observed_criterion_I_min                       ? 
_reflns.observed_criterion_sigma_F                     ? 
_reflns.observed_criterion_sigma_I                     ? 
_reflns.percent_possible_obs                           98.20 
_reflns.R_free_details                                 ? 
_reflns.Rmerge_F_all                                   ? 
_reflns.Rmerge_F_obs                                   ? 
_reflns.Friedel_coverage                               ? 
_reflns.number_gt                                      ? 
_reflns.threshold_expression                           ? 
_reflns.pdbx_redundancy                                5.4 
_reflns.pdbx_netI_over_av_sigmaI                       ? 
_reflns.pdbx_netI_over_sigmaI                          8.8 
_reflns.pdbx_res_netI_over_av_sigmaI_2                 ? 
_reflns.pdbx_res_netI_over_sigmaI_2                    ? 
_reflns.pdbx_chi_squared                               ? 
_reflns.pdbx_scaling_rejects                           ? 
_reflns.pdbx_d_res_high_opt                            ? 
_reflns.pdbx_d_res_low_opt                             ? 
_reflns.pdbx_d_res_opt_method                          ? 
_reflns.phase_calculation_details                      ? 
_reflns.pdbx_Rrim_I_all                                ? 
_reflns.pdbx_Rpim_I_all                                ? 
_reflns.pdbx_d_opt                                     ? 
_reflns.pdbx_number_measured_all                       ? 
_reflns.pdbx_diffrn_id                                 1 
_reflns.pdbx_ordinal                                   1 
_reflns.pdbx_CC_half                                   0.986 
_reflns.pdbx_CC_star                                   ? 
_reflns.pdbx_R_split                                   ? 
_reflns.pdbx_Rmerge_I_obs                              ? 
_reflns.pdbx_Rmerge_I_all                              ? 
_reflns.pdbx_Rsym_value                                ? 
_reflns.pdbx_CC_split_method                           ? 
_reflns.pdbx_aniso_diffraction_limit_axis_1_ortho[1]   ? 
_reflns.pdbx_aniso_diffraction_limit_axis_1_ortho[2]   ? 
_reflns.pdbx_aniso_diffraction_limit_axis_1_ortho[3]   ? 
_reflns.pdbx_aniso_diffraction_limit_axis_2_ortho[1]   ? 
_reflns.pdbx_aniso_diffraction_limit_axis_2_ortho[2]   ? 
_reflns.pdbx_aniso_diffraction_limit_axis_2_ortho[3]   ? 
_reflns.pdbx_aniso_diffraction_limit_axis_3_ortho[1]   ? 
_reflns.pdbx_aniso_diffraction_limit_axis_3_ortho[2]   ? 
_reflns.pdbx_aniso_diffraction_limit_axis_3_ortho[3]   ? 
_reflns.pdbx_aniso_diffraction_limit_1                 ? 
_reflns.pdbx_aniso_diffraction_limit_2                 ? 
_reflns.pdbx_aniso_diffraction_limit_3                 ? 
_reflns.pdbx_aniso_B_tensor_eigenvector_1_ortho[1]     ? 
_reflns.pdbx_aniso_B_tensor_eigenvector_1_ortho[2]     ? 
_reflns.pdbx_aniso_B_tensor_eigenvector_1_ortho[3]     ? 
_reflns.pdbx_aniso_B_tensor_eigenvector_2_ortho[1]     ? 
_reflns.pdbx_aniso_B_tensor_eigenvector_2_ortho[2]     ? 
_reflns.pdbx_aniso_B_tensor_eigenvector_2_ortho[3]     ? 
_reflns.pdbx_aniso_B_tensor_eigenvector_3_ortho[1]     ? 
_reflns.pdbx_aniso_B_tensor_eigenvector_3_ortho[2]     ? 
_reflns.pdbx_aniso_B_tensor_eigenvector_3_ortho[3]     ? 
_reflns.pdbx_aniso_B_tensor_eigenvalue_1               ? 
_reflns.pdbx_aniso_B_tensor_eigenvalue_2               ? 
_reflns.pdbx_aniso_B_tensor_eigenvalue_3               ? 
_reflns.pdbx_orthogonalization_convention              ? 
_reflns.pdbx_percent_possible_ellipsoidal              ? 
_reflns.pdbx_percent_possible_spherical                ? 
_reflns.pdbx_percent_possible_ellipsoidal_anomalous    ? 
_reflns.pdbx_percent_possible_spherical_anomalous      ? 
_reflns.pdbx_redundancy_anomalous                      ? 
_reflns.pdbx_CC_half_anomalous                         ? 
_reflns.pdbx_absDiff_over_sigma_anomalous              ? 
_reflns.pdbx_percent_possible_anomalous                ? 
_reflns.pdbx_observed_signal_threshold                 ? 
_reflns.pdbx_signal_type                               ? 
_reflns.pdbx_signal_details                            ? 
_reflns.pdbx_signal_software_id                        ? 
# 
_reflns_shell.d_res_high                                    2.01 
_reflns_shell.d_res_low                                     2.06 
_reflns_shell.meanI_over_sigI_all                           ? 
_reflns_shell.meanI_over_sigI_obs                           ? 
_reflns_shell.number_measured_all                           ? 
_reflns_shell.number_measured_obs                           ? 
_reflns_shell.number_possible                               ? 
_reflns_shell.number_unique_all                             ? 
_reflns_shell.number_unique_obs                             374 
_reflns_shell.percent_possible_obs                          ? 
_reflns_shell.Rmerge_F_all                                  ? 
_reflns_shell.Rmerge_F_obs                                  ? 
_reflns_shell.meanI_over_sigI_gt                            ? 
_reflns_shell.meanI_over_uI_all                             ? 
_reflns_shell.meanI_over_uI_gt                              ? 
_reflns_shell.number_measured_gt                            ? 
_reflns_shell.number_unique_gt                              ? 
_reflns_shell.percent_possible_gt                           ? 
_reflns_shell.Rmerge_F_gt                                   ? 
_reflns_shell.Rmerge_I_gt                                   ? 
_reflns_shell.pdbx_redundancy                               ? 
_reflns_shell.pdbx_chi_squared                              ? 
_reflns_shell.pdbx_netI_over_sigmaI_all                     ? 
_reflns_shell.pdbx_netI_over_sigmaI_obs                     ? 
_reflns_shell.pdbx_Rrim_I_all                               ? 
_reflns_shell.pdbx_Rpim_I_all                               ? 
_reflns_shell.pdbx_rejects                                  ? 
_reflns_shell.pdbx_ordinal                                  1 
_reflns_shell.pdbx_diffrn_id                                1 
_reflns_shell.pdbx_CC_half                                  0.447 
_reflns_shell.pdbx_CC_star                                  ? 
_reflns_shell.pdbx_R_split                                  ? 
_reflns_shell.percent_possible_all                          ? 
_reflns_shell.Rmerge_I_all                                  ? 
_reflns_shell.Rmerge_I_obs                                  ? 
_reflns_shell.pdbx_Rsym_value                               ? 
_reflns_shell.pdbx_percent_possible_ellipsoidal             ? 
_reflns_shell.pdbx_percent_possible_spherical               ? 
_reflns_shell.pdbx_percent_possible_ellipsoidal_anomalous   ? 
_reflns_shell.pdbx_percent_possible_spherical_anomalous     ? 
_reflns_shell.pdbx_redundancy_anomalous                     ? 
_reflns_shell.pdbx_CC_half_anomalous                        ? 
_reflns_shell.pdbx_absDiff_over_sigma_anomalous             ? 
_reflns_shell.pdbx_percent_possible_anomalous               ? 
# 
_refine.aniso_B[1][1]                            ? 
_refine.aniso_B[1][2]                            ? 
_refine.aniso_B[1][3]                            ? 
_refine.aniso_B[2][2]                            ? 
_refine.aniso_B[2][3]                            ? 
_refine.aniso_B[3][3]                            ? 
_refine.B_iso_max                                ? 
_refine.B_iso_mean                               86.87 
_refine.B_iso_min                                ? 
_refine.correlation_coeff_Fo_to_Fc               ? 
_refine.correlation_coeff_Fo_to_Fc_free          ? 
_refine.details                                  ? 
_refine.diff_density_max                         ? 
_refine.diff_density_max_esd                     ? 
_refine.diff_density_min                         ? 
_refine.diff_density_min_esd                     ? 
_refine.diff_density_rms                         ? 
_refine.diff_density_rms_esd                     ? 
_refine.entry_id                                 8EDP 
_refine.pdbx_refine_id                           'X-RAY DIFFRACTION' 
_refine.ls_abs_structure_details                 ? 
_refine.ls_abs_structure_Flack                   ? 
_refine.ls_abs_structure_Flack_esd               ? 
_refine.ls_abs_structure_Rogers                  ? 
_refine.ls_abs_structure_Rogers_esd              ? 
_refine.ls_d_res_high                            2.01 
_refine.ls_d_res_low                             28.01 
_refine.ls_extinction_coef                       ? 
_refine.ls_extinction_coef_esd                   ? 
_refine.ls_extinction_expression                 ? 
_refine.ls_extinction_method                     ? 
_refine.ls_goodness_of_fit_all                   ? 
_refine.ls_goodness_of_fit_all_esd               ? 
_refine.ls_goodness_of_fit_obs                   ? 
_refine.ls_goodness_of_fit_obs_esd               ? 
_refine.ls_hydrogen_treatment                    ? 
_refine.ls_matrix_type                           ? 
_refine.ls_number_constraints                    ? 
_refine.ls_number_parameters                     ? 
_refine.ls_number_reflns_all                     ? 
_refine.ls_number_reflns_obs                     4973 
_refine.ls_number_reflns_R_free                  497 
_refine.ls_number_reflns_R_work                  4476 
_refine.ls_number_restraints                     ? 
_refine.ls_percent_reflns_obs                    98.81 
_refine.ls_percent_reflns_R_free                 9.99 
_refine.ls_R_factor_all                          ? 
_refine.ls_R_factor_obs                          0.2468 
_refine.ls_R_factor_R_free                       0.2781 
_refine.ls_R_factor_R_free_error                 ? 
_refine.ls_R_factor_R_free_error_details         ? 
_refine.ls_R_factor_R_work                       0.2432 
_refine.ls_R_Fsqd_factor_obs                     ? 
_refine.ls_R_I_factor_obs                        ? 
_refine.ls_redundancy_reflns_all                 ? 
_refine.ls_redundancy_reflns_obs                 ? 
_refine.ls_restrained_S_all                      ? 
_refine.ls_restrained_S_obs                      ? 
_refine.ls_shift_over_esd_max                    ? 
_refine.ls_shift_over_esd_mean                   ? 
_refine.ls_structure_factor_coef                 ? 
_refine.ls_weighting_details                     ? 
_refine.ls_weighting_scheme                      ? 
_refine.ls_wR_factor_all                         ? 
_refine.ls_wR_factor_obs                         ? 
_refine.ls_wR_factor_R_free                      ? 
_refine.ls_wR_factor_R_work                      ? 
_refine.occupancy_max                            ? 
_refine.occupancy_min                            ? 
_refine.solvent_model_details                    'FLAT BULK SOLVENT MODEL' 
_refine.solvent_model_param_bsol                 ? 
_refine.solvent_model_param_ksol                 ? 
_refine.pdbx_R_complete                          ? 
_refine.ls_R_factor_gt                           ? 
_refine.ls_goodness_of_fit_gt                    ? 
_refine.ls_goodness_of_fit_ref                   ? 
_refine.ls_shift_over_su_max                     ? 
_refine.ls_shift_over_su_max_lt                  ? 
_refine.ls_shift_over_su_mean                    ? 
_refine.ls_shift_over_su_mean_lt                 ? 
_refine.pdbx_ls_sigma_I                          ? 
_refine.pdbx_ls_sigma_F                          1.34 
_refine.pdbx_ls_sigma_Fsqd                       ? 
_refine.pdbx_data_cutoff_high_absF               ? 
_refine.pdbx_data_cutoff_high_rms_absF           ? 
_refine.pdbx_data_cutoff_low_absF                ? 
_refine.pdbx_isotropic_thermal_model             ? 
_refine.pdbx_ls_cross_valid_method               'FREE R-VALUE' 
_refine.pdbx_method_to_determine_struct          'MOLECULAR REPLACEMENT' 
_refine.pdbx_starting_model                      4G0F 
_refine.pdbx_stereochemistry_target_values       'GeoStd + Monomer Library + CDL v1.2' 
_refine.pdbx_R_Free_selection_details            ? 
_refine.pdbx_stereochem_target_val_spec_case     ? 
_refine.pdbx_overall_ESU_R                       ? 
_refine.pdbx_overall_ESU_R_Free                  ? 
_refine.pdbx_solvent_vdw_probe_radii             1.1100 
_refine.pdbx_solvent_ion_probe_radii             ? 
_refine.pdbx_solvent_shrinkage_radii             0.9000 
_refine.pdbx_real_space_R                        ? 
_refine.pdbx_density_correlation                 ? 
_refine.pdbx_pd_number_of_powder_patterns        ? 
_refine.pdbx_pd_number_of_points                 ? 
_refine.pdbx_pd_meas_number_of_points            ? 
_refine.pdbx_pd_proc_ls_prof_R_factor            ? 
_refine.pdbx_pd_proc_ls_prof_wR_factor           ? 
_refine.pdbx_pd_Marquardt_correlation_coeff      ? 
_refine.pdbx_pd_Fsqrd_R_factor                   ? 
_refine.pdbx_pd_ls_matrix_band_width             ? 
_refine.pdbx_overall_phase_error                 45.9900 
_refine.pdbx_overall_SU_R_free_Cruickshank_DPI   ? 
_refine.pdbx_overall_SU_R_free_Blow_DPI          ? 
_refine.pdbx_overall_SU_R_Blow_DPI               ? 
_refine.pdbx_TLS_residual_ADP_flag               ? 
_refine.pdbx_diffrn_id                           1 
_refine.overall_SU_B                             ? 
_refine.overall_SU_ML                            0.3468 
_refine.overall_SU_R_Cruickshank_DPI             ? 
_refine.overall_SU_R_free                        ? 
_refine.overall_FOM_free_R_set                   ? 
_refine.overall_FOM_work_R_set                   ? 
_refine.pdbx_average_fsc_overall                 ? 
_refine.pdbx_average_fsc_work                    ? 
_refine.pdbx_average_fsc_free                    ? 
# 
_refine_hist.pdbx_refine_id                   'X-RAY DIFFRACTION' 
_refine_hist.cycle_id                         LAST 
_refine_hist.details                          ? 
_refine_hist.d_res_high                       2.01 
_refine_hist.d_res_low                        28.01 
_refine_hist.number_atoms_solvent             5 
_refine_hist.number_atoms_total               521 
_refine_hist.number_reflns_all                ? 
_refine_hist.number_reflns_obs                ? 
_refine_hist.number_reflns_R_free             ? 
_refine_hist.number_reflns_R_work             ? 
_refine_hist.R_factor_all                     ? 
_refine_hist.R_factor_obs                     ? 
_refine_hist.R_factor_R_free                  ? 
_refine_hist.R_factor_R_work                  ? 
_refine_hist.pdbx_number_residues_total       ? 
_refine_hist.pdbx_B_iso_mean_ligand           ? 
_refine_hist.pdbx_B_iso_mean_solvent          ? 
_refine_hist.pdbx_number_atoms_protein        0 
_refine_hist.pdbx_number_atoms_nucleic_acid   472 
_refine_hist.pdbx_number_atoms_ligand         44 
_refine_hist.pdbx_number_atoms_lipid          ? 
_refine_hist.pdbx_number_atoms_carb           ? 
_refine_hist.pdbx_pseudo_atom_details         ? 
# 
loop_
_refine_ls_restr.pdbx_refine_id 
_refine_ls_restr.criterion 
_refine_ls_restr.dev_ideal 
_refine_ls_restr.dev_ideal_target 
_refine_ls_restr.number 
_refine_ls_restr.rejects 
_refine_ls_restr.type 
_refine_ls_restr.weight 
_refine_ls_restr.pdbx_restraint_function 
'X-RAY DIFFRACTION' ? 0.0083  ? 576 ? f_bond_d           ? ? 
'X-RAY DIFFRACTION' ? 1.4832  ? 898 ? f_angle_d          ? ? 
'X-RAY DIFFRACTION' ? 0.0383  ? 92  ? f_chiral_restr     ? ? 
'X-RAY DIFFRACTION' ? 0.0088  ? 24  ? f_plane_restr      ? ? 
'X-RAY DIFFRACTION' ? 34.1241 ? 230 ? f_dihedral_angle_d ? ? 
# 
loop_
_refine_ls_shell.pdbx_refine_id 
_refine_ls_shell.d_res_high 
_refine_ls_shell.d_res_low 
_refine_ls_shell.number_reflns_all 
_refine_ls_shell.number_reflns_obs 
_refine_ls_shell.number_reflns_R_free 
_refine_ls_shell.number_reflns_R_work 
_refine_ls_shell.percent_reflns_obs 
_refine_ls_shell.percent_reflns_R_free 
_refine_ls_shell.R_factor_all 
_refine_ls_shell.R_factor_obs 
_refine_ls_shell.R_factor_R_free_error 
_refine_ls_shell.R_factor_R_work 
_refine_ls_shell.redundancy_reflns_all 
_refine_ls_shell.redundancy_reflns_obs 
_refine_ls_shell.wR_factor_all 
_refine_ls_shell.wR_factor_obs 
_refine_ls_shell.wR_factor_R_free 
_refine_ls_shell.wR_factor_R_work 
_refine_ls_shell.pdbx_R_complete 
_refine_ls_shell.pdbx_total_number_of_bins_used 
_refine_ls_shell.pdbx_phase_error 
_refine_ls_shell.pdbx_fsc_work 
_refine_ls_shell.pdbx_fsc_free 
_refine_ls_shell.R_factor_R_free 
'X-RAY DIFFRACTION' 2.01 2.21  . . 121 1094 99.02 . . . . 0.3730 . . . . . . . . . . . 0.4375 
'X-RAY DIFFRACTION' 2.21 2.53  . . 122 1098 99.35 . . . . 0.3053 . . . . . . . . . . . 0.3489 
'X-RAY DIFFRACTION' 2.53 3.19  . . 124 1115 98.88 . . . . 0.3056 . . . . . . . . . . . 0.3309 
'X-RAY DIFFRACTION' 3.19 28.01 . . 130 1169 98.11 . . . . 0.2148 . . . . . . . . . . . 0.2499 
# 
_struct.entry_id                     8EDP 
_struct.title                        
'Crystal structure of a three-tetrad, parallel, and K+ stabilized homopurine G-quadruplex from human chromosome 7' 
_struct.pdbx_model_details           ? 
_struct.pdbx_formula_weight          ? 
_struct.pdbx_formula_weight_method   ? 
_struct.pdbx_model_type_details      ? 
_struct.pdbx_CASP_flag               N 
# 
_struct_keywords.entry_id        8EDP 
_struct_keywords.text            'G-quadruplex, parallel, propeller loops, three-tetrad, DNA' 
_struct_keywords.pdbx_keywords   DNA 
# 
loop_
_struct_asym.id 
_struct_asym.pdbx_blank_PDB_chainid_flag 
_struct_asym.pdbx_modified 
_struct_asym.entity_id 
_struct_asym.details 
A N N 1 ? 
B N N 2 ? 
C N N 3 ? 
D N N 3 ? 
E N N 3 ? 
F N N 3 ? 
G N N 4 ? 
H N N 5 ? 
# 
_struct_ref.id                         1 
_struct_ref.db_name                    PDB 
_struct_ref.db_code                    8EDP 
_struct_ref.pdbx_db_accession          8EDP 
_struct_ref.pdbx_db_isoform            ? 
_struct_ref.entity_id                  1 
_struct_ref.pdbx_seq_one_letter_code   ? 
_struct_ref.pdbx_align_begin           1 
# 
_struct_ref_seq.align_id                      1 
_struct_ref_seq.ref_id                        1 
_struct_ref_seq.pdbx_PDB_id_code              8EDP 
_struct_ref_seq.pdbx_strand_id                A 
_struct_ref_seq.seq_align_beg                 1 
_struct_ref_seq.pdbx_seq_align_beg_ins_code   ? 
_struct_ref_seq.seq_align_end                 25 
_struct_ref_seq.pdbx_seq_align_end_ins_code   ? 
_struct_ref_seq.pdbx_db_accession             8EDP 
_struct_ref_seq.db_align_beg                  1 
_struct_ref_seq.pdbx_db_align_beg_ins_code    ? 
_struct_ref_seq.db_align_end                  25 
_struct_ref_seq.pdbx_db_align_end_ins_code    ? 
_struct_ref_seq.pdbx_auth_seq_align_beg       1 
_struct_ref_seq.pdbx_auth_seq_align_end       25 
# 
_pdbx_struct_assembly.id                   1 
_pdbx_struct_assembly.details              author_and_software_defined_assembly 
_pdbx_struct_assembly.method_details       PISA 
_pdbx_struct_assembly.oligomeric_details   monomeric 
_pdbx_struct_assembly.oligomeric_count     1 
# 
loop_
_pdbx_struct_assembly_prop.biol_id 
_pdbx_struct_assembly_prop.type 
_pdbx_struct_assembly_prop.value 
_pdbx_struct_assembly_prop.details 
1 'ABSA (A^2)' 1080 ? 
1 MORE         -0   ? 
1 'SSA (A^2)'  5150 ? 
# 
_pdbx_struct_assembly_gen.assembly_id       1 
_pdbx_struct_assembly_gen.oper_expression   1 
_pdbx_struct_assembly_gen.asym_id_list      A,B,C,D,E,F,G,H 
# 
_pdbx_struct_assembly_auth_evidence.id                     1 
_pdbx_struct_assembly_auth_evidence.assembly_id            1 
_pdbx_struct_assembly_auth_evidence.experimental_support   'native gel electrophoresis' 
_pdbx_struct_assembly_auth_evidence.details                ? 
# 
_pdbx_struct_oper_list.id                   1 
_pdbx_struct_oper_list.type                 'identity operation' 
_pdbx_struct_oper_list.name                 1_555 
_pdbx_struct_oper_list.symmetry_operation   x,y,z 
_pdbx_struct_oper_list.matrix[1][1]         1.0000000000 
_pdbx_struct_oper_list.matrix[1][2]         0.0000000000 
_pdbx_struct_oper_list.matrix[1][3]         0.0000000000 
_pdbx_struct_oper_list.vector[1]            0.0000000000 
_pdbx_struct_oper_list.matrix[2][1]         0.0000000000 
_pdbx_struct_oper_list.matrix[2][2]         1.0000000000 
_pdbx_struct_oper_list.matrix[2][3]         0.0000000000 
_pdbx_struct_oper_list.vector[2]            0.0000000000 
_pdbx_struct_oper_list.matrix[3][1]         0.0000000000 
_pdbx_struct_oper_list.matrix[3][2]         0.0000000000 
_pdbx_struct_oper_list.matrix[3][3]         1.0000000000 
_pdbx_struct_oper_list.vector[3]            0.0000000000 
# 
loop_
_struct_conn.id 
_struct_conn.conn_type_id 
_struct_conn.pdbx_leaving_atom_flag 
_struct_conn.pdbx_PDB_id 
_struct_conn.ptnr1_label_asym_id 
_struct_conn.ptnr1_label_comp_id 
_struct_conn.ptnr1_label_seq_id 
_struct_conn.ptnr1_label_atom_id 
_struct_conn.pdbx_ptnr1_label_alt_id 
_struct_conn.pdbx_ptnr1_PDB_ins_code 
_struct_conn.pdbx_ptnr1_standard_comp_id 
_struct_conn.ptnr1_symmetry 
_struct_conn.ptnr2_label_asym_id 
_struct_conn.ptnr2_label_comp_id 
_struct_conn.ptnr2_label_seq_id 
_struct_conn.ptnr2_label_atom_id 
_struct_conn.pdbx_ptnr2_label_alt_id 
_struct_conn.pdbx_ptnr2_PDB_ins_code 
_struct_conn.ptnr1_auth_asym_id 
_struct_conn.ptnr1_auth_comp_id 
_struct_conn.ptnr1_auth_seq_id 
_struct_conn.ptnr2_auth_asym_id 
_struct_conn.ptnr2_auth_comp_id 
_struct_conn.ptnr2_auth_seq_id 
_struct_conn.ptnr2_symmetry 
_struct_conn.pdbx_ptnr3_label_atom_id 
_struct_conn.pdbx_ptnr3_label_seq_id 
_struct_conn.pdbx_ptnr3_label_comp_id 
_struct_conn.pdbx_ptnr3_label_asym_id 
_struct_conn.pdbx_ptnr3_label_alt_id 
_struct_conn.pdbx_ptnr3_PDB_ins_code 
_struct_conn.details 
_struct_conn.pdbx_dist_value 
_struct_conn.pdbx_value_order 
_struct_conn.pdbx_role 
metalc1  metalc ? ? A DG 2  O6 ? ? ? 1_555 D K   .  K  ? ? A DG 2   A K   103 1_555 ? ? ? ? ? ? ?           2.886 ? ? 
metalc2  metalc ? ? A DG 2  O6 ? ? ? 1_555 E K   .  K  ? ? A DG 2   A K   104 1_555 ? ? ? ? ? ? ?           2.761 ? ? 
metalc3  metalc ? ? A DG 3  O6 ? ? ? 1_555 C K   .  K  ? ? A DG 3   A K   102 1_555 ? ? ? ? ? ? ?           2.833 ? ? 
metalc4  metalc ? ? A DG 3  O6 ? ? ? 1_555 D K   .  K  ? ? A DG 3   A K   103 1_555 ? ? ? ? ? ? ?           2.698 ? ? 
metalc5  metalc ? ? A DG 4  O6 ? ? ? 1_555 C K   .  K  ? ? A DG 4   A K   102 1_555 ? ? ? ? ? ? ?           2.707 ? ? 
metalc6  metalc ? ? A DG 9  O6 ? ? ? 1_555 E K   .  K  ? ? A DG 9   A K   104 1_555 ? ? ? ? ? ? ?           2.843 ? ? 
metalc7  metalc ? ? A DG 9  O6 ? ? ? 1_555 E K   .  K  ? ? A DG 9   A K   104 2_565 ? ? ? ? ? ? ?           3.019 ? ? 
metalc8  metalc ? ? A DG 10 O6 ? ? ? 1_555 D K   .  K  ? ? A DG 10  A K   103 1_555 ? ? ? ? ? ? ?           2.798 ? ? 
metalc9  metalc ? ? A DG 10 O6 ? ? ? 1_555 E K   .  K  ? ? A DG 10  A K   104 1_555 ? ? ? ? ? ? ?           2.960 ? ? 
metalc10 metalc ? ? A DG 11 O6 ? ? ? 1_555 C K   .  K  ? ? A DG 11  A K   102 1_555 ? ? ? ? ? ? ?           2.958 ? ? 
metalc11 metalc ? ? A DG 11 O6 ? ? ? 1_555 D K   .  K  ? ? A DG 11  A K   103 1_555 ? ? ? ? ? ? ?           2.739 ? ? 
metalc12 metalc ? ? A DG 12 O6 ? ? ? 1_555 C K   .  K  ? ? A DG 12  A K   102 1_555 ? ? ? ? ? ? ?           2.600 ? ? 
metalc13 metalc ? ? A DG 14 O6 ? ? ? 1_555 D K   .  K  ? ? A DG 14  A K   103 1_555 ? ? ? ? ? ? ?           2.753 ? ? 
metalc14 metalc ? ? A DG 14 O6 ? ? ? 1_555 E K   .  K  ? ? A DG 14  A K   104 1_555 ? ? ? ? ? ? ?           2.628 ? ? 
metalc15 metalc ? ? A DG 15 O6 ? ? ? 1_555 C K   .  K  ? ? A DG 15  A K   102 1_555 ? ? ? ? ? ? ?           2.748 ? ? 
metalc16 metalc ? ? A DG 15 O6 ? ? ? 1_555 D K   .  K  ? ? A DG 15  A K   103 1_555 ? ? ? ? ? ? ?           2.583 ? ? 
metalc17 metalc ? ? A DG 16 O6 ? ? ? 1_555 C K   .  K  ? ? A DG 16  A K   102 1_555 ? ? ? ? ? ? ?           2.643 ? ? 
metalc18 metalc ? ? A DG 21 O6 ? ? ? 1_555 E K   .  K  ? ? A DG 21  A K   104 1_555 ? ? ? ? ? ? ?           2.636 ? ? 
metalc19 metalc ? ? A DG 21 O6 ? ? ? 1_555 E K   .  K  ? ? A DG 21  A K   104 2_565 ? ? ? ? ? ? ?           2.672 ? ? 
metalc20 metalc ? ? A DG 22 O6 ? ? ? 1_555 D K   .  K  ? ? A DG 22  A K   103 1_555 ? ? ? ? ? ? ?           2.759 ? ? 
metalc21 metalc ? ? A DG 22 O6 ? ? ? 1_555 E K   .  K  ? ? A DG 22  A K   104 1_555 ? ? ? ? ? ? ?           2.824 ? ? 
metalc22 metalc ? ? A DG 23 O6 ? ? ? 1_555 C K   .  K  ? ? A DG 23  A K   102 1_555 ? ? ? ? ? ? ?           2.746 ? ? 
metalc23 metalc ? ? A DG 23 O6 ? ? ? 1_555 D K   .  K  ? ? A DG 23  A K   103 1_555 ? ? ? ? ? ? ?           2.714 ? ? 
metalc24 metalc ? ? A DG 24 O6 ? ? ? 1_555 C K   .  K  ? ? A DG 24  A K   102 1_555 ? ? ? ? ? ? ?           2.662 ? ? 
metalc25 metalc ? ? F K  .  K  ? ? ? 1_555 H HOH .  O  ? ? A K  105 A HOH 202 1_555 ? ? ? ? ? ? ?           3.024 ? ? 
metalc26 metalc ? ? F K  .  K  ? ? ? 1_555 H HOH .  O  ? ? A K  105 A HOH 202 2_555 ? ? ? ? ? ? ?           3.024 ? ? 
metalc27 metalc ? ? F K  .  K  ? ? ? 1_555 H HOH .  O  ? ? A K  105 A HOH 203 1_555 ? ? ? ? ? ? ?           3.000 ? ? 
metalc28 metalc ? ? F K  .  K  ? ? ? 1_555 H HOH .  O  ? ? A K  105 A HOH 203 2_555 ? ? ? ? ? ? ?           3.000 ? ? 
hydrog1  hydrog ? ? A DG 2  N1 ? ? ? 1_555 A DG  10 O6 ? ? A DG 2   A DG  10  1_555 ? ? ? ? ? ? TYPE_6_PAIR ?     ? ? 
hydrog2  hydrog ? ? A DG 2  N2 ? ? ? 1_555 A DG  10 N7 ? ? A DG 2   A DG  10  1_555 ? ? ? ? ? ? TYPE_6_PAIR ?     ? ? 
hydrog3  hydrog ? ? A DG 2  N7 ? ? ? 1_555 A DG  22 N2 ? ? A DG 2   A DG  22  1_555 ? ? ? ? ? ? TYPE_6_PAIR ?     ? ? 
hydrog4  hydrog ? ? A DG 2  O6 ? ? ? 1_555 A DG  22 N1 ? ? A DG 2   A DG  22  1_555 ? ? ? ? ? ? TYPE_6_PAIR ?     ? ? 
hydrog5  hydrog ? ? A DG 3  N1 ? ? ? 1_555 A DG  11 O6 ? ? A DG 3   A DG  11  1_555 ? ? ? ? ? ? TYPE_6_PAIR ?     ? ? 
hydrog6  hydrog ? ? A DG 3  N2 ? ? ? 1_555 A DG  11 N7 ? ? A DG 3   A DG  11  1_555 ? ? ? ? ? ? TYPE_6_PAIR ?     ? ? 
hydrog7  hydrog ? ? A DG 3  N7 ? ? ? 1_555 A DG  23 N2 ? ? A DG 3   A DG  23  1_555 ? ? ? ? ? ? TYPE_6_PAIR ?     ? ? 
hydrog8  hydrog ? ? A DG 3  O6 ? ? ? 1_555 A DG  23 N1 ? ? A DG 3   A DG  23  1_555 ? ? ? ? ? ? TYPE_6_PAIR ?     ? ? 
hydrog9  hydrog ? ? A DG 4  N1 ? ? ? 1_555 A DG  12 O6 ? ? A DG 4   A DG  12  1_555 ? ? ? ? ? ? TYPE_6_PAIR ?     ? ? 
hydrog10 hydrog ? ? A DG 4  N2 ? ? ? 1_555 A DG  12 N7 ? ? A DG 4   A DG  12  1_555 ? ? ? ? ? ? TYPE_6_PAIR ?     ? ? 
hydrog11 hydrog ? ? A DG 4  N7 ? ? ? 1_555 A DG  24 N2 ? ? A DG 4   A DG  24  1_555 ? ? ? ? ? ? TYPE_6_PAIR ?     ? ? 
hydrog12 hydrog ? ? A DG 4  O6 ? ? ? 1_555 A DG  24 N1 ? ? A DG 4   A DG  24  1_555 ? ? ? ? ? ? TYPE_6_PAIR ?     ? ? 
hydrog13 hydrog ? ? A DG 10 N1 ? ? ? 1_555 A DG  14 O6 ? ? A DG 10  A DG  14  1_555 ? ? ? ? ? ? TYPE_6_PAIR ?     ? ? 
hydrog14 hydrog ? ? A DG 10 N2 ? ? ? 1_555 A DG  14 N7 ? ? A DG 10  A DG  14  1_555 ? ? ? ? ? ? TYPE_6_PAIR ?     ? ? 
hydrog15 hydrog ? ? A DG 11 N1 ? ? ? 1_555 A DG  15 O6 ? ? A DG 11  A DG  15  1_555 ? ? ? ? ? ? TYPE_6_PAIR ?     ? ? 
hydrog16 hydrog ? ? A DG 11 N2 ? ? ? 1_555 A DG  15 N7 ? ? A DG 11  A DG  15  1_555 ? ? ? ? ? ? TYPE_6_PAIR ?     ? ? 
hydrog17 hydrog ? ? A DG 12 N1 ? ? ? 1_555 A DG  16 O6 ? ? A DG 12  A DG  16  1_555 ? ? ? ? ? ? TYPE_6_PAIR ?     ? ? 
hydrog18 hydrog ? ? A DG 12 N2 ? ? ? 1_555 A DG  16 N7 ? ? A DG 12  A DG  16  1_555 ? ? ? ? ? ? TYPE_6_PAIR ?     ? ? 
hydrog19 hydrog ? ? A DG 14 N1 ? ? ? 1_555 A DG  22 O6 ? ? A DG 14  A DG  22  1_555 ? ? ? ? ? ? TYPE_6_PAIR ?     ? ? 
hydrog20 hydrog ? ? A DG 14 N2 ? ? ? 1_555 A DG  22 N7 ? ? A DG 14  A DG  22  1_555 ? ? ? ? ? ? TYPE_6_PAIR ?     ? ? 
hydrog21 hydrog ? ? A DG 15 N1 ? ? ? 1_555 A DG  23 O6 ? ? A DG 15  A DG  23  1_555 ? ? ? ? ? ? TYPE_6_PAIR ?     ? ? 
hydrog22 hydrog ? ? A DG 15 N2 ? ? ? 1_555 A DG  23 N7 ? ? A DG 15  A DG  23  1_555 ? ? ? ? ? ? TYPE_6_PAIR ?     ? ? 
hydrog23 hydrog ? ? A DG 16 N1 ? ? ? 1_555 A DG  24 O6 ? ? A DG 16  A DG  24  1_555 ? ? ? ? ? ? TYPE_6_PAIR ?     ? ? 
hydrog24 hydrog ? ? A DG 16 N2 ? ? ? 1_555 A DG  24 N7 ? ? A DG 16  A DG  24  1_555 ? ? ? ? ? ? TYPE_6_PAIR ?     ? ? 
# 
loop_
_struct_conn_type.id 
_struct_conn_type.criteria 
_struct_conn_type.reference 
metalc ? ? 
hydrog ? ? 
# 
loop_
_pdbx_struct_conn_angle.id 
_pdbx_struct_conn_angle.ptnr1_label_atom_id 
_pdbx_struct_conn_angle.ptnr1_label_alt_id 
_pdbx_struct_conn_angle.ptnr1_label_asym_id 
_pdbx_struct_conn_angle.ptnr1_label_comp_id 
_pdbx_struct_conn_angle.ptnr1_label_seq_id 
_pdbx_struct_conn_angle.ptnr1_auth_atom_id 
_pdbx_struct_conn_angle.ptnr1_auth_asym_id 
_pdbx_struct_conn_angle.ptnr1_auth_comp_id 
_pdbx_struct_conn_angle.ptnr1_auth_seq_id 
_pdbx_struct_conn_angle.ptnr1_PDB_ins_code 
_pdbx_struct_conn_angle.ptnr1_symmetry 
_pdbx_struct_conn_angle.ptnr2_label_atom_id 
_pdbx_struct_conn_angle.ptnr2_label_alt_id 
_pdbx_struct_conn_angle.ptnr2_label_asym_id 
_pdbx_struct_conn_angle.ptnr2_label_comp_id 
_pdbx_struct_conn_angle.ptnr2_label_seq_id 
_pdbx_struct_conn_angle.ptnr2_auth_atom_id 
_pdbx_struct_conn_angle.ptnr2_auth_asym_id 
_pdbx_struct_conn_angle.ptnr2_auth_comp_id 
_pdbx_struct_conn_angle.ptnr2_auth_seq_id 
_pdbx_struct_conn_angle.ptnr2_PDB_ins_code 
_pdbx_struct_conn_angle.ptnr2_symmetry 
_pdbx_struct_conn_angle.ptnr3_label_atom_id 
_pdbx_struct_conn_angle.ptnr3_label_alt_id 
_pdbx_struct_conn_angle.ptnr3_label_asym_id 
_pdbx_struct_conn_angle.ptnr3_label_comp_id 
_pdbx_struct_conn_angle.ptnr3_label_seq_id 
_pdbx_struct_conn_angle.ptnr3_auth_atom_id 
_pdbx_struct_conn_angle.ptnr3_auth_asym_id 
_pdbx_struct_conn_angle.ptnr3_auth_comp_id 
_pdbx_struct_conn_angle.ptnr3_auth_seq_id 
_pdbx_struct_conn_angle.ptnr3_PDB_ins_code 
_pdbx_struct_conn_angle.ptnr3_symmetry 
_pdbx_struct_conn_angle.value 
_pdbx_struct_conn_angle.value_esd 
1  O6 ? A DG  2  ? A DG  2   ? 1_555 K ? D K . ? A K 103 ? 1_555 O6 ? A DG  3  ? A DG  3   ? 1_555 80.5  ? 
2  O6 ? A DG  2  ? A DG  2   ? 1_555 K ? D K . ? A K 103 ? 1_555 O6 ? A DG  10 ? A DG  10  ? 1_555 67.1  ? 
3  O6 ? A DG  3  ? A DG  3   ? 1_555 K ? D K . ? A K 103 ? 1_555 O6 ? A DG  10 ? A DG  10  ? 1_555 92.2  ? 
4  O6 ? A DG  2  ? A DG  2   ? 1_555 K ? D K . ? A K 103 ? 1_555 O6 ? A DG  11 ? A DG  11  ? 1_555 133.8 ? 
5  O6 ? A DG  3  ? A DG  3   ? 1_555 K ? D K . ? A K 103 ? 1_555 O6 ? A DG  11 ? A DG  11  ? 1_555 71.5  ? 
6  O6 ? A DG  10 ? A DG  10  ? 1_555 K ? D K . ? A K 103 ? 1_555 O6 ? A DG  11 ? A DG  11  ? 1_555 77.9  ? 
7  O6 ? A DG  2  ? A DG  2   ? 1_555 K ? D K . ? A K 103 ? 1_555 O6 ? A DG  14 ? A DG  14  ? 1_555 99.3  ? 
8  O6 ? A DG  3  ? A DG  3   ? 1_555 K ? D K . ? A K 103 ? 1_555 O6 ? A DG  14 ? A DG  14  ? 1_555 159.4 ? 
9  O6 ? A DG  10 ? A DG  10  ? 1_555 K ? D K . ? A K 103 ? 1_555 O6 ? A DG  14 ? A DG  14  ? 1_555 69.2  ? 
10 O6 ? A DG  11 ? A DG  11  ? 1_555 K ? D K . ? A K 103 ? 1_555 O6 ? A DG  14 ? A DG  14  ? 1_555 95.2  ? 
11 O6 ? A DG  2  ? A DG  2   ? 1_555 K ? D K . ? A K 103 ? 1_555 O6 ? A DG  15 ? A DG  15  ? 1_555 156.5 ? 
12 O6 ? A DG  3  ? A DG  3   ? 1_555 K ? D K . ? A K 103 ? 1_555 O6 ? A DG  15 ? A DG  15  ? 1_555 105.7 ? 
13 O6 ? A DG  10 ? A DG  10  ? 1_555 K ? D K . ? A K 103 ? 1_555 O6 ? A DG  15 ? A DG  15  ? 1_555 133.8 ? 
14 O6 ? A DG  11 ? A DG  11  ? 1_555 K ? D K . ? A K 103 ? 1_555 O6 ? A DG  15 ? A DG  15  ? 1_555 68.7  ? 
15 O6 ? A DG  14 ? A DG  14  ? 1_555 K ? D K . ? A K 103 ? 1_555 O6 ? A DG  15 ? A DG  15  ? 1_555 82.8  ? 
16 O6 ? A DG  2  ? A DG  2   ? 1_555 K ? D K . ? A K 103 ? 1_555 O6 ? A DG  22 ? A DG  22  ? 1_555 68.8  ? 
17 O6 ? A DG  3  ? A DG  3   ? 1_555 K ? D K . ? A K 103 ? 1_555 O6 ? A DG  22 ? A DG  22  ? 1_555 131.5 ? 
18 O6 ? A DG  10 ? A DG  10  ? 1_555 K ? D K . ? A K 103 ? 1_555 O6 ? A DG  22 ? A DG  22  ? 1_555 108.1 ? 
19 O6 ? A DG  11 ? A DG  11  ? 1_555 K ? D K . ? A K 103 ? 1_555 O6 ? A DG  22 ? A DG  22  ? 1_555 154.4 ? 
20 O6 ? A DG  14 ? A DG  14  ? 1_555 K ? D K . ? A K 103 ? 1_555 O6 ? A DG  22 ? A DG  22  ? 1_555 65.5  ? 
21 O6 ? A DG  15 ? A DG  15  ? 1_555 K ? D K . ? A K 103 ? 1_555 O6 ? A DG  22 ? A DG  22  ? 1_555 91.4  ? 
22 O6 ? A DG  2  ? A DG  2   ? 1_555 K ? D K . ? A K 103 ? 1_555 O6 ? A DG  23 ? A DG  23  ? 1_555 94.8  ? 
23 O6 ? A DG  3  ? A DG  3   ? 1_555 K ? D K . ? A K 103 ? 1_555 O6 ? A DG  23 ? A DG  23  ? 1_555 68.5  ? 
24 O6 ? A DG  10 ? A DG  10  ? 1_555 K ? D K . ? A K 103 ? 1_555 O6 ? A DG  23 ? A DG  23  ? 1_555 156.0 ? 
25 O6 ? A DG  11 ? A DG  11  ? 1_555 K ? D K . ? A K 103 ? 1_555 O6 ? A DG  23 ? A DG  23  ? 1_555 107.6 ? 
26 O6 ? A DG  14 ? A DG  14  ? 1_555 K ? D K . ? A K 103 ? 1_555 O6 ? A DG  23 ? A DG  23  ? 1_555 131.7 ? 
27 O6 ? A DG  15 ? A DG  15  ? 1_555 K ? D K . ? A K 103 ? 1_555 O6 ? A DG  23 ? A DG  23  ? 1_555 67.8  ? 
28 O6 ? A DG  22 ? A DG  22  ? 1_555 K ? D K . ? A K 103 ? 1_555 O6 ? A DG  23 ? A DG  23  ? 1_555 77.4  ? 
29 O6 ? A DG  2  ? A DG  2   ? 1_555 K ? E K . ? A K 104 ? 1_555 O6 ? A DG  9  ? A DG  9   ? 1_555 83.3  ? 
30 O6 ? A DG  2  ? A DG  2   ? 1_555 K ? E K . ? A K 104 ? 1_555 O6 ? A DG  9  ? A DG  9   ? 1_555 83.3  ? 
31 O6 ? A DG  9  ? A DG  9   ? 1_555 K ? E K . ? A K 104 ? 1_555 O6 ? A DG  9  ? A DG  9   ? 1_555 0.0   ? 
32 O6 ? A DG  2  ? A DG  2   ? 1_555 K ? E K . ? A K 104 ? 1_555 O6 ? A DG  10 ? A DG  10  ? 1_555 66.5  ? 
33 O6 ? A DG  9  ? A DG  9   ? 1_555 K ? E K . ? A K 104 ? 1_555 O6 ? A DG  10 ? A DG  10  ? 1_555 71.4  ? 
34 O6 ? A DG  9  ? A DG  9   ? 1_555 K ? E K . ? A K 104 ? 1_555 O6 ? A DG  10 ? A DG  10  ? 1_555 71.4  ? 
35 O6 ? A DG  2  ? A DG  2   ? 1_555 K ? E K . ? A K 104 ? 1_555 O6 ? A DG  14 ? A DG  14  ? 1_555 105.8 ? 
36 O6 ? A DG  9  ? A DG  9   ? 1_555 K ? E K . ? A K 104 ? 1_555 O6 ? A DG  14 ? A DG  14  ? 1_555 130.1 ? 
37 O6 ? A DG  9  ? A DG  9   ? 1_555 K ? E K . ? A K 104 ? 1_555 O6 ? A DG  14 ? A DG  14  ? 1_555 130.1 ? 
38 O6 ? A DG  10 ? A DG  10  ? 1_555 K ? E K . ? A K 104 ? 1_555 O6 ? A DG  14 ? A DG  14  ? 1_555 68.4  ? 
39 O6 ? A DG  2  ? A DG  2   ? 1_555 K ? E K . ? A K 104 ? 1_555 O6 ? A DG  21 ? A DG  21  ? 1_555 129.4 ? 
40 O6 ? A DG  9  ? A DG  9   ? 1_555 K ? E K . ? A K 104 ? 1_555 O6 ? A DG  21 ? A DG  21  ? 1_555 114.2 ? 
41 O6 ? A DG  9  ? A DG  9   ? 1_555 K ? E K . ? A K 104 ? 1_555 O6 ? A DG  21 ? A DG  21  ? 1_555 114.2 ? 
42 O6 ? A DG  10 ? A DG  10  ? 1_555 K ? E K . ? A K 104 ? 1_555 O6 ? A DG  21 ? A DG  21  ? 1_555 162.5 ? 
43 O6 ? A DG  14 ? A DG  14  ? 1_555 K ? E K . ? A K 104 ? 1_555 O6 ? A DG  21 ? A DG  21  ? 1_555 97.5  ? 
44 O6 ? A DG  2  ? A DG  2   ? 1_555 K ? E K . ? A K 104 ? 1_555 O6 ? A DG  21 ? A DG  21  ? 1_555 129.4 ? 
45 O6 ? A DG  9  ? A DG  9   ? 1_555 K ? E K . ? A K 104 ? 1_555 O6 ? A DG  21 ? A DG  21  ? 1_555 114.2 ? 
46 O6 ? A DG  9  ? A DG  9   ? 1_555 K ? E K . ? A K 104 ? 1_555 O6 ? A DG  21 ? A DG  21  ? 1_555 114.2 ? 
47 O6 ? A DG  10 ? A DG  10  ? 1_555 K ? E K . ? A K 104 ? 1_555 O6 ? A DG  21 ? A DG  21  ? 1_555 162.5 ? 
48 O6 ? A DG  14 ? A DG  14  ? 1_555 K ? E K . ? A K 104 ? 1_555 O6 ? A DG  21 ? A DG  21  ? 1_555 97.5  ? 
49 O6 ? A DG  21 ? A DG  21  ? 1_555 K ? E K . ? A K 104 ? 1_555 O6 ? A DG  21 ? A DG  21  ? 1_555 0.0   ? 
50 O6 ? A DG  2  ? A DG  2   ? 1_555 K ? E K . ? A K 104 ? 1_555 O6 ? A DG  22 ? A DG  22  ? 1_555 69.7  ? 
51 O6 ? A DG  9  ? A DG  9   ? 1_555 K ? E K . ? A K 104 ? 1_555 O6 ? A DG  22 ? A DG  22  ? 1_555 152.3 ? 
52 O6 ? A DG  9  ? A DG  9   ? 1_555 K ? E K . ? A K 104 ? 1_555 O6 ? A DG  22 ? A DG  22  ? 1_555 152.3 ? 
53 O6 ? A DG  10 ? A DG  10  ? 1_555 K ? E K . ? A K 104 ? 1_555 O6 ? A DG  22 ? A DG  22  ? 1_555 102.1 ? 
54 O6 ? A DG  14 ? A DG  14  ? 1_555 K ? E K . ? A K 104 ? 1_555 O6 ? A DG  22 ? A DG  22  ? 1_555 66.2  ? 
55 O6 ? A DG  21 ? A DG  21  ? 1_555 K ? E K . ? A K 104 ? 1_555 O6 ? A DG  22 ? A DG  22  ? 1_555 80.3  ? 
56 O6 ? A DG  21 ? A DG  21  ? 1_555 K ? E K . ? A K 104 ? 1_555 O6 ? A DG  22 ? A DG  22  ? 1_555 80.3  ? 
57 O6 ? A DG  3  ? A DG  3   ? 1_555 K ? C K . ? A K 102 ? 1_555 O6 ? A DG  4  ? A DG  4   ? 1_555 75.4  ? 
58 O6 ? A DG  3  ? A DG  3   ? 1_555 K ? C K . ? A K 102 ? 1_555 O6 ? A DG  11 ? A DG  11  ? 1_555 66.5  ? 
59 O6 ? A DG  4  ? A DG  4   ? 1_555 K ? C K . ? A K 102 ? 1_555 O6 ? A DG  11 ? A DG  11  ? 1_555 92.6  ? 
60 O6 ? A DG  3  ? A DG  3   ? 1_555 K ? C K . ? A K 102 ? 1_555 O6 ? A DG  12 ? A DG  12  ? 1_555 125.9 ? 
61 O6 ? A DG  4  ? A DG  4   ? 1_555 K ? C K . ? A K 102 ? 1_555 O6 ? A DG  12 ? A DG  12  ? 1_555 77.2  ? 
62 O6 ? A DG  11 ? A DG  11  ? 1_555 K ? C K . ? A K 102 ? 1_555 O6 ? A DG  12 ? A DG  12  ? 1_555 69.2  ? 
63 O6 ? A DG  3  ? A DG  3   ? 1_555 K ? C K . ? A K 102 ? 1_555 O6 ? A DG  15 ? A DG  15  ? 1_555 97.9  ? 
64 O6 ? A DG  4  ? A DG  4   ? 1_555 K ? C K . ? A K 102 ? 1_555 O6 ? A DG  15 ? A DG  15  ? 1_555 155.4 ? 
65 O6 ? A DG  11 ? A DG  11  ? 1_555 K ? C K . ? A K 102 ? 1_555 O6 ? A DG  15 ? A DG  15  ? 1_555 63.4  ? 
66 O6 ? A DG  12 ? A DG  12  ? 1_555 K ? C K . ? A K 102 ? 1_555 O6 ? A DG  15 ? A DG  15  ? 1_555 88.6  ? 
67 O6 ? A DG  3  ? A DG  3   ? 1_555 K ? C K . ? A K 102 ? 1_555 O6 ? A DG  16 ? A DG  16  ? 1_555 157.7 ? 
68 O6 ? A DG  4  ? A DG  4   ? 1_555 K ? C K . ? A K 102 ? 1_555 O6 ? A DG  16 ? A DG  16  ? 1_555 117.4 ? 
69 O6 ? A DG  11 ? A DG  11  ? 1_555 K ? C K . ? A K 102 ? 1_555 O6 ? A DG  16 ? A DG  16  ? 1_555 127.2 ? 
70 O6 ? A DG  12 ? A DG  12  ? 1_555 K ? C K . ? A K 102 ? 1_555 O6 ? A DG  16 ? A DG  16  ? 1_555 76.1  ? 
71 O6 ? A DG  15 ? A DG  15  ? 1_555 K ? C K . ? A K 102 ? 1_555 O6 ? A DG  16 ? A DG  16  ? 1_555 77.4  ? 
72 O6 ? A DG  3  ? A DG  3   ? 1_555 K ? C K . ? A K 102 ? 1_555 O6 ? A DG  23 ? A DG  23  ? 1_555 66.1  ? 
73 O6 ? A DG  4  ? A DG  4   ? 1_555 K ? C K . ? A K 102 ? 1_555 O6 ? A DG  23 ? A DG  23  ? 1_555 129.1 ? 
74 O6 ? A DG  11 ? A DG  11  ? 1_555 K ? C K . ? A K 102 ? 1_555 O6 ? A DG  23 ? A DG  23  ? 1_555 100.9 ? 
75 O6 ? A DG  12 ? A DG  12  ? 1_555 K ? C K . ? A K 102 ? 1_555 O6 ? A DG  23 ? A DG  23  ? 1_555 153.2 ? 
76 O6 ? A DG  15 ? A DG  15  ? 1_555 K ? C K . ? A K 102 ? 1_555 O6 ? A DG  23 ? A DG  23  ? 1_555 65.1  ? 
77 O6 ? A DG  16 ? A DG  16  ? 1_555 K ? C K . ? A K 102 ? 1_555 O6 ? A DG  23 ? A DG  23  ? 1_555 92.5  ? 
78 O6 ? A DG  3  ? A DG  3   ? 1_555 K ? C K . ? A K 102 ? 1_555 O6 ? A DG  24 ? A DG  24  ? 1_555 91.1  ? 
79 O6 ? A DG  4  ? A DG  4   ? 1_555 K ? C K . ? A K 102 ? 1_555 O6 ? A DG  24 ? A DG  24  ? 1_555 76.3  ? 
80 O6 ? A DG  11 ? A DG  11  ? 1_555 K ? C K . ? A K 102 ? 1_555 O6 ? A DG  24 ? A DG  24  ? 1_555 157.0 ? 
81 O6 ? A DG  12 ? A DG  12  ? 1_555 K ? C K . ? A K 102 ? 1_555 O6 ? A DG  24 ? A DG  24  ? 1_555 125.8 ? 
82 O6 ? A DG  15 ? A DG  15  ? 1_555 K ? C K . ? A K 102 ? 1_555 O6 ? A DG  24 ? A DG  24  ? 1_555 128.0 ? 
83 O6 ? A DG  16 ? A DG  16  ? 1_555 K ? C K . ? A K 102 ? 1_555 O6 ? A DG  24 ? A DG  24  ? 1_555 75.6  ? 
84 O6 ? A DG  23 ? A DG  23  ? 1_555 K ? C K . ? A K 102 ? 1_555 O6 ? A DG  24 ? A DG  24  ? 1_555 72.6  ? 
85 O  ? H HOH .  ? A HOH 202 ? 1_555 K ? F K . ? A K 105 ? 1_555 O  ? H HOH .  ? A HOH 202 ? 2_555 166.1 ? 
86 O  ? H HOH .  ? A HOH 202 ? 1_555 K ? F K . ? A K 105 ? 1_555 O  ? H HOH .  ? A HOH 203 ? 1_555 94.2  ? 
87 O  ? H HOH .  ? A HOH 202 ? 2_555 K ? F K . ? A K 105 ? 1_555 O  ? H HOH .  ? A HOH 203 ? 1_555 91.0  ? 
88 O  ? H HOH .  ? A HOH 202 ? 1_555 K ? F K . ? A K 105 ? 1_555 O  ? H HOH .  ? A HOH 203 ? 2_555 91.0  ? 
89 O  ? H HOH .  ? A HOH 202 ? 2_555 K ? F K . ? A K 105 ? 1_555 O  ? H HOH .  ? A HOH 203 ? 2_555 94.2  ? 
90 O  ? H HOH .  ? A HOH 203 ? 1_555 K ? F K . ? A K 105 ? 1_555 O  ? H HOH .  ? A HOH 203 ? 2_555 136.2 ? 
# 
_pdbx_validate_rmsd_bond.id                        1 
_pdbx_validate_rmsd_bond.PDB_model_num             1 
_pdbx_validate_rmsd_bond.auth_atom_id_1            N9 
_pdbx_validate_rmsd_bond.auth_asym_id_1            A 
_pdbx_validate_rmsd_bond.auth_comp_id_1            DG 
_pdbx_validate_rmsd_bond.auth_seq_id_1             21 
_pdbx_validate_rmsd_bond.PDB_ins_code_1            ? 
_pdbx_validate_rmsd_bond.label_alt_id_1            ? 
_pdbx_validate_rmsd_bond.auth_atom_id_2            C4 
_pdbx_validate_rmsd_bond.auth_asym_id_2            A 
_pdbx_validate_rmsd_bond.auth_comp_id_2            DG 
_pdbx_validate_rmsd_bond.auth_seq_id_2             21 
_pdbx_validate_rmsd_bond.PDB_ins_code_2            ? 
_pdbx_validate_rmsd_bond.label_alt_id_2            ? 
_pdbx_validate_rmsd_bond.bond_value                1.327 
_pdbx_validate_rmsd_bond.bond_target_value         1.375 
_pdbx_validate_rmsd_bond.bond_deviation            -0.048 
_pdbx_validate_rmsd_bond.bond_standard_deviation   0.008 
_pdbx_validate_rmsd_bond.linker_flag               N 
# 
_pdbx_validate_rmsd_angle.id                         1 
_pdbx_validate_rmsd_angle.PDB_model_num              1 
_pdbx_validate_rmsd_angle.auth_atom_id_1             "O4'" 
_pdbx_validate_rmsd_angle.auth_asym_id_1             A 
_pdbx_validate_rmsd_angle.auth_comp_id_1             DG 
_pdbx_validate_rmsd_angle.auth_seq_id_1              21 
_pdbx_validate_rmsd_angle.PDB_ins_code_1             ? 
_pdbx_validate_rmsd_angle.label_alt_id_1             ? 
_pdbx_validate_rmsd_angle.auth_atom_id_2             "C1'" 
_pdbx_validate_rmsd_angle.auth_asym_id_2             A 
_pdbx_validate_rmsd_angle.auth_comp_id_2             DG 
_pdbx_validate_rmsd_angle.auth_seq_id_2              21 
_pdbx_validate_rmsd_angle.PDB_ins_code_2             ? 
_pdbx_validate_rmsd_angle.label_alt_id_2             ? 
_pdbx_validate_rmsd_angle.auth_atom_id_3             N9 
_pdbx_validate_rmsd_angle.auth_asym_id_3             A 
_pdbx_validate_rmsd_angle.auth_comp_id_3             DG 
_pdbx_validate_rmsd_angle.auth_seq_id_3              21 
_pdbx_validate_rmsd_angle.PDB_ins_code_3             ? 
_pdbx_validate_rmsd_angle.label_alt_id_3             ? 
_pdbx_validate_rmsd_angle.angle_value                112.01 
_pdbx_validate_rmsd_angle.angle_target_value         108.30 
_pdbx_validate_rmsd_angle.angle_deviation            3.71 
_pdbx_validate_rmsd_angle.angle_standard_deviation   0.30 
_pdbx_validate_rmsd_angle.linker_flag                N 
# 
_pdbx_struct_special_symmetry.id              1 
_pdbx_struct_special_symmetry.PDB_model_num   1 
_pdbx_struct_special_symmetry.auth_asym_id    A 
_pdbx_struct_special_symmetry.auth_comp_id    K 
_pdbx_struct_special_symmetry.auth_seq_id     105 
_pdbx_struct_special_symmetry.PDB_ins_code    ? 
_pdbx_struct_special_symmetry.label_asym_id   F 
_pdbx_struct_special_symmetry.label_comp_id   K 
_pdbx_struct_special_symmetry.label_seq_id    . 
# 
loop_
_space_group_symop.id 
_space_group_symop.operation_xyz 
1 x,y,z           
2 x,-y,-z         
3 -x,y+1/2,-z+1/2 
4 -x,-y+1/2,z+1/2 
# 
_pdbx_refine_tls.id               1 
_pdbx_refine_tls.pdbx_refine_id   'X-RAY DIFFRACTION' 
_pdbx_refine_tls.details          ? 
_pdbx_refine_tls.method           refined 
_pdbx_refine_tls.origin_x         0.11053983803 
_pdbx_refine_tls.origin_y         -0.0814944149 
_pdbx_refine_tls.origin_z         -0.04076708763 
_pdbx_refine_tls.T[1][1]          0.411661250899 
_pdbx_refine_tls.T[1][1]_esd      ? 
_pdbx_refine_tls.T[1][2]          -0.021664975827 
_pdbx_refine_tls.T[1][2]_esd      ? 
_pdbx_refine_tls.T[1][3]          -0.105974517951 
_pdbx_refine_tls.T[1][3]_esd      ? 
_pdbx_refine_tls.T[2][2]          0.390362604277 
_pdbx_refine_tls.T[2][2]_esd      ? 
_pdbx_refine_tls.T[2][3]          -0.000420066064 
_pdbx_refine_tls.T[2][3]_esd      ? 
_pdbx_refine_tls.T[3][3]          0.580207820661 
_pdbx_refine_tls.T[3][3]_esd      ? 
_pdbx_refine_tls.L[1][1]          8.58352209390 
_pdbx_refine_tls.L[1][1]_esd      ? 
_pdbx_refine_tls.L[1][2]          -1.066857280 
_pdbx_refine_tls.L[1][2]_esd      ? 
_pdbx_refine_tls.L[1][3]          -2.314379476565 
_pdbx_refine_tls.L[1][3]_esd      ? 
_pdbx_refine_tls.L[2][2]          6.52743264144 
_pdbx_refine_tls.L[2][2]_esd      ? 
_pdbx_refine_tls.L[2][3]          -0.9082238935 
_pdbx_refine_tls.L[2][3]_esd      ? 
_pdbx_refine_tls.L[3][3]          11.05911377732 
_pdbx_refine_tls.L[3][3]_esd      ? 
_pdbx_refine_tls.S[1][1]          -0.088245476936 
_pdbx_refine_tls.S[1][1]_esd      ? 
_pdbx_refine_tls.S[1][2]          -0.090302860765 
_pdbx_refine_tls.S[1][2]_esd      ? 
_pdbx_refine_tls.S[1][3]          -0.624491224053 
_pdbx_refine_tls.S[1][3]_esd      ? 
_pdbx_refine_tls.S[2][1]          -0.006431002795 
_pdbx_refine_tls.S[2][1]_esd      ? 
_pdbx_refine_tls.S[2][2]          -0.042678810085 
_pdbx_refine_tls.S[2][2]_esd      ? 
_pdbx_refine_tls.S[2][3]          0.067053398733 
_pdbx_refine_tls.S[2][3]_esd      ? 
_pdbx_refine_tls.S[3][1]          -0.37552080366 
_pdbx_refine_tls.S[3][1]_esd      ? 
_pdbx_refine_tls.S[3][2]          -0.384424426111 
_pdbx_refine_tls.S[3][2]_esd      ? 
_pdbx_refine_tls.S[3][3]          -0.044475262135 
_pdbx_refine_tls.S[3][3]_esd      ? 
# 
_pdbx_refine_tls_group.id                  1 
_pdbx_refine_tls_group.pdbx_refine_id      'X-RAY DIFFRACTION' 
_pdbx_refine_tls_group.refine_tls_id       1 
_pdbx_refine_tls_group.beg_label_asym_id   A 
_pdbx_refine_tls_group.beg_label_seq_id    ? 
_pdbx_refine_tls_group.beg_auth_asym_id    A 
_pdbx_refine_tls_group.beg_auth_seq_id     1 
_pdbx_refine_tls_group.beg_PDB_ins_code    ? 
_pdbx_refine_tls_group.end_label_asym_id   H 
_pdbx_refine_tls_group.end_label_seq_id    ? 
_pdbx_refine_tls_group.end_auth_asym_id    C 
_pdbx_refine_tls_group.end_auth_seq_id     10 
_pdbx_refine_tls_group.end_PDB_ins_code    ? 
_pdbx_refine_tls_group.selection           ? 
_pdbx_refine_tls_group.selection_details   all 
# 
_pdbx_entry_details.entry_id                 8EDP 
_pdbx_entry_details.nonpolymer_details       ? 
_pdbx_entry_details.sequence_details         ? 
_pdbx_entry_details.compound_details         ? 
_pdbx_entry_details.source_details           ? 
_pdbx_entry_details.has_ligand_of_interest   Y 
# 
loop_
_chem_comp_atom.comp_id 
_chem_comp_atom.atom_id 
_chem_comp_atom.type_symbol 
_chem_comp_atom.pdbx_aromatic_flag 
_chem_comp_atom.pdbx_stereo_config 
_chem_comp_atom.pdbx_ordinal 
DA  OP3    O  N N 1   
DA  P      P  N N 2   
DA  OP1    O  N N 3   
DA  OP2    O  N N 4   
DA  "O5'"  O  N N 5   
DA  "C5'"  C  N N 6   
DA  "C4'"  C  N R 7   
DA  "O4'"  O  N N 8   
DA  "C3'"  C  N S 9   
DA  "O3'"  O  N N 10  
DA  "C2'"  C  N N 11  
DA  "C1'"  C  N R 12  
DA  N9     N  Y N 13  
DA  C8     C  Y N 14  
DA  N7     N  Y N 15  
DA  C5     C  Y N 16  
DA  C6     C  Y N 17  
DA  N6     N  N N 18  
DA  N1     N  Y N 19  
DA  C2     C  Y N 20  
DA  N3     N  Y N 21  
DA  C4     C  Y N 22  
DA  HOP3   H  N N 23  
DA  HOP2   H  N N 24  
DA  "H5'"  H  N N 25  
DA  "H5''" H  N N 26  
DA  "H4'"  H  N N 27  
DA  "H3'"  H  N N 28  
DA  "HO3'" H  N N 29  
DA  "H2'"  H  N N 30  
DA  "H2''" H  N N 31  
DA  "H1'"  H  N N 32  
DA  H8     H  N N 33  
DA  H61    H  N N 34  
DA  H62    H  N N 35  
DA  H2     H  N N 36  
DG  OP3    O  N N 37  
DG  P      P  N N 38  
DG  OP1    O  N N 39  
DG  OP2    O  N N 40  
DG  "O5'"  O  N N 41  
DG  "C5'"  C  N N 42  
DG  "C4'"  C  N R 43  
DG  "O4'"  O  N N 44  
DG  "C3'"  C  N S 45  
DG  "O3'"  O  N N 46  
DG  "C2'"  C  N N 47  
DG  "C1'"  C  N R 48  
DG  N9     N  Y N 49  
DG  C8     C  Y N 50  
DG  N7     N  Y N 51  
DG  C5     C  Y N 52  
DG  C6     C  N N 53  
DG  O6     O  N N 54  
DG  N1     N  N N 55  
DG  C2     C  N N 56  
DG  N2     N  N N 57  
DG  N3     N  N N 58  
DG  C4     C  Y N 59  
DG  HOP3   H  N N 60  
DG  HOP2   H  N N 61  
DG  "H5'"  H  N N 62  
DG  "H5''" H  N N 63  
DG  "H4'"  H  N N 64  
DG  "H3'"  H  N N 65  
DG  "HO3'" H  N N 66  
DG  "H2'"  H  N N 67  
DG  "H2''" H  N N 68  
DG  "H1'"  H  N N 69  
DG  H8     H  N N 70  
DG  H1     H  N N 71  
DG  H21    H  N N 72  
DG  H22    H  N N 73  
HOH O      O  N N 74  
HOH H1     H  N N 75  
HOH H2     H  N N 76  
K   K      K  N N 77  
MMP C1     C  N N 78  
MMP N1     N  Y N 79  
MMP C11    C  Y N 80  
MMP C12    C  Y N 81  
MMP C13    C  Y N 82  
MMP C14    C  Y N 83  
MMP C15    C  Y N 84  
MMP C16    C  N N 85  
MMP C17    C  N N 86  
MMP C18    C  N N 87  
MMP N2     N  Y N 88  
MMP C21    C  Y N 89  
MMP C22    C  N N 90  
MMP C23    C  N N 91  
MMP C24    C  Y N 92  
MMP C25    C  Y N 93  
MMP C26    C  N N 94  
MMP C27    C  N N 95  
MMP C28    C  N N 96  
MMP N3     N  Y N 97  
MMP C31    C  Y N 98  
MMP C32    C  Y N 99  
MMP C33    C  Y N 100 
MMP C34    C  Y N 101 
MMP C35    C  Y N 102 
MMP C36    C  N N 103 
MMP C37    C  N N 104 
MMP C38    C  N N 105 
MMP C39    C  N N 106 
MMP O31    O  N N 107 
MMP O32    O  N N 108 
MMP N4     N  Y N 109 
MMP C41    C  Y N 110 
MMP C42    C  N N 111 
MMP C43    C  N N 112 
MMP C44    C  Y N 113 
MMP C45    C  Y N 114 
MMP C46    C  N N 115 
MMP C47    C  N N 116 
MMP C48    C  N N 117 
MMP C49    C  N N 118 
MMP O41    O  N N 119 
MMP O42    O  N N 120 
MMP H11    H  N N 121 
MMP H12    H  N N 122 
MMP H13    H  N N 123 
MMP H15    H  N N 124 
MMP H161   H  N N 125 
MMP H162   H  N N 126 
MMP H163   H  N N 127 
MMP H171   H  N N 128 
MMP H172   H  N N 129 
MMP H181   H  N N 130 
MMP H182   H  N N 131 
MMP H183   H  N N 132 
MMP H25    H  N N 133 
MMP H261   H  N N 134 
MMP H262   H  N N 135 
MMP H263   H  N N 136 
MMP H271   H  N N 137 
MMP H272   H  N N 138 
MMP H281   H  N N 139 
MMP H282   H  N N 140 
MMP H283   H  N N 141 
MMP HN3    H  N N 142 
MMP H35    H  N N 143 
MMP H361   H  N N 144 
MMP H362   H  N N 145 
MMP H363   H  N N 146 
MMP H371   H  N N 147 
MMP H372   H  N N 148 
MMP H381   H  N N 149 
MMP H382   H  N N 150 
MMP HO31   H  N N 151 
MMP H45    H  N N 152 
MMP H461   H  N N 153 
MMP H462   H  N N 154 
MMP H463   H  N N 155 
MMP H471   H  N N 156 
MMP H472   H  N N 157 
MMP H481   H  N N 158 
MMP H482   H  N N 159 
MMP HO41   H  N N 160 
NCO CO     CO N N 161 
NCO N1     N  N N 162 
NCO N2     N  N N 163 
NCO N3     N  N N 164 
NCO N4     N  N N 165 
NCO N5     N  N N 166 
NCO N6     N  N N 167 
NCO HN11   H  N N 168 
NCO HN12   H  N N 169 
NCO HN13   H  N N 170 
NCO HN21   H  N N 171 
NCO HN22   H  N N 172 
NCO HN23   H  N N 173 
NCO HN31   H  N N 174 
NCO HN32   H  N N 175 
NCO HN33   H  N N 176 
NCO HN41   H  N N 177 
NCO HN42   H  N N 178 
NCO HN43   H  N N 179 
NCO HN51   H  N N 180 
NCO HN52   H  N N 181 
NCO HN53   H  N N 182 
NCO HN61   H  N N 183 
NCO HN62   H  N N 184 
NCO HN63   H  N N 185 
# 
loop_
_chem_comp_bond.comp_id 
_chem_comp_bond.atom_id_1 
_chem_comp_bond.atom_id_2 
_chem_comp_bond.value_order 
_chem_comp_bond.pdbx_aromatic_flag 
_chem_comp_bond.pdbx_stereo_config 
_chem_comp_bond.pdbx_ordinal 
DA  OP3   P      sing N N 1   
DA  OP3   HOP3   sing N N 2   
DA  P     OP1    doub N N 3   
DA  P     OP2    sing N N 4   
DA  P     "O5'"  sing N N 5   
DA  OP2   HOP2   sing N N 6   
DA  "O5'" "C5'"  sing N N 7   
DA  "C5'" "C4'"  sing N N 8   
DA  "C5'" "H5'"  sing N N 9   
DA  "C5'" "H5''" sing N N 10  
DA  "C4'" "O4'"  sing N N 11  
DA  "C4'" "C3'"  sing N N 12  
DA  "C4'" "H4'"  sing N N 13  
DA  "O4'" "C1'"  sing N N 14  
DA  "C3'" "O3'"  sing N N 15  
DA  "C3'" "C2'"  sing N N 16  
DA  "C3'" "H3'"  sing N N 17  
DA  "O3'" "HO3'" sing N N 18  
DA  "C2'" "C1'"  sing N N 19  
DA  "C2'" "H2'"  sing N N 20  
DA  "C2'" "H2''" sing N N 21  
DA  "C1'" N9     sing N N 22  
DA  "C1'" "H1'"  sing N N 23  
DA  N9    C8     sing Y N 24  
DA  N9    C4     sing Y N 25  
DA  C8    N7     doub Y N 26  
DA  C8    H8     sing N N 27  
DA  N7    C5     sing Y N 28  
DA  C5    C6     sing Y N 29  
DA  C5    C4     doub Y N 30  
DA  C6    N6     sing N N 31  
DA  C6    N1     doub Y N 32  
DA  N6    H61    sing N N 33  
DA  N6    H62    sing N N 34  
DA  N1    C2     sing Y N 35  
DA  C2    N3     doub Y N 36  
DA  C2    H2     sing N N 37  
DA  N3    C4     sing Y N 38  
DG  OP3   P      sing N N 39  
DG  OP3   HOP3   sing N N 40  
DG  P     OP1    doub N N 41  
DG  P     OP2    sing N N 42  
DG  P     "O5'"  sing N N 43  
DG  OP2   HOP2   sing N N 44  
DG  "O5'" "C5'"  sing N N 45  
DG  "C5'" "C4'"  sing N N 46  
DG  "C5'" "H5'"  sing N N 47  
DG  "C5'" "H5''" sing N N 48  
DG  "C4'" "O4'"  sing N N 49  
DG  "C4'" "C3'"  sing N N 50  
DG  "C4'" "H4'"  sing N N 51  
DG  "O4'" "C1'"  sing N N 52  
DG  "C3'" "O3'"  sing N N 53  
DG  "C3'" "C2'"  sing N N 54  
DG  "C3'" "H3'"  sing N N 55  
DG  "O3'" "HO3'" sing N N 56  
DG  "C2'" "C1'"  sing N N 57  
DG  "C2'" "H2'"  sing N N 58  
DG  "C2'" "H2''" sing N N 59  
DG  "C1'" N9     sing N N 60  
DG  "C1'" "H1'"  sing N N 61  
DG  N9    C8     sing Y N 62  
DG  N9    C4     sing Y N 63  
DG  C8    N7     doub Y N 64  
DG  C8    H8     sing N N 65  
DG  N7    C5     sing Y N 66  
DG  C5    C6     sing N N 67  
DG  C5    C4     doub Y N 68  
DG  C6    O6     doub N N 69  
DG  C6    N1     sing N N 70  
DG  N1    C2     sing N N 71  
DG  N1    H1     sing N N 72  
DG  C2    N2     sing N N 73  
DG  C2    N3     doub N N 74  
DG  N2    H21    sing N N 75  
DG  N2    H22    sing N N 76  
DG  N3    C4     sing N N 77  
HOH O     H1     sing N N 78  
HOH O     H2     sing N N 79  
MMP C1    N1     sing N N 80  
MMP C1    H11    sing N N 81  
MMP C1    H12    sing N N 82  
MMP C1    H13    sing N N 83  
MMP N1    C11    sing Y N 84  
MMP N1    C14    sing Y N 85  
MMP C11   C12    doub Y N 86  
MMP C11   C45    sing Y N 87  
MMP C12   C13    sing Y N 88  
MMP C12   C16    sing N N 89  
MMP C13   C14    doub Y N 90  
MMP C13   C17    sing N N 91  
MMP C14   C15    sing Y N 92  
MMP C15   C21    doub Y Z 93  
MMP C15   H15    sing N N 94  
MMP C16   H161   sing N N 95  
MMP C16   H162   sing N N 96  
MMP C16   H163   sing N N 97  
MMP C17   C18    sing N N 98  
MMP C17   H171   sing N N 99  
MMP C17   H172   sing N N 100 
MMP C18   H181   sing N N 101 
MMP C18   H182   sing N N 102 
MMP C18   H183   sing N N 103 
MMP N2    C21    sing Y N 104 
MMP N2    C24    doub Y N 105 
MMP C21   C22    sing N N 106 
MMP C22   C23    doub N N 107 
MMP C22   C26    sing N N 108 
MMP C23   C24    sing N N 109 
MMP C23   C27    sing N N 110 
MMP C24   C25    sing Y N 111 
MMP C25   C31    doub Y Z 112 
MMP C25   H25    sing N N 113 
MMP C26   H261   sing N N 114 
MMP C26   H262   sing N N 115 
MMP C26   H263   sing N N 116 
MMP C27   C28    sing N N 117 
MMP C27   H271   sing N N 118 
MMP C27   H272   sing N N 119 
MMP C28   H281   sing N N 120 
MMP C28   H282   sing N N 121 
MMP C28   H283   sing N N 122 
MMP N3    C31    sing Y N 123 
MMP N3    C34    sing Y N 124 
MMP N3    HN3    sing N N 125 
MMP C31   C32    sing Y N 126 
MMP C32   C33    doub Y N 127 
MMP C32   C36    sing N N 128 
MMP C33   C34    sing Y N 129 
MMP C33   C37    sing N N 130 
MMP C34   C35    doub Y Z 131 
MMP C35   C41    sing Y N 132 
MMP C35   H35    sing N N 133 
MMP C36   H361   sing N N 134 
MMP C36   H362   sing N N 135 
MMP C36   H363   sing N N 136 
MMP C37   C38    sing N N 137 
MMP C37   H371   sing N N 138 
MMP C37   H372   sing N N 139 
MMP C38   C39    sing N N 140 
MMP C38   H381   sing N N 141 
MMP C38   H382   sing N N 142 
MMP C39   O31    sing N N 143 
MMP C39   O32    doub N N 144 
MMP O31   HO31   sing N N 145 
MMP N4    C41    doub Y N 146 
MMP N4    C44    sing Y N 147 
MMP C41   C42    sing N N 148 
MMP C42   C43    doub N N 149 
MMP C42   C47    sing N N 150 
MMP C43   C44    sing N N 151 
MMP C43   C46    sing N N 152 
MMP C44   C45    doub Y Z 153 
MMP C45   H45    sing N N 154 
MMP C46   H461   sing N N 155 
MMP C46   H462   sing N N 156 
MMP C46   H463   sing N N 157 
MMP C47   C48    sing N N 158 
MMP C47   H471   sing N N 159 
MMP C47   H472   sing N N 160 
MMP C48   C49    sing N N 161 
MMP C48   H481   sing N N 162 
MMP C48   H482   sing N N 163 
MMP C49   O41    sing N N 164 
MMP C49   O42    doub N N 165 
MMP O41   HO41   sing N N 166 
NCO CO    N1     sing N N 167 
NCO CO    N2     sing N N 168 
NCO CO    N3     sing N N 169 
NCO CO    N4     sing N N 170 
NCO CO    N5     sing N N 171 
NCO CO    N6     sing N N 172 
NCO N1    HN11   sing N N 173 
NCO N1    HN12   sing N N 174 
NCO N1    HN13   sing N N 175 
NCO N2    HN21   sing N N 176 
NCO N2    HN22   sing N N 177 
NCO N2    HN23   sing N N 178 
NCO N3    HN31   sing N N 179 
NCO N3    HN32   sing N N 180 
NCO N3    HN33   sing N N 181 
NCO N4    HN41   sing N N 182 
NCO N4    HN42   sing N N 183 
NCO N4    HN43   sing N N 184 
NCO N5    HN51   sing N N 185 
NCO N5    HN52   sing N N 186 
NCO N5    HN53   sing N N 187 
NCO N6    HN61   sing N N 188 
NCO N6    HN62   sing N N 189 
NCO N6    HN63   sing N N 190 
# 
loop_
_ndb_struct_conf_na.entry_id 
_ndb_struct_conf_na.feature 
8EDP 'double helix'    
8EDP 'quadruple helix' 
# 
loop_
_ndb_struct_na_base_pair.model_number 
_ndb_struct_na_base_pair.i_label_asym_id 
_ndb_struct_na_base_pair.i_label_comp_id 
_ndb_struct_na_base_pair.i_label_seq_id 
_ndb_struct_na_base_pair.i_symmetry 
_ndb_struct_na_base_pair.j_label_asym_id 
_ndb_struct_na_base_pair.j_label_comp_id 
_ndb_struct_na_base_pair.j_label_seq_id 
_ndb_struct_na_base_pair.j_symmetry 
_ndb_struct_na_base_pair.shear 
_ndb_struct_na_base_pair.stretch 
_ndb_struct_na_base_pair.stagger 
_ndb_struct_na_base_pair.buckle 
_ndb_struct_na_base_pair.propeller 
_ndb_struct_na_base_pair.opening 
_ndb_struct_na_base_pair.pair_number 
_ndb_struct_na_base_pair.pair_name 
_ndb_struct_na_base_pair.i_auth_asym_id 
_ndb_struct_na_base_pair.i_auth_seq_id 
_ndb_struct_na_base_pair.i_PDB_ins_code 
_ndb_struct_na_base_pair.j_auth_asym_id 
_ndb_struct_na_base_pair.j_auth_seq_id 
_ndb_struct_na_base_pair.j_PDB_ins_code 
_ndb_struct_na_base_pair.hbond_type_28 
_ndb_struct_na_base_pair.hbond_type_12 
1 A DG 2  1_555 A DG 10 1_555 1.467  3.582  -0.091 -1.488 -2.578 -90.410 1 A_DG2:DG10_A  A 2  ? A 10 ? 6 3 
1 A DG 3  1_555 A DG 23 1_555 -1.443 -3.384 0.011  -2.736 10.266 88.582  2 A_DG3:DG23_A  A 3  ? A 23 ? 6 3 
1 A DG 4  1_555 A DG 24 1_555 -1.738 -3.398 0.040  -5.827 7.622  87.772  3 A_DG4:DG24_A  A 4  ? A 24 ? 6 3 
1 A DG 12 1_555 A DG 16 1_555 1.627  3.469  -0.163 6.882  -7.112 -88.894 4 A_DG12:DG16_A A 12 ? A 16 ? 6 3 
1 A DG 11 1_555 A DG 15 1_555 1.269  3.642  -0.084 2.178  -8.214 -88.289 5 A_DG11:DG15_A A 11 ? A 15 ? 6 3 
1 A DG 22 1_555 A DG 14 1_555 -1.319 -3.519 0.244  0.252  1.935  92.681  6 A_DG22:DG14_A A 22 ? A 14 ? 6 3 
# 
loop_
_ndb_struct_na_base_pair_step.model_number 
_ndb_struct_na_base_pair_step.i_label_asym_id_1 
_ndb_struct_na_base_pair_step.i_label_comp_id_1 
_ndb_struct_na_base_pair_step.i_label_seq_id_1 
_ndb_struct_na_base_pair_step.i_symmetry_1 
_ndb_struct_na_base_pair_step.j_label_asym_id_1 
_ndb_struct_na_base_pair_step.j_label_comp_id_1 
_ndb_struct_na_base_pair_step.j_label_seq_id_1 
_ndb_struct_na_base_pair_step.j_symmetry_1 
_ndb_struct_na_base_pair_step.i_label_asym_id_2 
_ndb_struct_na_base_pair_step.i_label_comp_id_2 
_ndb_struct_na_base_pair_step.i_label_seq_id_2 
_ndb_struct_na_base_pair_step.i_symmetry_2 
_ndb_struct_na_base_pair_step.j_label_asym_id_2 
_ndb_struct_na_base_pair_step.j_label_comp_id_2 
_ndb_struct_na_base_pair_step.j_label_seq_id_2 
_ndb_struct_na_base_pair_step.j_symmetry_2 
_ndb_struct_na_base_pair_step.shift 
_ndb_struct_na_base_pair_step.slide 
_ndb_struct_na_base_pair_step.rise 
_ndb_struct_na_base_pair_step.tilt 
_ndb_struct_na_base_pair_step.roll 
_ndb_struct_na_base_pair_step.twist 
_ndb_struct_na_base_pair_step.x_displacement 
_ndb_struct_na_base_pair_step.y_displacement 
_ndb_struct_na_base_pair_step.helical_rise 
_ndb_struct_na_base_pair_step.inclination 
_ndb_struct_na_base_pair_step.tip 
_ndb_struct_na_base_pair_step.helical_twist 
_ndb_struct_na_base_pair_step.step_number 
_ndb_struct_na_base_pair_step.step_name 
_ndb_struct_na_base_pair_step.i_auth_asym_id_1 
_ndb_struct_na_base_pair_step.i_auth_seq_id_1 
_ndb_struct_na_base_pair_step.i_PDB_ins_code_1 
_ndb_struct_na_base_pair_step.j_auth_asym_id_1 
_ndb_struct_na_base_pair_step.j_auth_seq_id_1 
_ndb_struct_na_base_pair_step.j_PDB_ins_code_1 
_ndb_struct_na_base_pair_step.i_auth_asym_id_2 
_ndb_struct_na_base_pair_step.i_auth_seq_id_2 
_ndb_struct_na_base_pair_step.i_PDB_ins_code_2 
_ndb_struct_na_base_pair_step.j_auth_asym_id_2 
_ndb_struct_na_base_pair_step.j_auth_seq_id_2 
_ndb_struct_na_base_pair_step.j_PDB_ins_code_2 
1 A DG 2  1_555 A DG 10 1_555 A DG 3  1_555 A DG 23 1_555 0.490  1.774  3.417  -1.360  -2.786 -58.069 -1.669 0.429 3.501  2.868  
-1.400 -58.145 1 AA_DG2DG3:DG23DG10_AA   A 2  ? A 10 ? A 3  ? A 23 ? 
1 A DG 3  1_555 A DG 23 1_555 A DG 4  1_555 A DG 24 1_555 -0.674 -0.593 3.168  2.862   6.378  28.428  -2.473 1.917 2.889  12.745 
-5.719 29.258  2 AA_DG3DG4:DG24DG23_AA   A 3  ? A 23 ? A 4  ? A 24 ? 
1 A DG 4  1_555 A DG 24 1_555 A DG 12 1_555 A DG 16 1_555 -1.677 -3.417 -0.041 -16.067 9.861  179.812 -1.709 0.838 -0.041 4.930  
8.033  179.815 3 AA_DG4DG12:DG16DG24_AA  A 4  ? A 24 ? A 12 ? A 16 ? 
1 A DG 12 1_555 A DG 16 1_555 A DG 11 1_555 A DG 15 1_555 0.713  0.668  -3.169 -0.580  -5.492 -29.690 -2.342 1.481 -2.986 10.602 
-1.119 -30.187 4 AA_DG12DG11:DG15DG16_AA A 12 ? A 16 ? A 11 ? A 15 ? 
1 A DG 11 1_555 A DG 15 1_555 A DG 22 1_555 A DG 14 1_555 -0.620 -1.947 -3.264 -0.665  1.877  59.512  -1.866 0.658 -3.312 1.891  
0.670  59.542  5 AA_DG11DG22:DG14DG15_AA A 11 ? A 15 ? A 22 ? A 14 ? 
# 
_pdbx_audit_support.funding_organization   'National Institutes of Health/National Cancer Institute (NIH/NCI)' 
_pdbx_audit_support.country                'United States' 
_pdbx_audit_support.grant_number           1R15CA253134 
_pdbx_audit_support.ordinal                1 
# 
_pdbx_entity_instance_feature.ordinal        1 
_pdbx_entity_instance_feature.comp_id        MMP 
_pdbx_entity_instance_feature.asym_id        ? 
_pdbx_entity_instance_feature.seq_num        ? 
_pdbx_entity_instance_feature.auth_comp_id   MMP 
_pdbx_entity_instance_feature.auth_asym_id   ? 
_pdbx_entity_instance_feature.auth_seq_num   ? 
_pdbx_entity_instance_feature.feature_type   'SUBJECT OF INVESTIGATION' 
_pdbx_entity_instance_feature.details        ? 
# 
_pdbx_initial_refinement_model.id               1 
_pdbx_initial_refinement_model.entity_id_list   ? 
_pdbx_initial_refinement_model.type             'experimental model' 
_pdbx_initial_refinement_model.source_name      PDB 
_pdbx_initial_refinement_model.accession_code   4G0F 
_pdbx_initial_refinement_model.details          ? 
# 
_space_group.name_H-M_alt     'P 2 21 21' 
_space_group.name_Hall        'P 2 2ab (z,x,y)' 
_space_group.IT_number        18 
_space_group.crystal_system   orthorhombic 
_space_group.id               1 
# 
_atom_sites.entry_id                    8EDP 
_atom_sites.Cartn_transf_matrix[1][1]   ? 
_atom_sites.Cartn_transf_matrix[1][2]   ? 
_atom_sites.Cartn_transf_matrix[1][3]   ? 
_atom_sites.Cartn_transf_matrix[2][1]   ? 
_atom_sites.Cartn_transf_matrix[2][2]   ? 
_atom_sites.Cartn_transf_matrix[2][3]   ? 
_atom_sites.Cartn_transf_matrix[3][1]   ? 
_atom_sites.Cartn_transf_matrix[3][2]   ? 
_atom_sites.Cartn_transf_matrix[3][3]   ? 
_atom_sites.Cartn_transf_vector[1]      ? 
_atom_sites.Cartn_transf_vector[2]      ? 
_atom_sites.Cartn_transf_vector[3]      ? 
_atom_sites.fract_transf_matrix[1][1]   0.00240990 
_atom_sites.fract_transf_matrix[1][2]   -0.03165988 
_atom_sites.fract_transf_matrix[1][3]   0.00781046 
_atom_sites.fract_transf_matrix[2][1]   0.00342278 
_atom_sites.fract_transf_matrix[2][2]   0.00603995 
_atom_sites.fract_transf_matrix[2][3]   0.02342699 
_atom_sites.fract_transf_matrix[3][1]   -0.01762595 
_atom_sites.fract_transf_matrix[3][2]   -0.00066411 
_atom_sites.fract_transf_matrix[3][3]   0.00274645 
_atom_sites.fract_transf_vector[1]      0.087781 
_atom_sites.fract_transf_vector[2]      0.378517 
_atom_sites.fract_transf_vector[3]      0.083860 
_atom_sites.solution_primary            ? 
_atom_sites.solution_secondary          ? 
_atom_sites.solution_hydrogens          ? 
_atom_sites.special_details             ? 
# 
loop_
_atom_type.symbol 
_atom_type.scat_dispersion_real 
_atom_type.scat_dispersion_imag 
_atom_type.scat_Cromer_Mann_a1 
_atom_type.scat_Cromer_Mann_a2 
_atom_type.scat_Cromer_Mann_a3 
_atom_type.scat_Cromer_Mann_a4 
_atom_type.scat_Cromer_Mann_b1 
_atom_type.scat_Cromer_Mann_b2 
_atom_type.scat_Cromer_Mann_b3 
_atom_type.scat_Cromer_Mann_b4 
_atom_type.scat_Cromer_Mann_c 
_atom_type.scat_source 
_atom_type.scat_dispersion_source 
C   ? ? 3.54356  2.42580 ? ? 25.62398 1.50364  ? ? 0.0 
;2-Gaussian fit: Grosse-Kunstleve RW, Sauter NK, Adams PD: Newsletter of the IUCr Commission on Crystallographic Computing 2004, 3, 22-31.
;
? 
CO  ? ? 21.85313 5.04979 ? ? 2.45200  36.11361 ? ? 0.0 
;2-Gaussian fit: Grosse-Kunstleve RW, Sauter NK, Adams PD: Newsletter of the IUCr Commission on Crystallographic Computing 2004, 3, 22-31.
;
? 
K   ? ? 16.37977 2.54835 ? ? 4.54127  84.28225 ? ? 0.0 
;2-Gaussian fit: Grosse-Kunstleve RW, Sauter NK, Adams PD: Newsletter of the IUCr Commission on Crystallographic Computing 2004, 3, 22-31.
;
? 
N   ? ? 4.01032  2.96436 ? ? 19.97189 1.75589  ? ? 0.0 
;2-Gaussian fit: Grosse-Kunstleve RW, Sauter NK, Adams PD: Newsletter of the IUCr Commission on Crystallographic Computing 2004, 3, 22-31.
;
? 
O   ? ? 4.49882  3.47563 ? ? 15.80542 1.70748  ? ? 0.0 
;2-Gaussian fit: Grosse-Kunstleve RW, Sauter NK, Adams PD: Newsletter of the IUCr Commission on Crystallographic Computing 2004, 3, 22-31.
;
? 
O1- ? ? 5.12366  3.84317 ? ? 3.49406  27.47979 ? ? 0.0 
;2-Gaussian fit: Grosse-Kunstleve RW, Sauter NK, Adams PD: Newsletter of the IUCr Commission on Crystallographic Computing 2004, 3, 22-31.
;
? 
P   ? ? 9.51135  5.44231 ? ? 1.42069  35.72801 ? ? 0.0 
;2-Gaussian fit: Grosse-Kunstleve RW, Sauter NK, Adams PD: Newsletter of the IUCr Commission on Crystallographic Computing 2004, 3, 22-31.
;
? 
# 
loop_
_atom_site.group_PDB 
_atom_site.id 
_atom_site.type_symbol 
_atom_site.label_atom_id 
_atom_site.label_alt_id 
_atom_site.label_comp_id 
_atom_site.label_asym_id 
_atom_site.label_entity_id 
_atom_site.label_seq_id 
_atom_site.pdbx_PDB_ins_code 
_atom_site.Cartn_x 
_atom_site.Cartn_y 
_atom_site.Cartn_z 
_atom_site.occupancy 
_atom_site.B_iso_or_equiv 
_atom_site.pdbx_formal_charge 
_atom_site.auth_seq_id 
_atom_site.auth_comp_id 
_atom_site.auth_asym_id 
_atom_site.auth_atom_id 
_atom_site.pdbx_PDB_model_num 
ATOM   1   C  "C4'" . DA  A 1 1  ? 8.75308   5.24865   -8.98970  1.000 77.04576  ?  1   DA  A "C4'" 1 
ATOM   2   C  "C3'" . DA  A 1 1  ? 7.99901   6.41233   -8.35927  1.000 78.47755  ?  1   DA  A "C3'" 1 
ATOM   3   O  "O3'" . DA  A 1 1  ? 8.77354   7.00033   -7.29450  1.000 81.29496  ?  1   DA  A "O3'" 1 
ATOM   4   C  "C2'" . DA  A 1 1  ? 7.84743   7.37098   -9.53882  1.000 79.35562  ?  1   DA  A "C2'" 1 
ATOM   5   P  P     . DG  A 1 2  ? 8.29818   6.86963   -5.75591  1.000 85.71323  ?  2   DG  A P     1 
ATOM   6   O  OP1   . DG  A 1 2  ? 6.81775   6.92905   -5.74731  1.000 84.77879  -1 2   DG  A OP1   1 
ATOM   7   O  OP2   . DG  A 1 2  ? 9.04876   7.84939   -4.93418  1.000 78.04374  ?  2   DG  A OP2   1 
ATOM   8   O  "O5'" . DG  A 1 2  ? 8.74943   5.38211   -5.35235  1.000 80.31052  ?  2   DG  A "O5'" 1 
ATOM   9   C  "C5'" . DG  A 1 2  ? 10.04663  4.89886   -5.74840  1.000 79.30233  ?  2   DG  A "C5'" 1 
ATOM   10  C  "C4'" . DG  A 1 2  ? 10.20524  3.42403   -5.42861  1.000 76.81343  ?  2   DG  A "C4'" 1 
ATOM   11  O  "O4'" . DG  A 1 2  ? 9.72584   3.16730   -4.08252  1.000 71.68739  ?  2   DG  A "O4'" 1 
ATOM   12  C  "C3'" . DG  A 1 2  ? 9.43295   2.47621   -6.34999  1.000 74.82401  ?  2   DG  A "C3'" 1 
ATOM   13  O  "O3'" . DG  A 1 2  ? 10.26934  1.42292   -6.77746  1.000 77.19240  ?  2   DG  A "O3'" 1 
ATOM   14  C  "C2'" . DG  A 1 2  ? 8.30563   1.95117   -5.47461  1.000 68.81251  ?  2   DG  A "C2'" 1 
ATOM   15  C  "C1'" . DG  A 1 2  ? 8.91374   2.02186   -4.08582  1.000 65.87448  ?  2   DG  A "C1'" 1 
ATOM   16  N  N9    . DG  A 1 2  ? 7.89404   2.16635   -3.05919  1.000 63.63245  ?  2   DG  A N9    1 
ATOM   17  C  C8    . DG  A 1 2  ? 7.21718   3.31323   -2.71665  1.000 63.10830  ?  2   DG  A C8    1 
ATOM   18  N  N7    . DG  A 1 2  ? 6.32671   3.12548   -1.77732  1.000 55.75135  ?  2   DG  A N7    1 
ATOM   19  C  C5    . DG  A 1 2  ? 6.41087   1.76777   -1.49950  1.000 51.96789  ?  2   DG  A C5    1 
ATOM   20  C  C6    . DG  A 1 2  ? 5.69056   0.99166   -0.57255  1.000 56.38643  ?  2   DG  A C6    1 
ATOM   21  O  O6    . DG  A 1 2  ? 4.80181   1.36300   0.21151   1.000 46.10383  ?  2   DG  A O6    1 
ATOM   22  N  N1    . DG  A 1 2  ? 6.07125   -0.34249  -0.61359  1.000 54.55506  ?  2   DG  A N1    1 
ATOM   23  C  C2    . DG  A 1 2  ? 7.04061   -0.85744  -1.43005  1.000 55.28015  ?  2   DG  A C2    1 
ATOM   24  N  N2    . DG  A 1 2  ? 7.27775   -2.17308  -1.30854  1.000 54.56640  ?  2   DG  A N2    1 
ATOM   25  N  N3    . DG  A 1 2  ? 7.72983   -0.14018  -2.30369  1.000 57.09353  ?  2   DG  A N3    1 
ATOM   26  C  C4    . DG  A 1 2  ? 7.35789   1.16229   -2.28480  1.000 57.89535  ?  2   DG  A C4    1 
ATOM   27  P  P     . DG  A 1 3  ? 9.92689   0.63574   -8.13494  1.000 83.15745  ?  3   DG  A P     1 
ATOM   28  O  OP1   . DG  A 1 3  ? 11.23425  0.27942   -8.74578  1.000 81.53388  ?  3   DG  A OP1   1 
ATOM   29  O  OP2   . DG  A 1 3  ? 8.93598   1.45046   -8.86935  1.000 80.36171  -1 3   DG  A OP2   1 
ATOM   30  O  "O5'" . DG  A 1 3  ? 9.17905   -0.69474  -7.64985  1.000 73.42531  ?  3   DG  A "O5'" 1 
ATOM   31  C  "C5'" . DG  A 1 3  ? 9.93634   -1.77606  -7.12024  1.000 75.18195  ?  3   DG  A "C5'" 1 
ATOM   32  C  "C4'" . DG  A 1 3  ? 9.04304   -2.95043  -6.75625  1.000 71.16059  ?  3   DG  A "C4'" 1 
ATOM   33  O  "O4'" . DG  A 1 3  ? 8.17539   -2.58907  -5.65119  1.000 67.07622  ?  3   DG  A "O4'" 1 
ATOM   34  C  "C3'" . DG  A 1 3  ? 8.12308   -3.45456  -7.87185  1.000 71.52287  ?  3   DG  A "C3'" 1 
ATOM   35  O  "O3'" . DG  A 1 3  ? 8.19223   -4.86490  -7.91336  1.000 72.53870  ?  3   DG  A "O3'" 1 
ATOM   36  C  "C2'" . DG  A 1 3  ? 6.73300   -2.97090  -7.43021  1.000 68.27728  ?  3   DG  A "C2'" 1 
ATOM   37  C  "C1'" . DG  A 1 3  ? 6.87047   -3.03054  -5.91646  1.000 65.09967  ?  3   DG  A "C1'" 1 
ATOM   38  N  N9    . DG  A 1 3  ? 5.95603   -2.15823  -5.17964  1.000 60.99104  ?  3   DG  A N9    1 
ATOM   39  C  C8    . DG  A 1 3  ? 5.83845   -0.79194  -5.28788  1.000 61.19987  ?  3   DG  A C8    1 
ATOM   40  N  N7    . DG  A 1 3  ? 4.96142   -0.27787  -4.45643  1.000 57.60652  ?  3   DG  A N7    1 
ATOM   41  C  C5    . DG  A 1 3  ? 4.49395   -1.36956  -3.74316  1.000 58.90305  ?  3   DG  A C5    1 
ATOM   42  C  C6    . DG  A 1 3  ? 3.52479   -1.43177  -2.71405  1.000 57.48954  ?  3   DG  A C6    1 
ATOM   43  O  O6    . DG  A 1 3  ? 2.87351   -0.49174  -2.21350  1.000 51.26017  ?  3   DG  A O6    1 
ATOM   44  N  N1    . DG  A 1 3  ? 3.33204   -2.73462  -2.27073  1.000 53.96350  ?  3   DG  A N1    1 
ATOM   45  C  C2    . DG  A 1 3  ? 3.99060   -3.83838  -2.75154  1.000 58.08843  ?  3   DG  A C2    1 
ATOM   46  N  N2    . DG  A 1 3  ? 3.67002   -5.01719  -2.18860  1.000 57.43248  ?  3   DG  A N2    1 
ATOM   47  N  N3    . DG  A 1 3  ? 4.89914   -3.79676  -3.72036  1.000 59.07704  ?  3   DG  A N3    1 
ATOM   48  C  C4    . DG  A 1 3  ? 5.09920   -2.53206  -4.16625  1.000 59.52085  ?  3   DG  A C4    1 
ATOM   49  P  P     . DG  A 1 4  ? 7.74827   -5.67215  -9.22655  1.000 83.93754  ?  4   DG  A P     1 
ATOM   50  O  OP1   . DG  A 1 4  ? 8.85986   -6.60024  -9.53895  1.000 81.35372  ?  4   DG  A OP1   1 
ATOM   51  O  OP2   . DG  A 1 4  ? 7.26323   -4.70790  -10.24445 1.000 79.87442  -1 4   DG  A OP2   1 
ATOM   52  O  "O5'" . DG  A 1 4  ? 6.52458   -6.55606  -8.71025  1.000 80.71816  ?  4   DG  A "O5'" 1 
ATOM   53  C  "C5'" . DG  A 1 4  ? 6.74644   -7.51951  -7.68603  1.000 85.63831  ?  4   DG  A "C5'" 1 
ATOM   54  C  "C4'" . DG  A 1 4  ? 5.43215   -8.09427  -7.18561  1.000 87.24969  ?  4   DG  A "C4'" 1 
ATOM   55  O  "O4'" . DG  A 1 4  ? 4.75849   -7.11698  -6.35387  1.000 77.16013  ?  4   DG  A "O4'" 1 
ATOM   56  C  "C3'" . DG  A 1 4  ? 4.43144   -8.48909  -8.27302  1.000 89.29706  ?  4   DG  A "C3'" 1 
ATOM   57  O  "O3'" . DG  A 1 4  ? 3.84603   -9.74230  -7.93822  1.000 97.66738  ?  4   DG  A "O3'" 1 
ATOM   58  C  "C2'" . DG  A 1 4  ? 3.40301   -7.35117  -8.22983  1.000 80.07770  ?  4   DG  A "C2'" 1 
ATOM   59  C  "C1'" . DG  A 1 4  ? 3.41251   -7.01925  -6.74632  1.000 73.25384  ?  4   DG  A "C1'" 1 
ATOM   60  N  N9    . DG  A 1 4  ? 2.93651   -5.68091  -6.39638  1.000 67.17876  ?  4   DG  A N9    1 
ATOM   61  C  C8    . DG  A 1 4  ? 3.32025   -4.47633  -6.94358  1.000 63.92136  ?  4   DG  A C8    1 
ATOM   62  N  N7    . DG  A 1 4  ? 2.74095   -3.44260  -6.38104  1.000 62.87895  ?  4   DG  A N7    1 
ATOM   63  C  C5    . DG  A 1 4  ? 1.93657   -4.00168  -5.38488  1.000 63.61060  ?  4   DG  A C5    1 
ATOM   64  C  C6    . DG  A 1 4  ? 1.05540   -3.38662  -4.44932  1.000 59.46836  ?  4   DG  A C6    1 
ATOM   65  O  O6    . DG  A 1 4  ? 0.80187   -2.18008  -4.29863  1.000 49.64894  ?  4   DG  A O6    1 
ATOM   66  N  N1    . DG  A 1 4  ? 0.43452   -4.32651  -3.63960  1.000 61.15753  ?  4   DG  A N1    1 
ATOM   67  C  C2    . DG  A 1 4  ? 0.63795   -5.68467  -3.70881  1.000 62.45045  ?  4   DG  A C2    1 
ATOM   68  N  N2    . DG  A 1 4  ? -0.05558  -6.43778  -2.84351  1.000 64.15706  ?  4   DG  A N2    1 
ATOM   69  N  N3    . DG  A 1 4  ? 1.44264   -6.27047  -4.57733  1.000 63.22940  ?  4   DG  A N3    1 
ATOM   70  C  C4    . DG  A 1 4  ? 2.05651   -5.37308  -5.38114  1.000 65.59779  ?  4   DG  A C4    1 
ATOM   71  P  P     . DA  A 1 5  ? 3.79699   -10.92544 -9.02118  1.000 108.48722 ?  5   DA  A P     1 
ATOM   72  O  OP1   . DA  A 1 5  ? 4.42000   -10.39764 -10.25354 1.000 112.37238 ?  5   DA  A OP1   1 
ATOM   73  O  OP2   . DA  A 1 5  ? 2.40416   -11.42476 -9.06451  1.000 111.00017 ?  5   DA  A OP2   1 
ATOM   74  O  "O5'" . DA  A 1 5  ? 4.74388   -12.08050 -8.41223  1.000 125.32462 ?  5   DA  A "O5'" 1 
ATOM   75  C  "C5'" . DA  A 1 5  ? 5.87589   -11.74665 -7.58383  1.000 130.49198 ?  5   DA  A "C5'" 1 
ATOM   76  C  "C4'" . DA  A 1 5  ? 7.17996   -12.32031 -8.14371  1.000 144.24387 ?  5   DA  A "C4'" 1 
ATOM   77  O  "O4'" . DA  A 1 5  ? 8.30205   -11.79106 -7.38411  1.000 151.67257 ?  5   DA  A "O4'" 1 
ATOM   78  C  "C3'" . DA  A 1 5  ? 7.31424   -13.84317 -8.08156  1.000 151.78452 ?  5   DA  A "C3'" 1 
ATOM   79  O  "O3'" . DA  A 1 5  ? 6.90213   -14.43785 -9.33512  1.000 153.42353 ?  5   DA  A "O3'" 1 
ATOM   80  C  "C2'" . DA  A 1 5  ? 8.80094   -14.06066 -7.79519  1.000 157.89524 ?  5   DA  A "C2'" 1 
ATOM   81  C  "C1'" . DA  A 1 5  ? 9.15284   -12.84043 -6.95845  1.000 157.10860 ?  5   DA  A "C1'" 1 
ATOM   82  N  N9    . DA  A 1 5  ? 8.96348   -13.04322 -5.52484  1.000 158.32328 ?  5   DA  A N9    1 
ATOM   83  P  P     . DA  A 1 6  ? 7.91153   -14.58756 -10.58731 1.000 159.46761 ?  6   DA  A P     1 
ATOM   84  O  OP1   . DA  A 1 6  ? 8.74349   -13.36807 -10.72142 1.000 160.46629 ?  6   DA  A OP1   1 
ATOM   85  O  OP2   . DA  A 1 6  ? 7.07876   -15.02409 -11.73191 1.000 156.41596 ?  6   DA  A OP2   1 
ATOM   86  O  "O5'" . DA  A 1 6  ? 8.85045   -15.82935 -10.20673 1.000 163.10594 ?  6   DA  A "O5'" 1 
ATOM   87  C  "C5'" . DA  A 1 6  ? 9.79005   -16.33285 -11.15310 1.000 165.33658 ?  6   DA  A "C5'" 1 
ATOM   88  C  "C4'" . DA  A 1 6  ? 11.08170  -16.73820 -10.46553 1.000 168.81195 ?  6   DA  A "C4'" 1 
ATOM   89  O  "O4'" . DA  A 1 6  ? 11.66333  -17.87546 -11.15533 1.000 172.13131 ?  6   DA  A "O4'" 1 
ATOM   90  C  "C3'" . DA  A 1 6  ? 12.16390  -15.65785 -10.43628 1.000 169.26779 ?  6   DA  A "C3'" 1 
ATOM   91  O  "O3'" . DA  A 1 6  ? 12.80957  -15.64688 -9.17260  1.000 171.81203 ?  6   DA  A "O3'" 1 
ATOM   92  C  "C2'" . DA  A 1 6  ? 13.11828  -16.09241 -11.54416 1.000 167.52837 ?  6   DA  A "C2'" 1 
ATOM   93  C  "C1'" . DA  A 1 6  ? 13.01242  -17.60518 -11.45654 1.000 173.37174 ?  6   DA  A "C1'" 1 
ATOM   94  P  P     . DA  A 1 7  ? 13.61919  -14.34394 -8.69332  1.000 173.77866 ?  7   DA  A P     1 
ATOM   95  O  OP1   . DA  A 1 7  ? 12.66824  -13.20659 -8.69772  1.000 167.84562 ?  7   DA  A OP1   1 
ATOM   96  O  OP2   . DA  A 1 7  ? 14.86100  -14.26323 -9.49774  1.000 170.14500 ?  7   DA  A OP2   1 
ATOM   97  O  "O5'" . DA  A 1 7  ? 14.01318  -14.67517 -7.17576  1.000 169.34044 ?  7   DA  A "O5'" 1 
ATOM   98  C  "C5'" . DA  A 1 7  ? 12.99398  -14.86873 -6.19369  1.000 166.65177 ?  7   DA  A "C5'" 1 
ATOM   99  C  "C4'" . DA  A 1 7  ? 12.65071  -13.55868 -5.50658  1.000 161.83582 ?  7   DA  A "C4'" 1 
ATOM   100 O  "O4'" . DA  A 1 7  ? 12.01242  -13.83675 -4.23569  1.000 162.07449 ?  7   DA  A "O4'" 1 
ATOM   101 C  "C3'" . DA  A 1 7  ? 13.84784  -12.69326 -5.15884  1.000 156.62479 ?  7   DA  A "C3'" 1 
ATOM   102 O  "O3'" . DA  A 1 7  ? 13.44532  -11.33482 -5.03348  1.000 150.43809 ?  7   DA  A "O3'" 1 
ATOM   103 C  "C2'" . DA  A 1 7  ? 14.27134  -13.27567 -3.81831  1.000 155.18149 ?  7   DA  A "C2'" 1 
ATOM   104 C  "C1'" . DA  A 1 7  ? 12.91924  -13.57941 -3.17615  1.000 158.84376 ?  7   DA  A "C1'" 1 
ATOM   105 P  P     . DA  A 1 8  ? 14.06649  -10.21573 -6.00628  1.000 147.29006 ?  8   DA  A P     1 
ATOM   106 O  OP1   . DA  A 1 8  ? 13.16327  -10.06611 -7.16945  1.000 148.54118 ?  8   DA  A OP1   1 
ATOM   107 O  OP2   . DA  A 1 8  ? 15.49399  -10.55449 -6.21685  1.000 144.99112 ?  8   DA  A OP2   1 
ATOM   108 O  "O5'" . DA  A 1 8  ? 14.01730  -8.87682  -5.13270  1.000 137.65434 ?  8   DA  A "O5'" 1 
ATOM   109 C  "C5'" . DA  A 1 8  ? 12.90998  -8.61678  -4.27818  1.000 128.51975 ?  8   DA  A "C5'" 1 
ATOM   110 C  "C4'" . DA  A 1 8  ? 13.38643  -8.24822  -2.88232  1.000 123.34562 ?  8   DA  A "C4'" 1 
ATOM   111 O  "O4'" . DA  A 1 8  ? 13.79224  -9.45061  -2.17660  1.000 132.66040 ?  8   DA  A "O4'" 1 
ATOM   112 C  "C3'" . DA  A 1 8  ? 14.58629  -7.29468  -2.83755  1.000 123.15556 ?  8   DA  A "C3'" 1 
ATOM   113 O  "O3'" . DA  A 1 8  ? 14.35319  -6.24453  -1.89361  1.000 112.24495 ?  8   DA  A "O3'" 1 
ATOM   114 C  "C2'" . DA  A 1 8  ? 15.74905  -8.19514  -2.41168  1.000 134.28369 ?  8   DA  A "C2'" 1 
ATOM   115 C  "C1'" . DA  A 1 8  ? 15.04136  -9.24008  -1.56345  1.000 139.14951 ?  8   DA  A "C1'" 1 
ATOM   116 N  N9    . DA  A 1 8  ? 15.74655  -10.51954 -1.49986  1.000 150.46103 ?  8   DA  A N9    1 
ATOM   117 C  C8    . DA  A 1 8  ? 17.01390  -10.78622 -1.93757  1.000 153.82520 ?  8   DA  A C8    1 
ATOM   118 N  N7    . DA  A 1 8  ? 17.38884  -12.03051 -1.74832  1.000 159.17681 ?  8   DA  A N7    1 
ATOM   119 C  C5    . DA  A 1 8  ? 16.29164  -12.62075 -1.14403  1.000 158.97913 ?  8   DA  A C5    1 
ATOM   120 C  C4    . DA  A 1 8  ? 15.27034  -11.70326 -0.98354  1.000 155.23445 ?  8   DA  A C4    1 
ATOM   121 P  P     . DG  A 1 9  ? 14.55217  -4.70650  -2.32720  1.000 109.49947 ?  9   DG  A P     1 
ATOM   122 O  OP1   . DG  A 1 9  ? 14.51222  -4.65328  -3.80502  1.000 119.53269 ?  9   DG  A OP1   1 
ATOM   123 O  OP2   . DG  A 1 9  ? 15.72942  -4.16657  -1.60140  1.000 104.67984 ?  9   DG  A OP2   1 
ATOM   124 O  "O5'" . DG  A 1 9  ? 13.23166  -3.98773  -1.81203  1.000 95.14243  ?  9   DG  A "O5'" 1 
ATOM   125 C  "C5'" . DG  A 1 9  ? 12.00079  -4.67575  -1.88547  1.000 93.22232  ?  9   DG  A "C5'" 1 
ATOM   126 C  "C4'" . DG  A 1 9  ? 11.72903  -5.35647  -0.56593  1.000 87.88913  ?  9   DG  A "C4'" 1 
ATOM   127 O  "O4'" . DG  A 1 9  ? 11.72719  -4.35270  0.46331   1.000 79.16744  ?  9   DG  A "O4'" 1 
ATOM   128 C  "C3'" . DG  A 1 9  ? 10.40412  -6.10974  -0.48761  1.000 84.37051  ?  9   DG  A "C3'" 1 
ATOM   129 O  "O3'" . DG  A 1 9  ? 10.65174  -7.50447  -0.48546  1.000 90.36004  ?  9   DG  A "O3'" 1 
ATOM   130 C  "C2'" . DG  A 1 9  ? 9.76713   -5.67867  0.83058   1.000 74.27139  ?  9   DG  A "C2'" 1 
ATOM   131 C  "C1'" . DG  A 1 9  ? 10.64832  -4.53747  1.33990   1.000 72.70769  ?  9   DG  A "C1'" 1 
ATOM   132 N  N9    . DG  A 1 9  ? 9.93006   -3.27545  1.49224   1.000 67.68596  ?  9   DG  A N9    1 
ATOM   133 C  C8    . DG  A 1 9  ? 10.18358  -2.06086  0.88715   1.000 66.23658  ?  9   DG  A C8    1 
ATOM   134 N  N7    . DG  A 1 9  ? 9.34226   -1.11468  1.25175   1.000 55.98433  ?  9   DG  A N7    1 
ATOM   135 C  C5    . DG  A 1 9  ? 8.49440   -1.75989  2.14146   1.000 55.29284  ?  9   DG  A C5    1 
ATOM   136 C  C6    . DG  A 1 9  ? 7.40156   -1.26296  2.87323   1.000 60.27685  ?  9   DG  A C6    1 
ATOM   137 O  O6    . DG  A 1 9  ? 6.94851   -0.10873  2.87750   1.000 59.90009  ?  9   DG  A O6    1 
ATOM   138 N  N1    . DG  A 1 9  ? 6.81912   -2.26609  3.66035   1.000 58.32877  ?  9   DG  A N1    1 
ATOM   139 C  C2    . DG  A 1 9  ? 7.27743   -3.56807  3.71841   1.000 59.06426  ?  9   DG  A C2    1 
ATOM   140 N  N2    . DG  A 1 9  ? 6.64343   -4.39522  4.51897   1.000 62.67553  ?  9   DG  A N2    1 
ATOM   141 N  N3    . DG  A 1 9  ? 8.29926   -4.02147  3.05045   1.000 58.82118  ?  9   DG  A N3    1 
ATOM   142 C  C4    . DG  A 1 9  ? 8.85228   -3.07917  2.28930   1.000 57.01818  ?  9   DG  A C4    1 
ATOM   143 P  P     . DG  A 1 10 ? 9.63926   -8.49896  -1.22979  1.000 89.34169  ?  10  DG  A P     1 
ATOM   144 O  OP1   . DG  A 1 10 ? 10.22307  -9.85951  -1.19383  1.000 98.37393  ?  10  DG  A OP1   1 
ATOM   145 O  OP2   . DG  A 1 10 ? 9.30380   -7.85921  -2.52146  1.000 93.30267  -1 10  DG  A OP2   1 
ATOM   146 O  "O5'" . DG  A 1 10 ? 8.33240   -8.49242  -0.30911  1.000 80.79501  ?  10  DG  A "O5'" 1 
ATOM   147 C  "C5'" . DG  A 1 10 ? 8.36677   -9.09691  0.97407   1.000 81.82382  ?  10  DG  A "C5'" 1 
ATOM   148 C  "C4'" . DG  A 1 10 ? 6.98637   -9.08290  1.60771   1.000 76.73986  ?  10  DG  A "C4'" 1 
ATOM   149 O  "O4'" . DG  A 1 10 ? 6.61855   -7.72305  1.97125   1.000 72.23899  ?  10  DG  A "O4'" 1 
ATOM   150 C  "C3'" . DG  A 1 10 ? 5.85477   -9.59940  0.72050   1.000 73.82767  ?  10  DG  A "C3'" 1 
ATOM   151 O  "O3'" . DG  A 1 10 ? 5.00215   -10.40461 1.49503   1.000 75.60540  ?  10  DG  A "O3'" 1 
ATOM   152 C  "C2'" . DG  A 1 10 ? 5.14860   -8.31714  0.26744   1.000 70.32247  ?  10  DG  A "C2'" 1 
ATOM   153 C  "C1'" . DG  A 1 10 ? 5.31850   -7.44230  1.49929   1.000 67.27696  ?  10  DG  A "C1'" 1 
ATOM   154 N  N9    . DG  A 1 10 ? 5.24517   -6.00639  1.23302   1.000 62.17878  ?  10  DG  A N9    1 
ATOM   155 C  C8    . DG  A 1 10 ? 5.98748   -5.29925  0.32305   1.000 61.97951  ?  10  DG  A C8    1 
ATOM   156 N  N7    . DG  A 1 10 ? 5.72938   -4.01676  0.31621   1.000 57.63390  ?  10  DG  A N7    1 
ATOM   157 C  C5    . DG  A 1 10 ? 4.76987   -3.86052  1.30546   1.000 57.84784  ?  10  DG  A C5    1 
ATOM   158 C  C6    . DG  A 1 10 ? 4.11301   -2.69374  1.74907   1.000 54.38500  ?  10  DG  A C6    1 
ATOM   159 O  O6    . DG  A 1 10 ? 4.27534   -1.51726  1.34744   1.000 50.33392  ?  10  DG  A O6    1 
ATOM   160 N  N1    . DG  A 1 10 ? 3.18871   -2.97740  2.75957   1.000 53.79271  ?  10  DG  A N1    1 
ATOM   161 C  C2    . DG  A 1 10 ? 2.95533   -4.23323  3.27604   1.000 57.60032  ?  10  DG  A C2    1 
ATOM   162 N  N2    . DG  A 1 10 ? 2.04677   -4.31368  4.24962   1.000 57.33712  ?  10  DG  A N2    1 
ATOM   163 N  N3    . DG  A 1 10 ? 3.56924   -5.33509  2.86775   1.000 59.01751  ?  10  DG  A N3    1 
ATOM   164 C  C4    . DG  A 1 10 ? 4.45633   -5.07581  1.88002   1.000 59.50672  ?  10  DG  A C4    1 
ATOM   165 P  P     . DG  A 1 11 ? 3.88713   -11.31401 0.79447   1.000 77.47637  ?  11  DG  A P     1 
ATOM   166 O  OP1   . DG  A 1 11 ? 4.06485   -12.69183 1.31740   1.000 75.51152  -1 11  DG  A OP1   1 
ATOM   167 O  OP2   . DG  A 1 11 ? 3.93796   -11.06133 -0.66387  1.000 78.71927  ?  11  DG  A OP2   1 
ATOM   168 O  "O5'" . DG  A 1 11 ? 2.50689   -10.71721 1.36447   1.000 76.15767  ?  11  DG  A "O5'" 1 
ATOM   169 C  "C5'" . DG  A 1 11 ? 2.39316   -10.39087 2.75861   1.000 75.09619  ?  11  DG  A "C5'" 1 
ATOM   170 C  "C4'" . DG  A 1 11 ? 1.04858   -9.74489  3.06884   1.000 75.64221  ?  11  DG  A "C4'" 1 
ATOM   171 O  "O4'" . DG  A 1 11 ? 1.15959   -8.30267  2.94349   1.000 69.18987  ?  11  DG  A "O4'" 1 
ATOM   172 C  "C3'" . DG  A 1 11 ? -0.09668  -10.16287 2.14677   1.000 77.26195  ?  11  DG  A "C3'" 1 
ATOM   173 O  "O3'" . DG  A 1 11 ? -1.29089  -10.34080 2.89281   1.000 81.69594  ?  11  DG  A "O3'" 1 
ATOM   174 C  "C2'" . DG  A 1 11 ? -0.21415  -8.98303  1.18862   1.000 72.96999  ?  11  DG  A "C2'" 1 
ATOM   175 C  "C1'" . DG  A 1 11 ? 0.13131   -7.82542  2.10454   1.000 69.07928  ?  11  DG  A "C1'" 1 
ATOM   176 N  N9    . DG  A 1 11 ? 0.62879   -6.65710  1.39190   1.000 64.08788  ?  11  DG  A N9    1 
ATOM   177 C  C8    . DG  A 1 11 ? 1.67279   -6.62033  0.50151   1.000 60.37868  ?  11  DG  A C8    1 
ATOM   178 N  N7    . DG  A 1 11 ? 1.89912   -5.43279  0.01859   1.000 60.45636  ?  11  DG  A N7    1 
ATOM   179 C  C5    . DG  A 1 11 ? 0.95628   -4.62506  0.63281   1.000 56.53491  ?  11  DG  A C5    1 
ATOM   180 C  C6    . DG  A 1 11 ? 0.70861   -3.24734  0.47712   1.000 54.80171  ?  11  DG  A C6    1 
ATOM   181 O  O6    . DG  A 1 11 ? 1.31691   -2.43509  -0.24074  1.000 58.83540  ?  11  DG  A O6    1 
ATOM   182 N  N1    . DG  A 1 11 ? -0.35223  -2.81916  1.26617   1.000 58.91248  ?  11  DG  A N1    1 
ATOM   183 C  C2    . DG  A 1 11 ? -1.10158  -3.63932  2.09617   1.000 61.00152  ?  11  DG  A C2    1 
ATOM   184 N  N2    . DG  A 1 11 ? -2.09181  -3.04687  2.78713   1.000 59.98680  ?  11  DG  A N2    1 
ATOM   185 N  N3    . DG  A 1 11 ? -0.88705  -4.94267  2.23908   1.000 61.39708  ?  11  DG  A N3    1 
ATOM   186 C  C4    . DG  A 1 11 ? 0.15474   -5.36553  1.47690   1.000 62.93892  ?  11  DG  A C4    1 
ATOM   187 P  P     . DG  A 1 12 ? -2.58572  -10.97105 2.18476   1.000 85.47665  ?  12  DG  A P     1 
ATOM   188 O  OP1   . DG  A 1 12 ? -3.11694  -12.00861 3.09719   1.000 88.64073  ?  12  DG  A OP1   1 
ATOM   189 O  OP2   . DG  A 1 12 ? -2.20168  -11.34530 0.80255   1.000 91.12132  -1 12  DG  A OP2   1 
ATOM   190 O  "O5'" . DG  A 1 12 ? -3.61810  -9.74166  2.09552   1.000 83.38804  ?  12  DG  A "O5'" 1 
ATOM   191 C  "C5'" . DG  A 1 12 ? -4.05031  -9.08748  3.29025   1.000 81.93447  ?  12  DG  A "C5'" 1 
ATOM   192 C  "C4'" . DG  A 1 12 ? -5.06568  -7.98664  3.00002   1.000 82.13083  ?  12  DG  A "C4'" 1 
ATOM   193 O  "O4'" . DG  A 1 12 ? -4.39722  -6.81388  2.47225   1.000 78.44679  ?  12  DG  A "O4'" 1 
ATOM   194 C  "C3'" . DG  A 1 12 ? -6.15017  -8.32592  1.98178   1.000 80.66104  ?  12  DG  A "C3'" 1 
ATOM   195 O  "O3'" . DG  A 1 12 ? -7.34762  -7.63121  2.32889   1.000 83.16628  ?  12  DG  A "O3'" 1 
ATOM   196 C  "C2'" . DG  A 1 12 ? -5.55138  -7.75469  0.69097   1.000 74.38612  ?  12  DG  A "C2'" 1 
ATOM   197 C  "C1'" . DG  A 1 12 ? -4.97689  -6.46423  1.22908   1.000 73.73091  ?  12  DG  A "C1'" 1 
ATOM   198 N  N9    . DG  A 1 12 ? -3.93785  -5.84212  0.40237   1.000 66.81527  ?  12  DG  A N9    1 
ATOM   199 C  C8    . DG  A 1 12 ? -2.81964  -6.43800  -0.12680  1.000 63.82493  ?  12  DG  A C8    1 
ATOM   200 N  N7    . DG  A 1 12 ? -2.05258  -5.60473  -0.78728  1.000 66.71787  ?  12  DG  A N7    1 
ATOM   201 C  C5    . DG  A 1 12 ? -2.70876  -4.38186  -0.68157  1.000 64.82940  ?  12  DG  A C5    1 
ATOM   202 C  C6    . DG  A 1 12 ? -2.36911  -3.10629  -1.20037  1.000 64.23400  ?  12  DG  A C6    1 
ATOM   203 O  O6    . DG  A 1 12 ? -1.37647  -2.78526  -1.87776  1.000 55.53068  ?  12  DG  A O6    1 
ATOM   204 N  N1    . DG  A 1 12 ? -3.31582  -2.14211  -0.85945  1.000 61.23005  ?  12  DG  A N1    1 
ATOM   205 C  C2    . DG  A 1 12 ? -4.44597  -2.37903  -0.11408  1.000 61.22378  ?  12  DG  A C2    1 
ATOM   206 N  N2    . DG  A 1 12 ? -5.24125  -1.32038  0.11516   1.000 55.05656  ?  12  DG  A N2    1 
ATOM   207 N  N3    . DG  A 1 12 ? -4.77414  -3.56364  0.37811   1.000 63.09883  ?  12  DG  A N3    1 
ATOM   208 C  C4    . DG  A 1 12 ? -3.86746  -4.51584  0.05012   1.000 63.42313  ?  12  DG  A C4    1 
ATOM   209 P  P     . DA  A 1 13 ? -8.35307  -8.18994  3.45641   1.000 90.91534  ?  13  DA  A P     1 
ATOM   210 O  OP1   . DA  A 1 13 ? -8.44609  -9.65800  3.30741   1.000 89.98300  -1 13  DA  A OP1   1 
ATOM   211 O  OP2   . DA  A 1 13 ? -9.56641  -7.34235  3.37715   1.000 81.99165  ?  13  DA  A OP2   1 
ATOM   212 O  "O5'" . DA  A 1 13 ? -7.60993  -7.87621  4.84279   1.000 93.13696  ?  13  DA  A "O5'" 1 
ATOM   213 C  "C5'" . DA  A 1 13 ? -7.53420  -6.53602  5.32652   1.000 93.73841  ?  13  DA  A "C5'" 1 
ATOM   214 C  "C4'" . DA  A 1 13 ? -7.28058  -6.51888  6.82398   1.000 101.94420 ?  13  DA  A "C4'" 1 
ATOM   215 O  "O4'" . DA  A 1 13 ? -8.22295  -7.39402  7.46898   1.000 114.64944 ?  13  DA  A "O4'" 1 
ATOM   216 C  "C3'" . DA  A 1 13 ? -5.90132  -7.01854  7.25039   1.000 100.75873 ?  13  DA  A "C3'" 1 
ATOM   217 O  "O3'" . DA  A 1 13 ? -5.03889  -5.91225  7.50402   1.000 91.89602  ?  13  DA  A "O3'" 1 
ATOM   218 C  "C2'" . DA  A 1 13 ? -6.15835  -7.83228  8.53385   1.000 116.19548 ?  13  DA  A "C2'" 1 
ATOM   219 C  "C1'" . DA  A 1 13 ? -7.68365  -7.83411  8.68960   1.000 124.27157 ?  13  DA  A "C1'" 1 
ATOM   220 N  N9    . DA  A 1 13 ? -8.23561  -9.15572  8.98180   1.000 135.73180 ?  13  DA  A N9    1 
ATOM   221 C  C8    . DA  A 1 13 ? -7.67628  -10.36460 8.67642   1.000 139.39238 ?  13  DA  A C8    1 
ATOM   222 N  N7    . DA  A 1 13 ? -8.39702  -11.39257 9.05323   1.000 146.87065 ?  13  DA  A N7    1 
ATOM   223 C  C5    . DA  A 1 13 ? -9.50976  -10.81962 9.64617   1.000 147.42321 ?  13  DA  A C5    1 
ATOM   224 C  C6    . DA  A 1 13 ? -10.65579 -11.37547 10.25229  1.000 149.92912 ?  13  DA  A C6    1 
ATOM   225 N  N6    . DA  A 1 13 ? -10.87150 -12.69125 10.35554  1.000 150.00005 ?  13  DA  A N6    1 
ATOM   226 N  N1    . DA  A 1 13 ? -11.57724 -10.52218 10.74449  1.000 147.91590 ?  13  DA  A N1    1 
ATOM   227 C  C2    . DA  A 1 13 ? -11.36031 -9.20555  10.63711  1.000 143.94041 ?  13  DA  A C2    1 
ATOM   228 N  N3    . DA  A 1 13 ? -10.32620 -8.56728  10.08998  1.000 141.60562 ?  13  DA  A N3    1 
ATOM   229 C  C4    . DA  A 1 13 ? -9.42687  -9.44051  9.60983   1.000 141.07772 ?  13  DA  A C4    1 
ATOM   230 P  P     . DG  A 1 14 ? -3.44946  -6.13129  7.62382   1.000 93.33342  ?  14  DG  A P     1 
ATOM   231 O  OP1   . DG  A 1 14 ? -2.98504  -6.58371  6.29333   1.000 87.50520  ?  14  DG  A OP1   1 
ATOM   232 O  OP2   . DG  A 1 14 ? -3.16452  -6.95696  8.81983   1.000 98.16277  -1 14  DG  A OP2   1 
ATOM   233 O  "O5'" . DG  A 1 14 ? -2.87718  -4.66023  7.87830   1.000 84.12493  ?  14  DG  A "O5'" 1 
ATOM   234 C  "C5'" . DG  A 1 14 ? -3.38541  -3.86758  8.94356   1.000 83.55804  ?  14  DG  A "C5'" 1 
ATOM   235 C  "C4'" . DG  A 1 14 ? -3.62010  -2.43793  8.48655   1.000 77.81317  ?  14  DG  A "C4'" 1 
ATOM   236 O  "O4'" . DG  A 1 14 ? -2.38128  -1.87677  7.97226   1.000 71.17873  ?  14  DG  A "O4'" 1 
ATOM   237 C  "C3'" . DG  A 1 14 ? -4.65923  -2.27924  7.37287   1.000 73.00580  ?  14  DG  A "C3'" 1 
ATOM   238 O  "O3'" . DG  A 1 14 ? -5.54026  -1.24700  7.69262   1.000 69.95006  ?  14  DG  A "O3'" 1 
ATOM   239 C  "C2'" . DG  A 1 14 ? -3.83323  -1.91112  6.14739   1.000 68.14103  ?  14  DG  A "C2'" 1 
ATOM   240 C  "C1'" . DG  A 1 14 ? -2.64432  -1.18703  6.77731   1.000 66.79960  ?  14  DG  A "C1'" 1 
ATOM   241 N  N9    . DG  A 1 14 ? -1.45059  -1.22736  5.93328   1.000 59.82509  ?  14  DG  A N9    1 
ATOM   242 C  C8    . DG  A 1 14 ? -0.64864  -2.31813  5.68982   1.000 62.98042  ?  14  DG  A C8    1 
ATOM   243 N  N7    . DG  A 1 14 ? 0.34934   -2.06318  4.88780   1.000 57.19695  ?  14  DG  A N7    1 
ATOM   244 C  C5    . DG  A 1 14 ? 0.19648   -0.72078  4.56813   1.000 55.40677  ?  14  DG  A C5    1 
ATOM   245 C  C6    . DG  A 1 14 ? 0.97273   0.10825   3.72305   1.000 56.15048  ?  14  DG  A C6    1 
ATOM   246 O  O6    . DG  A 1 14 ? 1.99100   -0.18977  3.06795   1.000 50.43159  ?  14  DG  A O6    1 
ATOM   247 N  N1    . DG  A 1 14 ? 0.47298   1.39632   3.67219   1.000 55.93572  ?  14  DG  A N1    1 
ATOM   248 C  C2    . DG  A 1 14 ? -0.63121  1.83894   4.36065   1.000 55.09194  ?  14  DG  A C2    1 
ATOM   249 N  N2    . DG  A 1 14 ? -0.95486  3.12657   4.18435   1.000 53.77321  ?  14  DG  A N2    1 
ATOM   250 N  N3    . DG  A 1 14 ? -1.37620  1.07348   5.15016   1.000 53.80629  ?  14  DG  A N3    1 
ATOM   251 C  C4    . DG  A 1 14 ? -0.90897  -0.19123  5.20272   1.000 57.24543  ?  14  DG  A C4    1 
ATOM   252 P  P     . DG  A 1 15 ? -6.93084  -1.12339  6.89785   1.000 80.03703  ?  15  DG  A P     1 
ATOM   253 O  OP1   . DG  A 1 15 ? -7.90151  -0.61073  7.89213   1.000 74.26169  ?  15  DG  A OP1   1 
ATOM   254 O  OP2   . DG  A 1 15 ? -7.18154  -2.40051  6.19102   1.000 77.04265  -1 15  DG  A OP2   1 
ATOM   255 O  "O5'" . DG  A 1 15 ? -6.64487  -0.01154  5.78981   1.000 68.28175  ?  15  DG  A "O5'" 1 
ATOM   256 C  "C5'" . DG  A 1 15 ? -6.84717  1.34408   6.11002   1.000 67.59604  ?  15  DG  A "C5'" 1 
ATOM   257 C  "C4'" . DG  A 1 15 ? -6.69834  2.19256   4.87982   1.000 68.05636  ?  15  DG  A "C4'" 1 
ATOM   258 O  "O4'" . DG  A 1 15 ? -5.34849  2.03810   4.38490   1.000 62.47049  ?  15  DG  A "O4'" 1 
ATOM   259 C  "C3'" . DG  A 1 15 ? -7.63903  1.81440   3.72915   1.000 67.51393  ?  15  DG  A "C3'" 1 
ATOM   260 O  "O3'" . DG  A 1 15 ? -8.42844  2.93342   3.34050   1.000 71.47077  ?  15  DG  A "O3'" 1 
ATOM   261 C  "C2'" . DG  A 1 15 ? -6.71118  1.37418   2.60103   1.000 62.94433  ?  15  DG  A "C2'" 1 
ATOM   262 C  "C1'" . DG  A 1 15 ? -5.37441  2.00616   2.99332   1.000 62.37145  ?  15  DG  A "C1'" 1 
ATOM   263 N  N9    . DG  A 1 15 ? -4.24196  1.24169   2.52946   1.000 55.30727  ?  15  DG  A N9    1 
ATOM   264 C  C8    . DG  A 1 15 ? -3.94504  -0.07186  2.80275   1.000 59.14034  ?  15  DG  A C8    1 
ATOM   265 N  N7    . DG  A 1 15 ? -2.83020  -0.48160  2.22244   1.000 56.54377  ?  15  DG  A N7    1 
ATOM   266 C  C5    . DG  A 1 15 ? -2.37329  0.63987   1.53997   1.000 53.36868  ?  15  DG  A C5    1 
ATOM   267 C  C6    . DG  A 1 15 ? -1.23719  0.80443   0.71837   1.000 57.23723  ?  15  DG  A C6    1 
ATOM   268 O  O6    . DG  A 1 15 ? -0.36198  -0.03776  0.44026   1.000 44.18556  ?  15  DG  A O6    1 
ATOM   269 N  N1    . DG  A 1 15 ? -1.15782  2.09981   0.20691   1.000 53.00754  ?  15  DG  A N1    1 
ATOM   270 C  C2    . DG  A 1 15 ? -2.06399  3.10194   0.47301   1.000 53.70204  ?  15  DG  A C2    1 
ATOM   271 N  N2    . DG  A 1 15 ? -1.83470  4.29532   -0.09510  1.000 51.26785  ?  15  DG  A N2    1 
ATOM   272 N  N3    . DG  A 1 15 ? -3.12692  2.94698   1.22919   1.000 59.36984  ?  15  DG  A N3    1 
ATOM   273 C  C4    . DG  A 1 15 ? -3.22330  1.70004   1.72166   1.000 58.70197  ?  15  DG  A C4    1 
ATOM   274 P  P     . DG  A 1 16 ? -9.44168  2.81916   2.08793   1.000 73.65281  ?  16  DG  A P     1 
ATOM   275 O  OP1   . DG  A 1 16 ? -10.70678 3.47029   2.51873   1.000 75.44921  ?  16  DG  A OP1   1 
ATOM   276 O  OP2   . DG  A 1 16 ? -9.41789  1.41727   1.61407   1.000 68.80611  -1 16  DG  A OP2   1 
ATOM   277 O  "O5'" . DG  A 1 16 ? -8.76913  3.71592   0.95508   1.000 75.07988  ?  16  DG  A "O5'" 1 
ATOM   278 C  "C5'" . DG  A 1 16 ? -8.47754  5.08010   1.21595   1.000 77.57158  ?  16  DG  A "C5'" 1 
ATOM   279 C  "C4'" . DG  A 1 16 ? -7.84513  5.73565   0.00563   1.000 77.79370  ?  16  DG  A "C4'" 1 
ATOM   280 O  "O4'" . DG  A 1 16 ? -6.55210  5.12711   -0.25900  1.000 71.17094  ?  16  DG  A "O4'" 1 
ATOM   281 C  "C3'" . DG  A 1 16 ? -8.63231  5.59180   -1.29065  1.000 78.71979  ?  16  DG  A "C3'" 1 
ATOM   282 O  "O3'" . DG  A 1 16 ? -8.37240  6.70658   -2.12120  1.000 82.22915  ?  16  DG  A "O3'" 1 
ATOM   283 C  "C2'" . DG  A 1 16 ? -8.02757  4.33012   -1.88615  1.000 71.66613  ?  16  DG  A "C2'" 1 
ATOM   284 C  "C1'" . DG  A 1 16 ? -6.56517  4.55831   -1.55610  1.000 65.96767  ?  16  DG  A "C1'" 1 
ATOM   285 N  N9    . DG  A 1 16 ? -5.76323  3.34523   -1.53149  1.000 58.77976  ?  16  DG  A N9    1 
ATOM   286 C  C8    . DG  A 1 16 ? -6.00993  2.19180   -0.82580  1.000 60.83894  ?  16  DG  A C8    1 
ATOM   287 N  N7    . DG  A 1 16 ? -5.08340  1.27544   -0.98974  1.000 61.34887  ?  16  DG  A N7    1 
ATOM   288 C  C5    . DG  A 1 16 ? -4.16609  1.86921   -1.84704  1.000 60.46674  ?  16  DG  A C5    1 
ATOM   289 C  C6    . DG  A 1 16 ? -2.96394  1.36145   -2.38457  1.000 58.79571  ?  16  DG  A C6    1 
ATOM   290 O  O6    . DG  A 1 16 ? -2.44841  0.24729   -2.19266  1.000 50.70514  ?  16  DG  A O6    1 
ATOM   291 N  N1    . DG  A 1 16 ? -2.34984  2.27967   -3.22446  1.000 59.09104  ?  16  DG  A N1    1 
ATOM   292 C  C2    . DG  A 1 16 ? -2.81935  3.54065   -3.48884  1.000 60.86671  ?  16  DG  A C2    1 
ATOM   293 N  N2    . DG  A 1 16 ? -2.07263  4.29061   -4.31302  1.000 58.40814  ?  16  DG  A N2    1 
ATOM   294 N  N3    . DG  A 1 16 ? -3.94771  4.02979   -2.99629  1.000 59.22637  ?  16  DG  A N3    1 
ATOM   295 C  C4    . DG  A 1 16 ? -4.56495  3.14193   -2.18581  1.000 63.36042  ?  16  DG  A C4    1 
ATOM   296 P  P     . DA  A 1 17 ? -9.53859  7.75303   -2.45353  1.000 94.40442  ?  17  DA  A P     1 
ATOM   297 O  OP1   . DA  A 1 17 ? -10.65432 7.01681   -3.09352  1.000 92.61241  ?  17  DA  A OP1   1 
ATOM   298 O  OP2   . DA  A 1 17 ? -8.91152  8.92452   -3.11493  1.000 91.58524  -1 17  DA  A OP2   1 
ATOM   299 O  "O5'" . DA  A 1 17 ? -10.02771 8.22943   -1.01598  1.000 94.73077  ?  17  DA  A "O5'" 1 
ATOM   300 C  "C5'" . DA  A 1 17 ? -9.17995  9.03383   -0.22653  1.000 98.48890  ?  17  DA  A "C5'" 1 
ATOM   301 C  "C4'" . DA  A 1 17 ? -9.86192  9.40284   1.07231   1.000 103.01619 ?  17  DA  A "C4'" 1 
ATOM   302 O  "O4'" . DA  A 1 17 ? -9.91914  8.24360   1.93493   1.000 95.27075  ?  17  DA  A "O4'" 1 
ATOM   303 C  "C3'" . DA  A 1 17 ? -9.15502  10.50054  1.87167   1.000 113.96114 ?  17  DA  A "C3'" 1 
ATOM   304 O  "O3'" . DA  A 1 17 ? -10.00283 11.62981  1.99490   1.000 127.55196 ?  17  DA  A "O3'" 1 
ATOM   305 C  "C2'" . DA  A 1 17 ? -8.86612  9.85956   3.23502   1.000 104.97197 ?  17  DA  A "C2'" 1 
ATOM   306 C  "C1'" . DA  A 1 17 ? -9.82295  8.67703   3.26259   1.000 95.21208  ?  17  DA  A "C1'" 1 
ATOM   307 N  N9    . DA  A 1 17 ? -9.34329  7.57189   4.08388   1.000 86.46893  ?  17  DA  A N9    1 
ATOM   308 C  C8    . DA  A 1 17 ? -8.06506  7.37072   4.52466   1.000 83.51247  ?  17  DA  A C8    1 
ATOM   309 N  N7    . DA  A 1 17 ? -7.92403  6.29619   5.26192   1.000 80.03750  ?  17  DA  A N7    1 
ATOM   310 C  C5    . DA  A 1 17 ? -9.19515  5.75534   5.30459   1.000 80.90655  ?  17  DA  A C5    1 
ATOM   311 C  C6    . DA  A 1 17 ? -9.70923  4.60849   5.92163   1.000 78.98014  ?  17  DA  A C6    1 
ATOM   312 N  N6    . DA  A 1 17 ? -8.96677  3.77228   6.64621   1.000 75.05241  ?  17  DA  A N6    1 
ATOM   313 N  N1    . DA  A 1 17 ? -11.01894 4.35139   5.76580   1.000 79.01062  ?  17  DA  A N1    1 
ATOM   314 C  C2    . DA  A 1 17 ? -11.75971 5.19357   5.04000   1.000 81.39186  ?  17  DA  A C2    1 
ATOM   315 N  N3    . DA  A 1 17 ? -11.38897 6.30496   4.41282   1.000 82.24707  ?  17  DA  A N3    1 
ATOM   316 C  C4    . DA  A 1 17 ? -10.08359 6.53100   4.58753   1.000 83.24001  ?  17  DA  A C4    1 
ATOM   317 P  P     . DA  A 1 18 ? -9.40487  13.11355  1.84208   1.000 151.01859 ?  18  DA  A P     1 
ATOM   318 O  OP1   . DA  A 1 18 ? -9.21970  13.38146  0.39540   1.000 151.03838 ?  18  DA  A OP1   1 
ATOM   319 O  OP2   . DA  A 1 18 ? -8.24353  13.22508  2.75626   1.000 144.97536 ?  18  DA  A OP2   1 
ATOM   320 O  "O5'" . DA  A 1 18 ? -10.58939 14.04763  2.38220   1.000 158.64958 ?  18  DA  A "O5'" 1 
ATOM   321 C  "C5'" . DA  A 1 18 ? -10.30651 15.10815  3.28551   1.000 165.18855 ?  18  DA  A "C5'" 1 
ATOM   322 C  "C4'" . DA  A 1 18 ? -10.36312 14.62511  4.72378   1.000 161.54924 ?  18  DA  A "C4'" 1 
ATOM   323 O  "O4'" . DA  A 1 18 ? -9.44024  15.39781  5.52066   1.000 166.93842 ?  18  DA  A "O4'" 1 
ATOM   324 C  "C3'" . DA  A 1 18 ? -11.70141 14.81074  5.40919   1.000 156.54924 ?  18  DA  A "C3'" 1 
ATOM   325 O  "O3'" . DA  A 1 18 ? -11.79268 13.93557  6.52281   1.000 150.77665 ?  18  DA  A "O3'" 1 
ATOM   326 C  "C2'" . DA  A 1 18 ? -11.62678 16.27076  5.85236   1.000 166.16686 ?  18  DA  A "C2'" 1 
ATOM   327 C  "C1'" . DA  A 1 18 ? -10.13759 16.44622  6.17239   1.000 169.17811 ?  18  DA  A "C1'" 1 
ATOM   328 N  N9    . DA  A 1 18 ? -9.58991  17.72535  5.71642   1.000 172.50733 ?  18  DA  A N9    1 
ATOM   329 C  C8    . DA  A 1 18 ? -10.29188 18.85863  5.41055   1.000 177.66748 ?  18  DA  A C8    1 
ATOM   330 N  N7    . DA  A 1 18 ? -9.53839  19.86254  5.02882   1.000 180.27131 ?  18  DA  A N7    1 
ATOM   331 C  C5    . DA  A 1 18 ? -8.25202  19.35543  5.09027   1.000 172.91174 ?  18  DA  A C5    1 
ATOM   332 C  C6    . DA  A 1 18 ? -6.99499  19.92361  4.80941   1.000 171.93448 ?  18  DA  A C6    1 
ATOM   333 N  N6    . DA  A 1 18 ? -6.83474  21.18452  4.39258   1.000 179.18932 ?  18  DA  A N6    1 
ATOM   334 N  N1    . DA  A 1 18 ? -5.90484  19.14284  4.97259   1.000 173.29028 ?  18  DA  A N1    1 
ATOM   335 C  C2    . DA  A 1 18 ? -6.06911  17.88136  5.38950   1.000 173.79187 ?  18  DA  A C2    1 
ATOM   336 N  N3    . DA  A 1 18 ? -7.19697  17.23840  5.68580   1.000 174.13475 ?  18  DA  A N3    1 
ATOM   337 C  C4    . DA  A 1 18 ? -8.26304  18.03897  5.51298   1.000 172.88027 ?  18  DA  A C4    1 
ATOM   338 P  P     . DA  A 1 19 ? -13.21895 13.58638  7.17686   1.000 131.89793 ?  19  DA  A P     1 
ATOM   339 O  OP1   . DA  A 1 19 ? -13.80405 12.46761  6.40525   1.000 125.64543 -1 19  DA  A OP1   1 
ATOM   340 O  OP2   . DA  A 1 19 ? -13.97774 14.84084  7.36356   1.000 132.68293 ?  19  DA  A OP2   1 
ATOM   341 O  "O5'" . DA  A 1 19 ? -12.83800 13.01188  8.61345   1.000 116.02324 ?  19  DA  A "O5'" 1 
ATOM   342 C  "C5'" . DA  A 1 19 ? -11.83417 13.64953  9.38583   1.000 112.03454 ?  19  DA  A "C5'" 1 
ATOM   343 C  "C4'" . DA  A 1 19 ? -11.29478 12.70186  10.43795  1.000 95.22388  ?  19  DA  A "C4'" 1 
ATOM   344 O  "O4'" . DA  A 1 19 ? -12.35730 11.82469  10.87728  1.000 92.81768  ?  19  DA  A "O4'" 1 
ATOM   345 C  "C3'" . DA  A 1 19 ? -10.14904 11.80257  9.98240   1.000 85.77640  ?  19  DA  A "C3'" 1 
ATOM   346 O  "O3'" . DA  A 1 19 ? -8.97124  12.10721  10.73619  1.000 85.16648  ?  19  DA  A "O3'" 1 
ATOM   347 C  "C2'" . DA  A 1 19 ? -10.64386 10.36983  10.25342  1.000 82.12530  ?  19  DA  A "C2'" 1 
ATOM   348 C  "C1'" . DA  A 1 19 ? -11.83020 10.57062  11.19955  1.000 87.79172  ?  19  DA  A "C1'" 1 
ATOM   349 N  N9    . DA  A 1 19 ? -12.88488 9.58492   10.99842  1.000 87.94472  ?  19  DA  A N9    1 
ATOM   350 C  C8    . DA  A 1 19 ? -14.06484 9.77697   10.34085  1.000 91.30130  ?  19  DA  A C8    1 
ATOM   351 N  N7    . DA  A 1 19 ? -14.82413 8.70934   10.28843  1.000 91.41892  ?  19  DA  A N7    1 
ATOM   352 C  C5    . DA  A 1 19 ? -14.07986 7.74183   10.93731  1.000 87.68747  ?  19  DA  A C5    1 
ATOM   353 C  C6    . DA  A 1 19 ? -14.33474 6.38318   11.22327  1.000 86.72283  ?  19  DA  A C6    1 
ATOM   354 N  N6    . DA  A 1 19 ? -15.46090 5.74800   10.86015  1.000 89.51721  ?  19  DA  A N6    1 
ATOM   355 N  N1    . DA  A 1 19 ? -13.39205 5.70479   11.90617  1.000 83.69544  ?  19  DA  A N1    1 
ATOM   356 C  C2    . DA  A 1 19 ? -12.27086 6.34707   12.26767  1.000 82.11151  ?  19  DA  A C2    1 
ATOM   357 N  N3    . DA  A 1 19 ? -11.92590 7.61971   12.06113  1.000 82.58279  ?  19  DA  A N3    1 
ATOM   358 C  C4    . DA  A 1 19 ? -12.88176 8.26659   11.38481  1.000 85.51846  ?  19  DA  A C4    1 
ATOM   359 P  P     . DA  A 1 20 ? -7.52252  12.05115  10.03042  1.000 91.04777  ?  20  DA  A P     1 
ATOM   360 O  OP1   . DA  A 1 20 ? -6.53573  12.53859  11.02689  1.000 88.37546  ?  20  DA  A OP1   1 
ATOM   361 O  OP2   . DA  A 1 20 ? -7.65133  12.71267  8.71974   1.000 89.65130  -1 20  DA  A OP2   1 
ATOM   362 O  "O5'" . DA  A 1 20 ? -7.26228  10.49245  9.78916   1.000 81.14613  ?  20  DA  A "O5'" 1 
ATOM   363 C  "C5'" . DA  A 1 20 ? -6.78632  9.69423   10.86698  1.000 82.89114  ?  20  DA  A "C5'" 1 
ATOM   364 C  "C4'" . DA  A 1 20 ? -6.69653  8.22840   10.47935  1.000 82.09340  ?  20  DA  A "C4'" 1 
ATOM   365 O  "O4'" . DA  A 1 20 ? -8.00645  7.73659   10.11066  1.000 79.20921  ?  20  DA  A "O4'" 1 
ATOM   366 C  "C3'" . DA  A 1 20 ? -5.79457  7.91966   9.29769   1.000 77.94665  ?  20  DA  A "C3'" 1 
ATOM   367 O  "O3'" . DA  A 1 20 ? -5.21898  6.62852   9.47022   1.000 81.18175  ?  20  DA  A "O3'" 1 
ATOM   368 C  "C2'" . DA  A 1 20 ? -6.76351  7.95011   8.11675   1.000 80.07438  ?  20  DA  A "C2'" 1 
ATOM   369 C  "C1'" . DA  A 1 20 ? -8.02367  7.36428   8.74665   1.000 81.59535  ?  20  DA  A "C1'" 1 
ATOM   370 N  N9    . DA  A 1 20 ? -9.26409  7.86432   8.17227   1.000 82.42934  ?  20  DA  A N9    1 
ATOM   371 C  C8    . DA  A 1 20 ? -9.46047  9.05797   7.54043   1.000 82.83451  ?  20  DA  A C8    1 
ATOM   372 N  N7    . DA  A 1 20 ? -10.69491 9.24329   7.13617   1.000 85.40990  ?  20  DA  A N7    1 
ATOM   373 C  C5    . DA  A 1 20 ? -11.34608 8.08352   7.52547   1.000 83.82210  ?  20  DA  A C5    1 
ATOM   374 C  C6    . DA  A 1 20 ? -12.68084 7.65051   7.39226   1.000 84.25574  ?  20  DA  A C6    1 
ATOM   375 N  N6    . DA  A 1 20 ? -13.63449 8.37867   6.80113   1.000 86.85287  ?  20  DA  A N6    1 
ATOM   376 N  N1    . DA  A 1 20 ? -13.00037 6.43893   7.89614   1.000 85.39971  ?  20  DA  A N1    1 
ATOM   377 C  C2    . DA  A 1 20 ? -12.04426 5.71467   8.49040   1.000 81.78867  ?  20  DA  A C2    1 
ATOM   378 N  N3    . DA  A 1 20 ? -10.75655 6.01412   8.67019   1.000 83.11451  ?  20  DA  A N3    1 
ATOM   379 C  C4    . DA  A 1 20 ? -10.47319 7.22378   8.16116   1.000 83.16849  ?  20  DA  A C4    1 
ATOM   380 P  P     . DG  A 1 21 ? -3.80043  6.46285   10.21296  1.000 79.87972  ?  21  DG  A P     1 
ATOM   381 O  OP1   . DG  A 1 21 ? -3.62321  5.04362   10.60032  1.000 86.53524  ?  21  DG  A OP1   1 
ATOM   382 O  OP2   . DG  A 1 21 ? -3.71319  7.53690   11.22698  1.000 84.17782  -1 21  DG  A OP2   1 
ATOM   383 O  "O5'" . DG  A 1 21 ? -2.74581  6.78438   9.07192   1.000 78.46895  ?  21  DG  A "O5'" 1 
ATOM   384 C  "C5'" . DG  A 1 21 ? -2.45363  8.12131   8.73110   1.000 77.05612  ?  21  DG  A "C5'" 1 
ATOM   385 C  "C4'" . DG  A 1 21 ? -1.51721  8.14954   7.54832   1.000 71.69146  ?  21  DG  A "C4'" 1 
ATOM   386 O  "O4'" . DG  A 1 21 ? -0.57862  7.05693   7.65741   1.000 65.05796  ?  21  DG  A "O4'" 1 
ATOM   387 C  "C3'" . DG  A 1 21 ? -2.19047  7.95251   6.18183   1.000 69.60659  ?  21  DG  A "C3'" 1 
ATOM   388 O  "O3'" . DG  A 1 21 ? -2.24547  9.17884   5.46924   1.000 72.70725  ?  21  DG  A "O3'" 1 
ATOM   389 C  "C2'" . DG  A 1 21 ? -1.29199  6.93490   5.46558   1.000 65.06993  ?  21  DG  A "C2'" 1 
ATOM   390 C  "C1'" . DG  A 1 21 ? -0.07103  6.89529   6.37913   1.000 65.37418  ?  21  DG  A "C1'" 1 
ATOM   391 N  N9    . DG  A 1 21 ? 0.71317   5.67260   6.25319   1.000 58.83864  ?  21  DG  A N9    1 
ATOM   392 C  C8    . DG  A 1 21 ? 0.50184   4.41668   6.79125   1.000 59.36077  ?  21  DG  A C8    1 
ATOM   393 N  N7    . DG  A 1 21 ? 1.40942   3.53972   6.41502   1.000 57.08614  ?  21  DG  A N7    1 
ATOM   394 C  C5    . DG  A 1 21 ? 2.22831   4.27409   5.57427   1.000 56.89376  ?  21  DG  A C5    1 
ATOM   395 C  C6    . DG  A 1 21 ? 3.37629   3.90444   4.84970   1.000 55.15007  ?  21  DG  A C6    1 
ATOM   396 O  O6    . DG  A 1 21 ? 3.93607   2.79425   4.79601   1.000 52.90114  ?  21  DG  A O6    1 
ATOM   397 N  N1    . DG  A 1 21 ? 3.87895   4.98361   4.13331   1.000 56.07262  ?  21  DG  A N1    1 
ATOM   398 C  C2    . DG  A 1 21 ? 3.33399   6.25046   4.13668   1.000 58.73715  ?  21  DG  A C2    1 
ATOM   399 N  N2    . DG  A 1 21 ? 3.93246   7.17837   3.40826   1.000 62.72397  ?  21  DG  A N2    1 
ATOM   400 N  N3    . DG  A 1 21 ? 2.28206   6.58842   4.79335   1.000 56.29096  ?  21  DG  A N3    1 
ATOM   401 C  C4    . DG  A 1 21 ? 1.78535   5.57153   5.47795   1.000 57.96590  ?  21  DG  A C4    1 
ATOM   402 P  P     . DG  A 1 22 ? -3.02169  9.24685   4.05790   1.000 78.41671  ?  22  DG  A P     1 
ATOM   403 O  OP1   . DG  A 1 22 ? -3.75271  10.53380  4.02620   1.000 84.44408  -1 22  DG  A OP1   1 
ATOM   404 O  OP2   . DG  A 1 22 ? -3.68560  7.94610   3.80733   1.000 72.29367  ?  22  DG  A OP2   1 
ATOM   405 O  "O5'" . DG  A 1 22 ? -1.87040  9.31315   2.96669   1.000 72.08323  ?  22  DG  A "O5'" 1 
ATOM   406 C  "C5'" . DG  A 1 22 ? -0.92589  10.35037  2.98454   1.000 74.17918  ?  22  DG  A "C5'" 1 
ATOM   407 C  "C4'" . DG  A 1 22 ? -0.03311  10.19695  1.78639   1.000 72.18835  ?  22  DG  A "C4'" 1 
ATOM   408 O  "O4'" . DG  A 1 22 ? 0.76685   8.99329   1.95034   1.000 69.01425  ?  22  DG  A "O4'" 1 
ATOM   409 C  "C3'" . DG  A 1 22 ? -0.80586  10.01445  0.48165   1.000 74.37645  ?  22  DG  A "C3'" 1 
ATOM   410 O  "O3'" . DG  A 1 22 ? -0.21616  10.77220  -0.54151  1.000 76.52091  ?  22  DG  A "O3'" 1 
ATOM   411 C  "C2'" . DG  A 1 22 ? -0.70539  8.51384   0.20111   1.000 69.11230  ?  22  DG  A "C2'" 1 
ATOM   412 C  "C1'" . DG  A 1 22 ? 0.65090   8.18530   0.79882   1.000 65.58501  ?  22  DG  A "C1'" 1 
ATOM   413 N  N9    . DG  A 1 22 ? 0.78292   6.79196   1.20062   1.000 60.57706  ?  22  DG  A N9    1 
ATOM   414 C  C8    . DG  A 1 22 ? -0.03861  6.09354   2.05179   1.000 59.93756  ?  22  DG  A C8    1 
ATOM   415 N  N7    . DG  A 1 22 ? 0.33178   4.85285   2.22765   1.000 58.98310  ?  22  DG  A N7    1 
ATOM   416 C  C5    . DG  A 1 22 ? 1.47864   4.72619   1.45168   1.000 57.74781  ?  22  DG  A C5    1 
ATOM   417 C  C6    . DG  A 1 22 ? 2.32053   3.61293   1.24363   1.000 54.36452  ?  22  DG  A C6    1 
ATOM   418 O  O6    . DG  A 1 22 ? 2.22419   2.46775   1.73211   1.000 51.01617  ?  22  DG  A O6    1 
ATOM   419 N  N1    . DG  A 1 22 ? 3.37038   3.91602   0.36311   1.000 53.11626  ?  22  DG  A N1    1 
ATOM   420 C  C2    . DG  A 1 22 ? 3.57420   5.14173   -0.21731  1.000 56.38490  ?  22  DG  A C2    1 
ATOM   421 N  N2    . DG  A 1 22 ? 4.64998   5.25473   -1.01989  1.000 59.66519  ?  22  DG  A N2    1 
ATOM   422 N  N3    . DG  A 1 22 ? 2.78566   6.18819   -0.03368  1.000 58.70137  ?  22  DG  A N3    1 
ATOM   423 C  C4    . DG  A 1 22 ? 1.76790   5.91232   0.81521   1.000 60.37751  ?  22  DG  A C4    1 
ATOM   424 P  P     . DG  A 1 23 ? -0.91525  10.82316  -1.98352  1.000 78.52738  ?  23  DG  A P     1 
ATOM   425 O  OP1   . DG  A 1 23 ? -0.93733  12.24460  -2.39323  1.000 81.05189  ?  23  DG  A OP1   1 
ATOM   426 O  OP2   . DG  A 1 23 ? -2.17725  10.04319  -1.91432  1.000 78.05745  -1 23  DG  A OP2   1 
ATOM   427 O  "O5'" . DG  A 1 23 ? 0.09111   10.00639  -2.91719  1.000 76.94633  ?  23  DG  A "O5'" 1 
ATOM   428 C  "C5'" . DG  A 1 23 ? 1.47217   10.31224  -2.90910  1.000 75.08183  ?  23  DG  A "C5'" 1 
ATOM   429 C  "C4'" . DG  A 1 23 ? 2.21080   9.36040   -3.82067  1.000 73.28071  ?  23  DG  A "C4'" 1 
ATOM   430 O  "O4'" . DG  A 1 23 ? 2.38679   8.09541   -3.14597  1.000 67.99661  ?  23  DG  A "O4'" 1 
ATOM   431 C  "C3'" . DG  A 1 23 ? 1.47709   9.05949   -5.12817  1.000 72.53187  ?  23  DG  A "C3'" 1 
ATOM   432 O  "O3'" . DG  A 1 23 ? 2.28778   9.39294   -6.22430  1.000 75.76853  ?  23  DG  A "O3'" 1 
ATOM   433 C  "C2'" . DG  A 1 23 ? 1.17871   7.55811   -5.08192  1.000 69.42827  ?  23  DG  A "C2'" 1 
ATOM   434 C  "C1'" . DG  A 1 23 ? 2.16372   7.04064   -4.04915  1.000 66.08018  ?  23  DG  A "C1'" 1 
ATOM   435 N  N9    . DG  A 1 23 ? 1.65695   5.91168   -3.28643  1.000 61.23405  ?  23  DG  A N9    1 
ATOM   436 C  C8    . DG  A 1 23 ? 0.58678   5.91273   -2.42633  1.000 60.85459  ?  23  DG  A C8    1 
ATOM   437 N  N7    . DG  A 1 23 ? 0.37252   4.75522   -1.86661  1.000 59.58017  ?  23  DG  A N7    1 
ATOM   438 C  C5    . DG  A 1 23 ? 1.36853   3.93938   -2.38489  1.000 55.34914  ?  23  DG  A C5    1 
ATOM   439 C  C6    . DG  A 1 23 ? 1.63602   2.57802   -2.15060  1.000 55.69638  ?  23  DG  A C6    1 
ATOM   440 O  O6    . DG  A 1 23 ? 1.03511   1.79781   -1.40586  1.000 55.02232  ?  23  DG  A O6    1 
ATOM   441 N  N1    . DG  A 1 23 ? 2.73060   2.12903   -2.89106  1.000 57.62201  ?  23  DG  A N1    1 
ATOM   442 C  C2    . DG  A 1 23 ? 3.47487   2.91552   -3.74679  1.000 62.29417  ?  23  DG  A C2    1 
ATOM   443 N  N2    . DG  A 1 23 ? 4.50784   2.31441   -4.37592  1.000 58.94248  ?  23  DG  A N2    1 
ATOM   444 N  N3    . DG  A 1 23 ? 3.22732   4.19995   -3.97394  1.000 62.02600  ?  23  DG  A N3    1 
ATOM   445 C  C4    . DG  A 1 23 ? 2.16292   4.63895   -3.26370  1.000 58.81292  ?  23  DG  A C4    1 
ATOM   446 P  P     . DG  A 1 24 ? 1.67992   9.35171   -7.71237  1.000 79.08695  ?  24  DG  A P     1 
ATOM   447 O  OP1   . DG  A 1 24 ? 2.32735   10.45859  -8.45478  1.000 78.72422  ?  24  DG  A OP1   1 
ATOM   448 O  OP2   . DG  A 1 24 ? 0.19812   9.29506   -7.62715  1.000 79.05205  -1 24  DG  A OP2   1 
ATOM   449 O  "O5'" . DG  A 1 24 ? 2.17599   7.93956   -8.28157  1.000 77.20242  ?  24  DG  A "O5'" 1 
ATOM   450 C  "C5'" . DG  A 1 24 ? 3.53901   7.57490   -8.18113  1.000 77.71810  ?  24  DG  A "C5'" 1 
ATOM   451 C  "C4'" . DG  A 1 24 ? 3.80514   6.24845   -8.87935  1.000 78.09659  ?  24  DG  A "C4'" 1 
ATOM   452 O  "O4'" . DG  A 1 24 ? 3.51986   5.14452   -7.98397  1.000 73.97972  ?  24  DG  A "O4'" 1 
ATOM   453 C  "C3'" . DG  A 1 24 ? 2.98128   5.97644   -10.13137 1.000 81.81146  ?  24  DG  A "C3'" 1 
ATOM   454 O  "O3'" . DG  A 1 24 ? 3.76606   5.20863   -11.03429 1.000 88.30871  ?  24  DG  A "O3'" 1 
ATOM   455 C  "C2'" . DG  A 1 24 ? 1.81704   5.15225   -9.58016  1.000 78.82853  ?  24  DG  A "C2'" 1 
ATOM   456 C  "C1'" . DG  A 1 24 ? 2.55921   4.28744   -8.57528  1.000 72.56721  ?  24  DG  A "C1'" 1 
ATOM   457 N  N9    . DG  A 1 24 ? 1.74115   3.74276   -7.49293  1.000 65.82135  ?  24  DG  A N9    1 
ATOM   458 C  C8    . DG  A 1 24 ? 0.86512   4.43020   -6.68856  1.000 64.55957  ?  24  DG  A C8    1 
ATOM   459 N  N7    . DG  A 1 24 ? 0.32073   3.68614   -5.75993  1.000 62.28861  ?  24  DG  A N7    1 
ATOM   460 C  C5    . DG  A 1 24 ? 0.88201   2.43211   -5.95432  1.000 61.16220  ?  24  DG  A C5    1 
ATOM   461 C  C6    . DG  A 1 24 ? 0.67053   1.22424   -5.25769  1.000 60.04195  ?  24  DG  A C6    1 
ATOM   462 O  O6    . DG  A 1 24 ? -0.09056  1.01305   -4.29876  1.000 59.96165  ?  24  DG  A O6    1 
ATOM   463 N  N1    . DG  A 1 24 ? 1.43293   0.18671   -5.78224  1.000 58.24417  ?  24  DG  A N1    1 
ATOM   464 C  C2    . DG  A 1 24 ? 2.29194   0.30459   -6.85041  1.000 61.10747  ?  24  DG  A C2    1 
ATOM   465 N  N2    . DG  A 1 24 ? 2.95810   -0.80729  -7.20990  1.000 59.56044  ?  24  DG  A N2    1 
ATOM   466 N  N3    . DG  A 1 24 ? 2.50378   1.43504   -7.50608  1.000 59.86900  ?  24  DG  A N3    1 
ATOM   467 C  C4    . DG  A 1 24 ? 1.76305   2.45106   -7.01167  1.000 63.21373  ?  24  DG  A C4    1 
ATOM   468 P  P     . DA  A 1 25 ? 3.72550   5.50139   -12.61230 1.000 105.07987 ?  25  DA  A P     1 
ATOM   469 O  OP1   . DA  A 1 25 ? 4.48718   4.41300   -13.26602 1.000 105.75486 ?  25  DA  A OP1   1 
ATOM   470 O  OP2   . DA  A 1 25 ? 4.15356   6.90522   -12.81586 1.000 104.96963 ?  25  DA  A OP2   1 
ATOM   471 O  "O5'" . DA  A 1 25 ? 2.17140   5.33851   -12.99769 1.000 105.11467 ?  25  DA  A "O5'" 1 
ATOM   472 C  "C5'" . DA  A 1 25 ? 1.33678   6.49140   -13.15540 1.000 100.99065 ?  25  DA  A "C5'" 1 
HETATM 473 CO CO    . NCO B 2 .  ? -4.71505  2.75415   13.76721  0.820 178.70484 ?  101 NCO A CO    1 
HETATM 474 N  N1    . NCO B 2 .  ? -4.89347  2.65129   15.73725  0.820 149.56709 ?  101 NCO A N1    1 
HETATM 475 N  N2    . NCO B 2 .  ? -4.53278  2.85664   11.79790  0.820 142.50215 ?  101 NCO A N2    1 
HETATM 476 N  N3    . NCO B 2 .  ? -2.77720  3.10711   13.96460  0.820 142.45733 ?  101 NCO A N3    1 
HETATM 477 N  N4    . NCO B 2 .  ? -5.06256  4.70290   13.84505  0.820 144.06411 ?  101 NCO A N4    1 
HETATM 478 N  N5    . NCO B 2 .  ? -6.65267  2.39979   13.56719  0.820 151.62302 ?  101 NCO A N5    1 
HETATM 479 N  N6    . NCO B 2 .  ? -4.36737  0.80618   13.69042  0.820 149.99118 ?  101 NCO A N6    1 
HETATM 480 K  K     . K   C 3 .  ? 0.04391   -0.63293  -2.21115  1.000 50.97560  ?  102 K   A K     1 
HETATM 481 K  K     . K   D 3 .  ? 2.21616   0.08658   0.33807   1.000 51.22411  ?  103 K   A K     1 
HETATM 482 K  K     . K   E 3 .  ? 4.32962   0.99799   2.90702   1.000 47.79714  ?  104 K   A K     1 
HETATM 483 K  K     . K   F 3 .  ? 3.52740   -17.56615 -12.14376 0.50  130.69203 ?  105 K   A K     1 
HETATM 484 C  C1    . MMP G 4 .  ? -3.12630  -2.34387  -4.59370  1.000 73.19296  ?  106 MMP A C1    1 
HETATM 485 N  N1    . MMP G 4 .  ? -3.95974  -3.47889  -4.35882  1.000 72.09095  ?  106 MMP A N1    1 
HETATM 486 C  C11   . MMP G 4 .  ? -5.16043  -3.33472  -3.83463  1.000 69.57617  ?  106 MMP A C11   1 
HETATM 487 C  C12   . MMP G 4 .  ? -5.66788  -4.62960  -3.65245  1.000 72.82580  ?  106 MMP A C12   1 
HETATM 488 C  C13   . MMP G 4 .  ? -4.67709  -5.52656  -4.08091  1.000 71.54180  ?  106 MMP A C13   1 
HETATM 489 C  C14   . MMP G 4 .  ? -3.60234  -4.83343  -4.53316  1.000 72.66475  ?  106 MMP A C14   1 
HETATM 490 C  C15   . MMP G 4 .  ? -2.30425  -5.46298  -5.08995  1.000 69.67348  ?  106 MMP A C15   1 
HETATM 491 C  C16   . MMP G 4 .  ? -7.05296  -4.98005  -3.11433  1.000 83.02296  ?  106 MMP A C16   1 
HETATM 492 C  C17   . MMP G 4 .  ? -4.69168  -7.05232  -4.08335  1.000 80.28629  ?  106 MMP A C17   1 
HETATM 493 N  N2    . MMP G 4 .  ? -1.57188  -3.24300  -6.51067  1.000 68.60984  ?  106 MMP A N2    1 
HETATM 494 C  C21   . MMP G 4 .  ? -1.63678  -4.71279  -6.31899  1.000 68.49599  ?  106 MMP A C21   1 
HETATM 495 C  C22   . MMP G 4 .  ? -0.87478  -5.21689  -7.50159  1.000 69.23852  ?  106 MMP A C22   1 
HETATM 496 C  C23   . MMP G 4 .  ? -0.37026  -4.31147  -8.40485  1.000 66.19400  ?  106 MMP A C23   1 
HETATM 497 C  C24   . MMP G 4 .  ? -0.61170  -2.95018  -8.14925  1.000 65.28979  ?  106 MMP A C24   1 
HETATM 498 C  C25   . MMP G 4 .  ? -0.25894  -1.59016  -8.80211  1.000 64.42116  ?  106 MMP A C25   1 
HETATM 499 C  C26   . MMP G 4 .  ? -0.67897  -6.71012  -7.70166  1.000 70.36743  ?  106 MMP A C26   1 
HETATM 500 C  C27   . MMP G 4 .  ? 0.39689   -4.75611  -9.64891  1.000 71.92031  ?  106 MMP A C27   1 
HETATM 501 N  N3    . MMP G 4 .  ? -2.24622  -0.19551  -7.60469  1.000 69.73211  ?  106 MMP A N3    1 
HETATM 502 C  C31   . MMP G 4 .  ? -1.14368  -0.36013  -8.39395  1.000 68.55895  ?  106 MMP A C31   1 
HETATM 503 C  C32   . MMP G 4 .  ? -0.83109  0.90078   -8.92662  1.000 70.16381  ?  106 MMP A C32   1 
HETATM 504 C  C33   . MMP G 4 .  ? -1.74769  1.83018   -8.45738  1.000 69.88447  ?  106 MMP A C33   1 
HETATM 505 C  C34   . MMP G 4 .  ? -2.63063  1.19941   -7.64336  1.000 69.51252  ?  106 MMP A C34   1 
HETATM 506 C  C35   . MMP G 4 .  ? -3.76430  2.00428   -6.99625  1.000 67.50823  ?  106 MMP A C35   1 
HETATM 507 C  C36   . MMP G 4 .  ? 0.34696   1.15508   -9.87266  1.000 69.20334  ?  106 MMP A C36   1 
HETATM 508 C  C37   . MMP G 4 .  ? -1.77759  3.32676   -8.78433  1.000 69.74596  ?  106 MMP A C37   1 
HETATM 509 N  N4    . MMP G 4 .  ? -4.28162  -0.12034  -5.65667  1.000 68.76380  ?  106 MMP A N4    1 
HETATM 510 C  C41   . MMP G 4 .  ? -4.57058  1.25942   -5.98449  1.000 68.15304  ?  106 MMP A C41   1 
HETATM 511 C  C42   . MMP G 4 .  ? -5.73859  1.62965   -5.14264  1.000 66.94385  ?  106 MMP A C42   1 
HETATM 512 C  C43   . MMP G 4 .  ? -6.23931  0.68389   -4.31086  1.000 64.86044  ?  106 MMP A C43   1 
HETATM 513 C  C44   . MMP G 4 .  ? -5.60697  -0.56135  -4.31677  1.000 66.96615  ?  106 MMP A C44   1 
HETATM 514 C  C45   . MMP G 4 .  ? -5.71233  -1.92603  -3.63878  1.000 69.29297  ?  106 MMP A C45   1 
HETATM 515 C  C46   . MMP G 4 .  ? -7.42074  0.95819   -3.41672  1.000 60.47467  ?  106 MMP A C46   1 
HETATM 516 C  C47   . MMP G 4 .  ? -6.36102  3.03007   -5.20690  1.000 66.12707  ?  106 MMP A C47   1 
HETATM 517 O  O     . HOH H 5 .  ? -4.03371  -5.24032  4.46488   1.000 77.71261  ?  201 HOH A O     1 
HETATM 518 O  O     . HOH H 5 .  ? 6.49423   -17.84436 -12.65904 1.000 127.87750 ?  202 HOH A O     1 
HETATM 519 O  O     . HOH H 5 .  ? 3.88787   -15.79181 -9.75135  1.000 124.32947 ?  203 HOH A O     1 
HETATM 520 O  O     . HOH H 5 .  ? 17.52155  -1.30210  -2.89378  1.000 118.61581 ?  204 HOH A O     1 
HETATM 521 O  O     . HOH H 5 .  ? 11.36656  1.85985   -13.38808 1.000 96.94729  ?  205 HOH A O     1 
# 
loop_
_atom_site_anisotrop.id 
_atom_site_anisotrop.type_symbol 
_atom_site_anisotrop.pdbx_label_atom_id 
_atom_site_anisotrop.pdbx_label_alt_id 
_atom_site_anisotrop.pdbx_label_comp_id 
_atom_site_anisotrop.pdbx_label_asym_id 
_atom_site_anisotrop.pdbx_label_seq_id 
_atom_site_anisotrop.pdbx_PDB_ins_code 
_atom_site_anisotrop.U[1][1] 
_atom_site_anisotrop.U[2][2] 
_atom_site_anisotrop.U[3][3] 
_atom_site_anisotrop.U[1][2] 
_atom_site_anisotrop.U[1][3] 
_atom_site_anisotrop.U[2][3] 
_atom_site_anisotrop.pdbx_auth_seq_id 
_atom_site_anisotrop.pdbx_auth_comp_id 
_atom_site_anisotrop.pdbx_auth_asym_id 
_atom_site_anisotrop.pdbx_auth_atom_id 
1   C  "C4'" . DA  A 1  ? 1.02191 0.90673 0.99875 -0.10106 0.07173  0.02844  1   DA  A "C4'" 
2   C  "C3'" . DA  A 1  ? 1.08244 0.88778 1.01157 -0.10902 0.06198  0.03950  1   DA  A "C3'" 
3   O  "O3'" . DA  A 1  ? 1.10914 0.90728 1.07241 -0.15496 0.06090  0.03935  1   DA  A "O3'" 
4   C  "C2'" . DA  A 1  ? 1.13842 0.88722 0.98952 -0.09978 0.09141  0.06589  1   DA  A "C2'" 
5   P  P     . DG  A 2  ? 1.15933 0.95308 1.14431 -0.16005 0.02664  0.02226  2   DG  A P     
6   O  OP1   . DG  A 2  ? 1.17922 0.92711 1.11489 -0.11814 0.01325  0.02105  2   DG  A OP1   
7   O  OP2   . DG  A 2  ? 1.07092 0.83576 1.05863 -0.21192 0.02973  0.02051  2   DG  A OP2   
8   O  "O5'" . DG  A 2  ? 1.03235 0.92246 1.09662 -0.15062 0.00829  0.00970  2   DG  A "O5'" 
9   C  "C5'" . DG  A 2  ? 0.97543 0.93903 1.09866 -0.16582 0.02394  0.01298  2   DG  A "C5'" 
10  C  "C4'" . DG  A 2  ? 0.90044 0.93219 1.08592 -0.13858 0.00850  0.00389  2   DG  A "C4'" 
11  O  "O4'" . DG  A 2  ? 0.83180 0.86230 1.02969 -0.13839 -0.02332 -0.00024 2   DG  A "O4'" 
12  C  "C3'" . DG  A 2  ? 0.88541 0.90598 1.05158 -0.09585 0.01245  -0.00698 2   DG  A "C3'" 
13  O  "O3'" . DG  A 2  ? 0.87852 0.95730 1.09714 -0.07879 0.02623  -0.01229 2   DG  A "O3'" 
14  C  "C2'" . DG  A 2  ? 0.81762 0.81576 0.98118 -0.08005 -0.01744 -0.01466 2   DG  A "C2'" 
15  C  "C1'" . DG  A 2  ? 0.75575 0.78555 0.96163 -0.10168 -0.03456 -0.00694 2   DG  A "C1'" 
16  N  N9    . DG  A 2  ? 0.74637 0.74337 0.92799 -0.09928 -0.05699 -0.00792 2   DG  A N9    
17  C  C8    . DG  A 2  ? 0.77689 0.71851 0.90243 -0.11015 -0.05955 -0.00864 2   DG  A C8    
18  N  N7    . DG  A 2  ? 0.69087 0.62112 0.80629 -0.09920 -0.07608 -0.00991 2   DG  A N7    
19  C  C5    . DG  A 2  ? 0.61052 0.58629 0.77773 -0.08438 -0.08534 -0.00667 2   DG  A C5    
20  C  C6    . DG  A 2  ? 0.65907 0.64339 0.83998 -0.07130 -0.09904 -0.00098 2   DG  A C6    
21  O  O6    . DG  A 2  ? 0.54540 0.51005 0.69628 -0.06882 -0.10546 0.00048  2   DG  A O6    
22  N  N1    . DG  A 2  ? 0.60811 0.62337 0.84136 -0.05782 -0.09998 0.00532  2   DG  A N1    
23  C  C2    . DG  A 2  ? 0.59769 0.63679 0.86591 -0.05185 -0.08854 0.00257  2   DG  A C2    
24  N  N2    . DG  A 2  ? 0.56899 0.62195 0.88234 -0.03161 -0.08749 0.00930  2   DG  A N2    
25  N  N3    . DG  A 2  ? 0.62217 0.66694 0.88019 -0.06275 -0.07434 -0.00414 2   DG  A N3    
26  C  C4    . DG  A 2  ? 0.66077 0.67144 0.86754 -0.08153 -0.07405 -0.00672 2   DG  A C4    
27  P  P     . DG  A 3  ? 0.96778 1.03576 1.15606 -0.04441 0.04452  -0.03040 3   DG  A P     
28  O  OP1   . DG  A 3  ? 0.91370 1.04127 1.14294 -0.03819 0.07730  -0.02838 3   DG  A OP1   
29  O  OP2   . DG  A 3  ? 0.97785 0.99140 1.08412 -0.04314 0.04438  -0.02997 3   DG  A OP2   
30  O  "O5'" . DG  A 3  ? 0.84084 0.89604 1.05295 -0.01947 0.02142  -0.04876 3   DG  A "O5'" 
31  C  "C5'" . DG  A 3  ? 0.82796 0.91977 1.10885 -0.00340 0.02326  -0.04834 3   DG  A "C5'" 
32  C  "C4'" . DG  A 3  ? 0.78723 0.84044 1.07612 0.01501  0.00603  -0.06295 3   DG  A "C4'" 
33  O  "O4'" . DG  A 3  ? 0.74345 0.77849 1.02667 -0.00192 -0.02241 -0.05004 3   DG  A "O4'" 
34  C  "C3'" . DG  A 3  ? 0.82330 0.83190 1.06235 0.02622  0.00943  -0.09604 3   DG  A "C3'" 
35  O  "O3'" . DG  A 3  ? 0.83388 0.81917 1.10309 0.04806  0.01576  -0.11506 3   DG  A "O3'" 
36  C  "C2'" . DG  A 3  ? 0.80169 0.78323 1.00930 0.00925  -0.01916 -0.09422 3   DG  A "C2'" 
37  C  "C1'" . DG  A 3  ? 0.74212 0.73475 0.99662 0.00104  -0.03409 -0.06833 3   DG  A "C1'" 
38  N  N9    . DG  A 3  ? 0.70151 0.68454 0.93133 -0.01517 -0.05370 -0.05569 3   DG  A N9    
39  C  C8    . DG  A 3  ? 0.72019 0.69808 0.90705 -0.02684 -0.05352 -0.04683 3   DG  A C8    
40  N  N7    . DG  A 3  ? 0.68445 0.64840 0.85593 -0.03253 -0.06889 -0.03826 3   DG  A N7    
41  C  C5    . DG  A 3  ? 0.68655 0.65574 0.89575 -0.02840 -0.07956 -0.03835 3   DG  A C5    
42  C  C6    . DG  A 3  ? 0.66826 0.63489 0.88119 -0.03104 -0.09242 -0.02870 3   DG  A C6    
43  O  O6    . DG  A 3  ? 0.60196 0.56204 0.78365 -0.03268 -0.09729 -0.02188 3   DG  A O6    
44  N  N1    . DG  A 3  ? 0.60935 0.57638 0.86463 -0.02902 -0.09455 -0.02600 3   DG  A N1    
45  C  C2    . DG  A 3  ? 0.65373 0.61234 0.94103 -0.02103 -0.08558 -0.03436 3   DG  A C2    
46  N  N2    . DG  A 3  ? 0.63977 0.58045 0.96195 -0.01983 -0.08526 -0.02682 3   DG  A N2    
47  N  N3    . DG  A 3  ? 0.66632 0.62880 0.94956 -0.01266 -0.07295 -0.04775 3   DG  A N3    
48  C  C4    . DG  A 3  ? 0.68108 0.65465 0.92580 -0.01887 -0.07074 -0.04777 3   DG  A C4    
49  P  P     . DG  A 4  ? 1.00667 0.95094 1.23163 0.06166  0.02809  -0.16158 4   DG  A P     
50  O  OP1   . DG  A 4  ? 0.96302 0.90753 1.22053 0.09462  0.05993  -0.17199 4   DG  A OP1   
51  O  OP2   . DG  A 4  ? 0.97593 0.92991 1.12902 0.05153  0.02635  -0.17158 4   DG  A OP2   
52  O  "O5'" . DG  A 4  ? 0.97984 0.87275 1.21435 0.04884  0.00348  -0.17727 4   DG  A "O5'" 
53  C  "C5'" . DG  A 4  ? 1.03134 0.89839 1.32414 0.05765  0.00428  -0.16140 4   DG  A "C5'" 
54  C  "C4'" . DG  A 4  ? 1.06425 0.88871 1.36213 0.03309  -0.01737 -0.16913 4   DG  A "C4'" 
55  O  "O4'" . DG  A 4  ? 0.92439 0.78589 1.22145 0.01210  -0.04051 -0.13927 4   DG  A "O4'" 
56  C  "C3'" . DG  A 4  ? 1.11492 0.90818 1.36978 0.01489  -0.02541 -0.22014 4   DG  A "C3'" 
57  O  "O3'" . DG  A 4  ? 1.23310 0.96190 1.51592 0.00060  -0.02619 -0.23649 4   DG  A "O3'" 
58  C  "C2'" . DG  A 4  ? 0.99082 0.83284 1.21893 -0.00787 -0.05289 -0.20974 4   DG  A "C2'" 
59  C  "C1'" . DG  A 4  ? 0.88471 0.74254 1.15608 -0.01175 -0.05943 -0.16163 4   DG  A "C1'" 
60  N  N9    . DG  A 4  ? 0.80012 0.70237 1.04998 -0.01896 -0.07470 -0.13820 4   DG  A N9    
61  C  C8    . DG  A 4  ? 0.76410 0.69256 0.97206 -0.01093 -0.07166 -0.13165 4   DG  A C8    
62  N  N7    . DG  A 4  ? 0.74941 0.69646 0.94325 -0.01644 -0.08386 -0.10961 4   DG  A N7    
63  C  C5    . DG  A 4  ? 0.74697 0.69249 0.97745 -0.02785 -0.09515 -0.10098 4   DG  A C5    
64  C  C6    . DG  A 4  ? 0.68763 0.65157 0.92033 -0.03318 -0.10605 -0.07994 4   DG  A C6    
65  O  O6    . DG  A 4  ? 0.57040 0.54583 0.77021 -0.02603 -0.10893 -0.06697 4   DG  A O6    
66  N  N1    . DG  A 4  ? 0.69575 0.65681 0.97115 -0.04623 -0.10881 -0.07366 4   DG  A N1    
67  C  C2    . DG  A 4  ? 0.71122 0.64024 1.02139 -0.05467 -0.10212 -0.08484 4   DG  A C2    
68  N  N2    . DG  A 4  ? 0.72286 0.64453 1.07029 -0.07083 -0.10139 -0.07044 4   DG  A N2    
69  N  N3    . DG  A 4  ? 0.73214 0.63230 1.03799 -0.04640 -0.09232 -0.10801 4   DG  A N3    
70  C  C4    . DG  A 4  ? 0.76975 0.68693 1.03574 -0.03234 -0.08943 -0.11550 4   DG  A C4    
71  P  P     . DA  A 5  ? 1.40350 1.05814 1.66037 0.00052  -0.01149 -0.29840 5   DA  A P     
72  O  OP1   . DA  A 5  ? 1.46165 1.14632 1.66166 0.02257  0.00069  -0.32592 5   DA  A OP1   
73  O  OP2   . DA  A 5  ? 1.44303 1.07315 1.70132 -0.04668 -0.03495 -0.32739 5   DA  A OP2   
74  O  "O5'" . DA  A 5  ? 1.62616 1.20738 1.92824 0.03336  0.01996  -0.28272 5   DA  A "O5'" 
75  C  "C5'" . DA  A 5  ? 1.66466 1.28668 2.00676 0.07093  0.03268  -0.22818 5   DA  A "C5'" 
76  C  "C4'" . DA  A 5  ? 1.84423 1.44515 2.19123 0.12283  0.06960  -0.24019 5   DA  A "C4'" 
77  O  "O4'" . DA  A 5  ? 1.89764 1.57453 2.29070 0.15479  0.07527  -0.18553 5   DA  A "O4'" 
78  C  "C3'" . DA  A 5  ? 1.97240 1.45825 2.33647 0.14575  0.09535  -0.25765 5   DA  A "C3'" 
79  O  "O3'" . DA  A 5  ? 2.03578 1.44978 2.34384 0.13433  0.10690  -0.33166 5   DA  A "O3'" 
80  C  "C2'" . DA  A 5  ? 2.02614 1.54023 2.43293 0.21126  0.12519  -0.22276 5   DA  A "C2'" 
81  C  "C1'" . DA  A 5  ? 1.96529 1.60118 2.40294 0.20345  0.10102  -0.16652 5   DA  A "C1'" 
82  N  N9    . DA  A 5  ? 1.96694 1.60155 2.44708 0.20065  0.08348  -0.11095 5   DA  A N9    
83  P  P     . DA  A 6  ? 2.12684 1.53850 2.39371 0.18131  0.14424  -0.37542 6   DA  A P     
84  O  OP1   . DA  A 6  ? 2.09586 1.63295 2.36818 0.20065  0.14657  -0.34164 6   DA  A OP1   
85  O  OP2   . DA  A 6  ? 2.13443 1.48168 2.32699 0.14877  0.13938  -0.45324 6   DA  A OP2   
86  O  "O5'" . DA  A 6  ? 2.18813 1.52062 2.48854 0.24000  0.18257  -0.35877 6   DA  A "O5'" 
87  C  "C5'" . DA  A 6  ? 2.23506 1.54828 2.49869 0.29195  0.22092  -0.38958 6   DA  A "C5'" 
88  C  "C4'" . DA  A 6  ? 2.24913 1.58902 2.57593 0.36182  0.24739  -0.33446 6   DA  A "C4'" 
89  O  "O4'" . DA  A 6  ? 2.33130 1.59264 2.61627 0.40977  0.27848  -0.36657 6   DA  A "O4'" 
90  C  "C3'" . DA  A 6  ? 2.18774 1.67194 2.57173 0.39618  0.26313  -0.30159 6   DA  A "C3'" 
91  O  "O3'" . DA  A 6  ? 2.17302 1.71566 2.63940 0.42489  0.25476  -0.22814 6   DA  A "O3'" 
92  C  "C2'" . DA  A 6  ? 2.17659 1.66435 2.52438 0.45030  0.30640  -0.33609 6   DA  A "C2'" 
93  C  "C1'" . DA  A 6  ? 2.30497 1.65908 2.62329 0.47418  0.31119  -0.35075 6   DA  A "C1'" 
94  P  P     . DA  A 7  ? 2.11960 1.83473 2.64847 0.42520  0.24243  -0.17575 7   DA  A P     
95  O  OP1   . DA  A 7  ? 2.04673 1.79709 2.53354 0.35039  0.20213  -0.18106 7   DA  A OP1   
96  O  OP2   . DA  A 7  ? 2.04120 1.83341 2.59013 0.47788  0.28611  -0.18426 7   DA  A OP2   
97  O  "O5'" . DA  A 7  ? 2.02813 1.77184 2.63419 0.45224  0.22412  -0.10314 7   DA  A "O5'" 
98  C  "C5'" . DA  A 7  ? 2.01824 1.69731 2.61646 0.41375  0.19008  -0.08013 7   DA  A "C5'" 
99  C  "C4'" . DA  A 7  ? 1.92193 1.70430 2.52279 0.35769  0.14592  -0.05002 7   DA  A "C4'" 
100 O  "O4'" . DA  A 7  ? 1.93256 1.68046 2.54507 0.34180  0.11884  -0.00756 7   DA  A "O4'" 
101 C  "C3'" . DA  A 7  ? 1.78605 1.72347 2.44151 0.37436  0.13992  -0.01119 7   DA  A "C3'" 
102 O  "O3'" . DA  A 7  ? 1.69293 1.69866 2.32437 0.31237  0.10900  -0.01048 7   DA  A "O3'" 
103 C  "C2'" . DA  A 7  ? 1.74258 1.69995 2.45366 0.41216  0.12591  0.05075  7   DA  A "C2'" 
104 C  "C1'" . DA  A 7  ? 1.83828 1.68999 2.50707 0.37138  0.10379  0.05385  7   DA  A "C1'" 
105 P  P     . DA  A 8  ? 1.62545 1.72279 2.24811 0.29367  0.12281  -0.03029 8   DA  A P     
106 O  OP1   . DA  A 8  ? 1.69271 1.71446 2.23672 0.26625  0.13258  -0.08320 8   DA  A OP1   
107 O  OP2   . DA  A 8  ? 1.54561 1.72815 2.23524 0.34923  0.15420  -0.01391 8   DA  A OP2   
108 O  "O5'" . DA  A 8  ? 1.47243 1.65513 2.10268 0.24118  0.08389  0.00074  8   DA  A "O5'" 
109 C  "C5'" . DA  A 8  ? 1.38369 1.51884 1.98063 0.20370  0.04847  0.00979  8   DA  A "C5'" 
110 C  "C4'" . DA  A 8  ? 1.27769 1.49219 1.91668 0.19836  0.01768  0.05651  8   DA  A "C4'" 
111 O  "O4'" . DA  A 8  ? 1.38370 1.58907 2.06773 0.25123  0.02038  0.08886  8   DA  A "O4'" 
112 C  "C3'" . DA  A 8  ? 1.21727 1.56159 1.90049 0.18559  0.01482  0.07089  8   DA  A "C3'" 
113 O  "O3'" . DA  A 8  ? 1.07192 1.45414 1.73874 0.13703  -0.02153 0.08480  8   DA  A "O3'" 
114 C  "C2'" . DA  A 8  ? 1.30702 1.72498 2.07017 0.24514  0.02284  0.10395  8   DA  A "C2'" 
115 C  "C1'" . DA  A 8  ? 1.40178 1.73383 2.15144 0.27313  0.01023  0.12524  8   DA  A "C1'" 
116 N  N9    . DA  A 8  ? 1.52914 1.85705 2.33064 0.34764  0.03229  0.14914  8   DA  A N9    
117 C  C8    . DA  A 8  ? 1.51915 1.93748 2.38802 0.39712  0.05684  0.15826  8   DA  A C8    
118 N  N7    . DA  A 8  ? 1.59572 1.97182 2.48045 0.46284  0.07349  0.17736  8   DA  A N7    
119 C  C5    . DA  A 8  ? 1.65080 1.90112 2.48856 0.45546  0.06182  0.18681  8   DA  A C5    
120 C  C4    . DA  A 8  ? 1.62529 1.85397 2.41895 0.38585  0.03679  0.17023  8   DA  A C4    
121 P  P     . DG  A 9  ? 1.03074 1.45478 1.67495 0.07924  -0.02277 0.06877  9   DG  A P     
122 O  OP1   . DG  A 9  ? 1.17760 1.56691 1.79719 0.08399  0.01502  0.04045  9   DG  A OP1   
123 O  OP2   . DG  A 9  ? 0.90714 1.45771 1.61251 0.06261  -0.04074 0.09212  9   DG  A OP2   
124 O  "O5'" . DG  A 9  ? 0.89995 1.24572 1.46930 0.03906  -0.04751 0.05888  9   DG  A "O5'" 
125 C  "C5'" . DG  A 9  ? 0.92141 1.17092 1.44969 0.05323  -0.04712 0.04837  9   DG  A "C5'" 
126 C  "C4'" . DG  A 9  ? 0.85074 1.09669 1.39195 0.06873  -0.07011 0.07705  9   DG  A "C4'" 
127 O  "O4'" . DG  A 9  ? 0.73320 1.01981 1.25501 0.03410  -0.09893 0.08803  9   DG  A "O4'" 
128 C  "C3'" . DG  A 9  ? 0.84933 0.99953 1.35684 0.07499  -0.06838 0.07121  9   DG  A "C3'" 
129 O  "O3'" . DG  A 9  ? 0.92320 1.04339 1.46668 0.11801  -0.05369 0.08458  9   DG  A "O3'" 
130 C  "C2'" . DG  A 9  ? 0.72951 0.88305 1.20942 0.05444  -0.09510 0.09196  9   DG  A "C2'" 
131 C  "C1'" . DG  A 9  ? 0.68124 0.91708 1.16424 0.03050  -0.11390 0.09737  9   DG  A "C1'" 
132 N  N9    . DG  A 9  ? 0.64499 0.85677 1.07001 -0.00972 -0.12354 0.07874  9   DG  A N9    
133 C  C8    . DG  A 9  ? 0.63214 0.84918 1.03538 -0.04155 -0.11887 0.05728  9   DG  A C8    
134 N  N7    . DG  A 9  ? 0.53571 0.71061 0.88082 -0.06592 -0.12661 0.04604  9   DG  A N7    
135 C  C5    . DG  A 9  ? 0.53831 0.69227 0.87029 -0.05010 -0.13637 0.06014  9   DG  A C5    
136 C  C6    . DG  A 9  ? 0.63124 0.74852 0.91048 -0.05883 -0.14291 0.05757  9   DG  A C6    
137 O  O6    . DG  A 9  ? 0.65317 0.73984 0.88292 -0.07830 -0.14227 0.03983  9   DG  A O6    
138 N  N1    . DG  A 9  ? 0.60523 0.71877 0.89223 -0.03888 -0.14572 0.08094  9   DG  A N1    
139 C  C2    . DG  A 9  ? 0.59323 0.72163 0.92932 -0.01308 -0.14296 0.10501  9   DG  A C2    
140 N  N2    . DG  A 9  ? 0.64518 0.75689 0.97932 0.00081  -0.14191 0.13138  9   DG  A N2    
141 N  N3    . DG  A 9  ? 0.56570 0.72061 0.94862 0.00097  -0.13738 0.10570  9   DG  A N3    
142 C  C4    . DG  A 9  ? 0.53782 0.71097 0.91764 -0.01895 -0.13438 0.08203  9   DG  A C4    
143 P  P     . DG  A 10 ? 0.95338 0.96512 1.47607 0.12416  -0.03401 0.05792  10  DG  A P     
144 O  OP1   . DG  A 10 ? 1.06594 1.04304 1.62877 0.17291  -0.01403 0.07347  10  DG  A OP1   
145 O  OP2   . DG  A 10 ? 1.01994 1.01883 1.50630 0.10249  -0.02404 0.01387  10  DG  A OP2   
146 O  "O5'" . DG  A 10 ? 0.86861 0.83907 1.36217 0.09664  -0.05169 0.07141  10  DG  A "O5'" 
147 C  "C5'" . DG  A 10 ? 0.87619 0.84670 1.38605 0.11274  -0.05996 0.11715  10  DG  A "C5'" 
148 C  "C4'" . DG  A 10 ? 0.83568 0.76527 1.31481 0.08263  -0.06688 0.12357  10  DG  A "C4'" 
149 O  "O4'" . DG  A 10 ? 0.77406 0.75383 1.21687 0.05292  -0.08618 0.11660  10  DG  A "O4'" 
150 C  "C3'" . DG  A 10 ? 0.82716 0.68093 1.29702 0.06060  -0.05289 0.08757  10  DG  A "C3'" 
151 O  "O3'" . DG  A 10 ? 0.86420 0.66896 1.33950 0.05118  -0.04707 0.11356  10  DG  A "O3'" 
152 C  "C2'" . DG  A 10 ? 0.78351 0.67162 1.21681 0.02807  -0.06628 0.05773  10  DG  A "C2'" 
153 C  "C1'" . DG  A 10 ? 0.73165 0.67604 1.14854 0.02458  -0.08348 0.08961  10  DG  A "C1'" 
154 N  N9    . DG  A 10 ? 0.66645 0.64794 1.04812 0.00618  -0.09462 0.06927  10  DG  A N9    
155 C  C8    . DG  A 10 ? 0.65879 0.66152 1.03463 0.00528  -0.09272 0.04701  10  DG  A C8    
156 N  N7    . DG  A 10 ? 0.61167 0.62894 0.94921 -0.01339 -0.10052 0.03695  10  DG  A N7    
157 C  C5    . DG  A 10 ? 0.62341 0.63423 0.94032 -0.02097 -0.10842 0.05026  10  DG  A C5    
158 C  C6    . DG  A 10 ? 0.59415 0.60659 0.86565 -0.03367 -0.11455 0.04560  10  DG  A C6    
159 O  O6    . DG  A 10 ? 0.55519 0.56402 0.79324 -0.04301 -0.11521 0.02996  10  DG  A O6    
160 N  N1    . DG  A 10 ? 0.58966 0.60102 0.85320 -0.03296 -0.11510 0.06306  10  DG  A N1    
161 C  C2    . DG  A 10 ? 0.62911 0.63453 0.92491 -0.02635 -0.10994 0.08696  10  DG  A C2    
162 N  N2    . DG  A 10 ? 0.62887 0.63907 0.91062 -0.02901 -0.10584 0.10619  10  DG  A N2    
163 N  N3    . DG  A 10 ? 0.63873 0.62842 0.97525 -0.01569 -0.10446 0.09325  10  DG  A N3    
164 C  C4    . DG  A 10 ? 0.64043 0.63537 0.98518 -0.01120 -0.10438 0.07177  10  DG  A C4    
165 P  P     . DG  A 11 ? 0.91345 0.63456 1.39573 0.02331  -0.03168 0.08301  11  DG  A P     
166 O  OP1   . DG  A 11 ? 0.90659 0.54827 1.41424 0.04196  -0.01071 0.11613  11  DG  A OP1   
167 O  OP2   . DG  A 11 ? 0.93513 0.65096 1.40489 0.01650  -0.03115 0.02527  11  DG  A OP2   
168 O  "O5'" . DG  A 11 ? 0.89110 0.64350 1.35905 -0.01700 -0.04224 0.08875  11  DG  A "O5'" 
169 C  "C5'" . DG  A 11 ? 0.86846 0.65876 1.32609 -0.01275 -0.04678 0.13798  11  DG  A "C5'" 
170 C  "C4'" . DG  A 11 ? 0.86784 0.69386 1.31236 -0.04599 -0.05084 0.13335  11  DG  A "C4'" 
171 O  "O4'" . DG  A 11 ? 0.77691 0.66523 1.18678 -0.04248 -0.06841 0.11509  11  DG  A "O4'" 
172 C  "C3'" . DG  A 11 ? 0.88889 0.69063 1.35607 -0.08262 -0.04597 0.09554  11  DG  A "C3'" 
173 O  "O3'" . DG  A 11 ? 0.93440 0.75286 1.41681 -0.11054 -0.03645 0.11832  11  DG  A "O3'" 
174 C  "C2'" . DG  A 11 ? 0.82635 0.67785 1.26833 -0.08337 -0.06427 0.05330  11  DG  A "C2'" 
175 C  "C1'" . DG  A 11 ? 0.77108 0.67461 1.17901 -0.06485 -0.07250 0.07883  11  DG  A "C1'" 
176 N  N9    . DG  A 11 ? 0.70935 0.64037 1.08532 -0.05408 -0.08544 0.05237  11  DG  A N9    
177 C  C8    . DG  A 11 ? 0.66760 0.58620 1.04031 -0.04102 -0.08696 0.03224  11  DG  A C8    
178 N  N7    . DG  A 11 ? 0.67087 0.61544 1.01076 -0.03791 -0.09467 0.01658  11  DG  A N7    
179 C  C5    . DG  A 11 ? 0.62052 0.58924 0.93831 -0.04455 -0.09948 0.02464  11  DG  A C5    
180 C  C6    . DG  A 11 ? 0.60693 0.59250 0.88279 -0.04076 -0.10467 0.01574  11  DG  A C6    
181 O  O6    . DG  A 11 ? 0.66868 0.64928 0.91752 -0.03622 -0.10624 0.00205  11  DG  A O6    
182 N  N1    . DG  A 11 ? 0.65637 0.66122 0.92082 -0.04072 -0.10304 0.02714  11  DG  A N1    
183 C  C2    . DG  A 11 ? 0.66913 0.68606 0.96259 -0.04873 -0.09580 0.04712  11  DG  A C2    
184 N  N2    . DG  A 11 ? 0.65158 0.69741 0.93023 -0.04410 -0.08959 0.05667  11  DG  A N2    
185 N  N3    . DG  A 11 ? 0.66772 0.66468 1.00040 -0.05855 -0.09034 0.05914  11  DG  A N3    
186 C  C4    . DG  A 11 ? 0.69378 0.66244 1.03517 -0.05366 -0.09336 0.04568  11  DG  A C4    
187 P  P     . DG  A 12 ? 0.97250 0.77991 1.49531 -0.15941 -0.03152 0.08734  12  DG  A P     
188 O  OP1   . DG  A 12 ? 1.01555 0.78275 1.56965 -0.18339 -0.00604 0.12948  12  DG  A OP1   
189 O  OP2   . DG  A 12 ? 1.05817 0.82212 1.58191 -0.16332 -0.03999 0.03415  12  DG  A OP2   
190 O  "O5'" . DG  A 12 ? 0.91559 0.82183 1.43094 -0.16825 -0.04590 0.07286  12  DG  A "O5'" 
191 C  "C5'" . DG  A 12 ? 0.88392 0.84387 1.38534 -0.15796 -0.03736 0.11178  12  DG  A "C5'" 
192 C  "C4'" . DG  A 12 ? 0.85898 0.90384 1.35777 -0.15870 -0.04761 0.09205  12  DG  A "C4'" 
193 O  "O4'" . DG  A 12 ? 0.82569 0.88001 1.27492 -0.12593 -0.06596 0.06998  12  DG  A "O4'" 
194 C  "C3'" . DG  A 12 ? 0.81191 0.89351 1.35934 -0.19489 -0.05711 0.05657  12  DG  A "C3'" 
195 O  "O3'" . DG  A 12 ? 0.80595 0.98178 1.37222 -0.19564 -0.05390 0.06549  12  DG  A "O3'" 
196 C  "C2'" . DG  A 12 ? 0.74700 0.81899 1.26035 -0.17622 -0.08206 0.01319  12  DG  A "C2'" 
197 C  "C1'" . DG  A 12 ? 0.75218 0.83899 1.21026 -0.13303 -0.08300 0.03073  12  DG  A "C1'" 
198 N  N9    . DG  A 12 ? 0.68916 0.74692 1.10259 -0.10917 -0.09649 0.00825  12  DG  A N9    
199 C  C8    . DG  A 12 ? 0.67256 0.67253 1.07997 -0.10687 -0.09708 -0.00447 12  DG  A C8    
200 N  N7    . DG  A 12 ? 0.72373 0.72023 1.09101 -0.08543 -0.10505 -0.01933 12  DG  A N7    
201 C  C5    . DG  A 12 ? 0.69392 0.73481 1.03448 -0.07255 -0.11076 -0.01565 12  DG  A C5    
202 C  C6    . DG  A 12 ? 0.70185 0.74583 0.99291 -0.05018 -0.11629 -0.02295 12  DG  A C6    
203 O  O6    . DG  A 12 ? 0.60972 0.62705 0.87314 -0.04211 -0.11690 -0.03349 12  DG  A O6    
204 N  N1    . DG  A 12 ? 0.65726 0.73728 0.93193 -0.03522 -0.11643 -0.01389 12  DG  A N1    
205 C  C2    . DG  A 12 ? 0.63137 0.75596 0.93890 -0.04045 -0.11089 -0.00025 12  DG  A C2    
206 N  N2    . DG  A 12 ? 0.54883 0.70765 0.83543 -0.01474 -0.10749 0.00700  12  DG  A N2    
207 N  N3    . DG  A 12 ? 0.63591 0.76800 0.99355 -0.06737 -0.10458 0.00834  12  DG  A N3    
208 C  C4    . DG  A 12 ? 0.65306 0.73459 1.02213 -0.08281 -0.10557 0.00007  12  DG  A C4    
209 P  P     . DA  A 13 ? 0.87376 1.09184 1.48877 -0.22348 -0.02392 0.10608  13  DA  A P     
210 O  OP1   . DA  A 13 ? 0.86443 1.02456 1.52994 -0.27521 -0.01332 0.10697  13  DA  A OP1   
211 O  OP2   . DA  A 13 ? 0.71392 1.04703 1.35436 -0.21631 -0.02607 0.10070  13  DA  A OP2   
212 O  "O5'" . DA  A 13 ? 0.93172 1.11696 1.49010 -0.18829 -0.00356 0.15206  13  DA  A "O5'" 
213 C  "C5'" . DA  A 13 ? 0.94521 1.16897 1.44745 -0.14424 -0.00509 0.15504  13  DA  A "C5'" 
214 C  "C4'" . DA  A 13 ? 1.06555 1.28101 1.52686 -0.12787 0.01941  0.20035  13  DA  A "C4'" 
215 O  "O4'" . DA  A 13 ? 1.19907 1.44580 1.71130 -0.15971 0.05010  0.23550  13  DA  A "O4'" 
216 C  "C3'" . DA  A 13 ? 1.08951 1.22693 1.51194 -0.11750 0.01351  0.21946  13  DA  A "C3'" 
217 O  "O3'" . DA  A 13 ? 1.00238 1.13432 1.35493 -0.08211 -0.00259 0.20748  13  DA  A "O3'" 
218 C  "C2'" . DA  A 13 ? 1.28598 1.41997 1.70896 -0.12660 0.04465  0.27600  13  DA  A "C2'" 
219 C  "C1'" . DA  A 13 ? 1.34673 1.55610 1.81892 -0.15043 0.07039  0.28315  13  DA  A "C1'" 
220 N  N9    . DA  A 13 ? 1.47817 1.67035 2.00867 -0.19396 0.09837  0.31952  13  DA  A N9    
221 C  C8    . DA  A 13 ? 1.54582 1.64868 2.10177 -0.21831 0.09848  0.33018  13  DA  A C8    
222 N  N7    . DA  A 13 ? 1.62763 1.71865 2.23413 -0.26129 0.13105  0.36545  13  DA  A N7    
223 C  C5    . DA  A 13 ? 1.59507 1.79056 2.21578 -0.26594 0.15394  0.38007  13  DA  A C5    
224 C  C6    . DA  A 13 ? 1.59119 1.83863 2.26680 -0.30715 0.19605  0.41901  13  DA  A C6    
225 N  N6    . DA  A 13 ? 1.60440 1.78343 2.31149 -0.35253 0.21790  0.44047  13  DA  A N6    
226 N  N1    . DA  A 13 ? 1.52551 1.88999 2.20463 -0.29245 0.21436  0.42415  13  DA  A N1    
227 C  C2    . DA  A 13 ? 1.47891 1.88672 2.10345 -0.23881 0.19168  0.39102  13  DA  A C2    
228 N  N3    . DA  A 13 ? 1.48579 1.84082 2.05375 -0.20277 0.15191  0.35358  13  DA  A N3    
229 C  C4    . DA  A 13 ? 1.51051 1.76703 2.08277 -0.22006 0.13447  0.35091  13  DA  A C4    
230 P  P     . DG  A 14 ? 1.04976 1.12709 1.36939 -0.06735 -0.02097 0.21384  14  DG  A P     
231 O  OP1   . DG  A 14 ? 0.97550 1.01579 1.33351 -0.07783 -0.03603 0.18349  14  DG  A OP1   
232 O  OP2   . DG  A 14 ? 1.11963 1.18369 1.42642 -0.06365 -0.00593 0.26603  14  DG  A OP2   
233 O  "O5'" . DG  A 14 ? 0.95153 1.04332 1.20151 -0.04239 -0.03686 0.19149  14  DG  A "O5'" 
234 C  "C5'" . DG  A 14 ? 0.95182 1.07497 1.14804 -0.02792 -0.02380 0.20029  14  DG  A "C5'" 
235 C  "C4'" . DG  A 14 ? 0.89004 1.01695 1.04956 -0.01298 -0.02994 0.16033  14  DG  A "C4'" 
236 O  "O4'" . DG  A 14 ? 0.82670 0.91766 0.96010 -0.01230 -0.05518 0.13585  14  DG  A "O4'" 
237 C  "C3'" . DG  A 14 ? 0.80535 0.95471 1.01383 -0.01536 -0.02604 0.13987  14  DG  A "C3'" 
238 O  "O3'" . DG  A 14 ? 0.76767 0.94521 0.94491 0.00896  -0.01060 0.13092  14  DG  A "O3'" 
239 C  "C2'" . DG  A 14 ? 0.75614 0.86865 0.96426 -0.01694 -0.05020 0.10919  14  DG  A "C2'" 
240 C  "C1'" . DG  A 14 ? 0.77172 0.85121 0.91515 -0.00931 -0.06067 0.10435  14  DG  A "C1'" 
241 N  N9    . DG  A 14 ? 0.69030 0.74036 0.84242 -0.01849 -0.08034 0.08943  14  DG  A N9    
242 C  C8    . DG  A 14 ? 0.71882 0.76252 0.91163 -0.02871 -0.08830 0.10184  14  DG  A C8    
243 N  N7    . DG  A 14 ? 0.65048 0.67746 0.84528 -0.03139 -0.10081 0.08400  14  DG  A N7    
244 C  C5    . DG  A 14 ? 0.64671 0.66086 0.79763 -0.02758 -0.10156 0.06051  14  DG  A C5    
245 C  C6    . DG  A 14 ? 0.67000 0.66089 0.80257 -0.03201 -0.10794 0.03928  14  DG  A C6    
246 O  O6    . DG  A 14 ? 0.58992 0.58029 0.74597 -0.03994 -0.11407 0.03524  14  DG  A O6    
247 N  N1    . DG  A 14 ? 0.69296 0.65749 0.77485 -0.02395 -0.10159 0.02450  14  DG  A N1    
248 C  C2    . DG  A 14 ? 0.69084 0.65773 0.74468 -0.00712 -0.09003 0.02688  14  DG  A C2    
249 N  N2    . DG  A 14 ? 0.70465 0.63150 0.70698 0.00717  -0.08146 0.01160  14  DG  A N2    
250 N  N3    . DG  A 14 ? 0.65540 0.65871 0.73028 -0.00235 -0.08270 0.04548  14  DG  A N3    
251 C  C4    . DG  A 14 ? 0.67653 0.69930 0.79924 -0.01626 -0.08938 0.06274  14  DG  A C4    
252 P  P     . DG  A 15 ? 0.85671 1.09372 1.09061 0.01514  -0.00198 0.12303  15  DG  A P     
253 O  OP1   . DG  A 15 ? 0.77439 1.05897 0.98824 0.04039  0.02880  0.13662  15  DG  A OP1   
254 O  OP2   . DG  A 15 ? 0.78545 1.04231 1.09952 -0.02128 -0.00960 0.12887  15  DG  A OP2   
255 O  "O5'" . DG  A 15 ? 0.72844 0.93335 0.93259 0.03673  -0.02078 0.09018  15  DG  A "O5'" 
256 C  "C5'" . DG  A 15 ? 0.74765 0.93268 0.88802 0.07469  -0.00940 0.07850  15  DG  A "C5'" 
257 C  "C4'" . DG  A 15 ? 0.76935 0.92262 0.89386 0.09209  -0.02451 0.05730  15  DG  A "C4'" 
258 O  "O4'" . DG  A 15 ? 0.72419 0.81780 0.83160 0.06666  -0.04496 0.04630  15  DG  A "O4'" 
259 C  "C3'" . DG  A 15 ? 0.71741 0.93875 0.90905 0.09440  -0.03519 0.05714  15  DG  A "C3'" 
260 O  "O3'" . DG  A 15 ? 0.76940 1.00638 0.93979 0.14241  -0.02797 0.05433  15  DG  A "O3'" 
261 C  "C2'" . DG  A 15 ? 0.66938 0.85361 0.86861 0.06823  -0.06098 0.04290  15  DG  A "C2'" 
262 C  "C1'" . DG  A 15 ? 0.71353 0.81106 0.84524 0.06595  -0.06072 0.03604  15  DG  A "C1'" 
263 N  N9    . DG  A 15 ? 0.62776 0.69838 0.77528 0.03442  -0.07620 0.03074  15  DG  A N9    
264 C  C8    . DG  A 15 ? 0.65576 0.74141 0.84989 0.00659  -0.07975 0.03999  15  DG  A C8    
265 N  N7    . DG  A 15 ? 0.63226 0.68568 0.83046 -0.00848 -0.09091 0.03187  15  DG  A N7    
266 C  C5    . DG  A 15 ? 0.61796 0.63900 0.77081 0.00430  -0.09430 0.01767  15  DG  A C5    
267 C  C6    . DG  A 15 ? 0.68210 0.67074 0.82191 -0.00388 -0.10050 0.00678  15  DG  A C6    
268 O  O6    . DG  A 15 ? 0.50815 0.49456 0.67614 -0.01892 -0.10488 0.00506  15  DG  A O6    
269 N  N1    . DG  A 15 ? 0.65694 0.61149 0.74560 0.01041  -0.09644 0.00024  15  DG  A N1    
270 C  C2    . DG  A 15 ? 0.68128 0.62553 0.73362 0.03645  -0.08780 0.00295  15  DG  A C2    
271 N  N2    . DG  A 15 ? 0.68546 0.57723 0.68524 0.05037  -0.08091 0.00012  15  DG  A N2    
272 N  N3    . DG  A 15 ? 0.73598 0.71694 0.80286 0.05064  -0.08190 0.01055  15  DG  A N3    
273 C  C4    . DG  A 15 ? 0.69646 0.71884 0.81512 0.03030  -0.08557 0.01784  15  DG  A C4    
274 P  P     . DG  A 16 ? 0.74913 1.07165 0.97769 0.15633  -0.04526 0.05442  16  DG  A P     
275 O  OP1   . DG  A 16 ? 0.74337 1.13697 0.98639 0.20538  -0.02377 0.06776  16  DG  A OP1   
276 O  OP2   . DG  A 16 ? 0.64970 1.01680 0.94784 0.10329  -0.06477 0.04967  16  DG  A OP2   
277 O  "O5'" . DG  A 16 ? 0.81083 1.06172 0.98016 0.17773  -0.06081 0.04359  16  DG  A "O5'" 
278 C  "C5'" . DG  A 16 ? 0.89714 1.06350 0.98673 0.21885  -0.04304 0.04420  16  DG  A "C5'" 
279 C  "C4'" . DG  A 16 ? 0.93665 1.03941 0.97975 0.22903  -0.05612 0.04085  16  DG  A "C4'" 
280 O  "O4'" . DG  A 16 ? 0.87018 0.92562 0.90837 0.17794  -0.06883 0.02848  16  DG  A "O4'" 
281 C  "C3'" . DG  A 16 ? 0.91073 1.09313 0.98713 0.25017  -0.07824 0.04785  16  DG  A "C3'" 
282 O  "O3'" . DG  A 16 ? 1.00054 1.11459 1.00919 0.28855  -0.07587 0.05738  16  DG  A "O3'" 
283 C  "C2'" . DG  A 16 ? 0.80008 1.00630 0.91661 0.19280  -0.10218 0.03189  16  DG  A "C2'" 
284 C  "C1'" . DG  A 16 ? 0.78180 0.87795 0.84672 0.16697  -0.09184 0.02458  16  DG  A "C1'" 
285 N  N9    . DG  A 16 ? 0.67790 0.77639 0.77907 0.11558  -0.10223 0.01166  16  DG  A N9    
286 C  C8    . DG  A 16 ? 0.66915 0.81293 0.82953 0.08531  -0.10348 0.01038  16  DG  A C8    
287 N  N7    . DG  A 16 ? 0.67803 0.79769 0.85526 0.04957  -0.11029 0.00081  16  DG  A N7    
288 C  C5    . DG  A 16 ? 0.70000 0.76724 0.83022 0.05493  -0.11309 -0.00631 16  DG  A C5    
289 C  C6    . DG  A 16 ? 0.69095 0.72420 0.81882 0.03186  -0.11611 -0.01704 16  DG  A C6    
290 O  O6    . DG  A 16 ? 0.57522 0.61018 0.74115 0.00652  -0.11816 -0.02299 16  DG  A O6    
291 N  N1    . DG  A 16 ? 0.72574 0.71824 0.80121 0.04444  -0.11217 -0.01727 16  DG  A N1    
292 C  C2    . DG  A 16 ? 0.77216 0.74266 0.79783 0.07642  -0.10601 -0.00579 16  DG  A C2    
293 N  N2    . DG  A 16 ? 0.77425 0.69501 0.74998 0.08108  -0.09786 -0.00159 16  DG  A N2    
294 N  N3    . DG  A 16 ? 0.74350 0.73808 0.76875 0.10523  -0.10392 0.00402  16  DG  A N3    
295 C  C4    . DG  A 16 ? 0.75884 0.80840 0.84017 0.09189  -0.10772 0.00180  16  DG  A C4    
296 P  P     . DA  A 17 ? 1.15011 1.29540 1.14143 0.36748  -0.06788 0.08125  17  DA  A P     
297 O  OP1   . DA  A 17 ? 1.05017 1.34992 1.11876 0.37495  -0.09588 0.08601  17  DA  A OP1   
298 O  OP2   . DA  A 17 ? 1.18374 1.20972 1.08636 0.39761  -0.05666 0.09431  17  DA  A OP2   
299 O  "O5'" . DA  A 17 ? 1.16156 1.28973 1.14803 0.39467  -0.03426 0.08177  17  DA  A "O5'" 
300 C  "C5'" . DA  A 17 ? 1.28103 1.27047 1.19063 0.39129  -0.00748 0.07123  17  DA  A "C5'" 
301 C  "C4'" . DA  A 17 ? 1.33897 1.33324 1.24193 0.42436  0.02391  0.06818  17  DA  A "C4'" 
302 O  "O4'" . DA  A 17 ? 1.19477 1.26812 1.15696 0.37686  0.02020  0.05961  17  DA  A "O4'" 
303 C  "C3'" . DA  A 17 ? 1.56221 1.40069 1.36710 0.43250  0.05370  0.05120  17  DA  A "C3'" 
304 O  "O3'" . DA  A 17 ? 1.76146 1.56068 1.52426 0.51290  0.08418  0.06136  17  DA  A "O3'" 
305 C  "C2'" . DA  A 17 ? 1.44037 1.29565 1.25244 0.39034  0.06140  0.03154  17  DA  A "C2'" 
306 C  "C1'" . DA  A 17 ? 1.22883 1.24644 1.14235 0.38508  0.05065  0.04759  17  DA  A "C1'" 
307 N  N9    . DA  A 17 ? 1.09625 1.14874 1.04042 0.32497  0.04382  0.04077  17  DA  A N9    
308 C  C8    . DA  A 17 ? 1.09714 1.07427 1.00169 0.27424  0.03446  0.02487  17  DA  A C8    
309 N  N7    . DA  A 17 ? 1.02222 1.05428 0.96456 0.23576  0.03041  0.02962  17  DA  A N7    
310 C  C5    . DA  A 17 ? 0.97217 1.11723 0.98468 0.25527  0.04054  0.04828  17  DA  A C5    
311 C  C6    . DA  A 17 ? 0.89523 1.13264 0.97303 0.22897  0.04655  0.06518  17  DA  A C6    
312 N  N6    . DA  A 17 ? 0.85172 1.07372 0.92622 0.18437  0.04248  0.06940  17  DA  A N6    
313 N  N1    . DA  A 17 ? 0.83422 1.18426 0.98356 0.25048  0.05787  0.08142  17  DA  A N1    
314 C  C2    . DA  A 17 ? 0.85393 1.23038 1.00821 0.30316  0.05937  0.08181  17  DA  A C2    
315 N  N3    . DA  A 17 ? 0.91538 1.20474 1.00490 0.34025  0.05454  0.07106  17  DA  A N3    
316 C  C4    . DA  A 17 ? 0.99140 1.16071 1.01063 0.30978  0.04691  0.05371  17  DA  A C4    
317 P  P     . DA  A 18 ? 2.15922 1.76791 1.81089 0.54134  0.10958  0.05575  18  DA  A P     
318 O  OP1   . DA  A 18 ? 2.16742 1.75773 1.81362 0.55364  0.09216  0.08310  18  DA  A OP1   
319 O  OP2   . DA  A 18 ? 2.13685 1.63931 1.73225 0.47764  0.11578  0.01954  18  DA  A OP2   
320 O  "O5'" . DA  A 18 ? 2.26783 1.86739 1.89273 0.62661  0.14797  0.06274  18  DA  A "O5'" 
321 C  "C5'" . DA  A 18 ? 2.42898 1.88491 1.96252 0.63064  0.18252  0.03605  18  DA  A "C5'" 
322 C  "C4'" . DA  A 18 ? 2.37704 1.85728 1.90381 0.62220  0.19990  0.00457  18  DA  A "C4'" 
323 O  "O4'" . DA  A 18 ? 2.53324 1.85101 1.95865 0.58637  0.21638  -0.03624 18  DA  A "O4'" 
324 C  "C3'" . DA  A 18 ? 2.27634 1.84501 1.82681 0.68165  0.22873  0.01327  18  DA  A "C3'" 
325 O  "O3'" . DA  A 18 ? 2.17050 1.81640 1.74194 0.66794  0.23932  -0.00429 18  DA  A "O3'" 
326 C  "C2'" . DA  A 18 ? 2.48510 1.89449 1.93400 0.70304  0.26039  -0.00589 18  DA  A "C2'" 
327 C  "C1'" . DA  A 18 ? 2.59688 1.86065 1.97046 0.63152  0.25167  -0.04490 18  DA  A "C1'" 
328 N  N9    . DA  A 18 ? 2.71554 1.82065 2.01830 0.62106  0.26042  -0.04954 18  DA  A N9    
329 C  C8    . DA  A 18 ? 2.80913 1.85889 2.08254 0.67702  0.28558  -0.03163 18  DA  A C8    
330 N  N7    . DA  A 18 ? 2.91281 1.81340 2.12327 0.65038  0.29235  -0.03854 18  DA  A N7    
331 C  C5    . DA  A 18 ? 2.83345 1.69914 2.03726 0.56723  0.26812  -0.06335 18  DA  A C5    
332 C  C6    . DA  A 18 ? 2.87686 1.61897 2.03691 0.49818  0.26229  -0.07993 18  DA  A C6    
333 N  N6    . DA  A 18 ? 3.02789 1.64392 2.13657 0.50393  0.28411  -0.07334 18  DA  A N6    
334 N  N1    . DA  A 18 ? 2.88346 1.64209 2.05869 0.42195  0.23445  -0.10190 18  DA  A N1    
335 C  C2    . DA  A 18 ? 2.83565 1.71071 2.05695 0.41987  0.21539  -0.10690 18  DA  A C2    
336 N  N3    . DA  A 18 ? 2.78741 1.77822 2.05070 0.48074  0.22140  -0.09240 18  DA  A N3    
337 C  C4    . DA  A 18 ? 2.77538 1.76161 2.03168 0.55103  0.24755  -0.07072 18  DA  A C4    
338 P  P     . DA  A 19 ? 1.85683 1.66066 1.49403 0.71435  0.26460  0.01418  19  DA  A P     
339 O  OP1   . DA  A 19 ? 1.67468 1.65967 1.43960 0.70584  0.23630  0.04863  19  DA  A OP1   
340 O  OP2   . DA  A 19 ? 1.90309 1.64699 1.49126 0.77211  0.29467  0.01624  19  DA  A OP2   
341 O  "O5'" . DA  A 19 ? 1.66705 1.47498 1.26632 0.68500  0.28589  -0.01566 19  DA  A "O5'" 
342 C  "C5'" . DA  A 19 ? 1.71133 1.35632 1.18916 0.65525  0.29451  -0.06057 19  DA  A "C5'" 
343 C  "C4'" . DA  A 19 ? 1.48261 1.17981 0.95564 0.58696  0.28321  -0.07310 19  DA  A "C4'" 
344 O  "O4'" . DA  A 19 ? 1.36739 1.23557 0.92369 0.60692  0.30162  -0.04222 19  DA  A "O4'" 
345 C  "C3'" . DA  A 19 ? 1.34530 1.05537 0.85843 0.49625  0.23018  -0.06724 19  DA  A "C3'" 
346 O  "O3'" . DA  A 19 ? 1.40582 1.00657 0.82355 0.44565  0.21992  -0.10691 19  DA  A "O3'" 
347 C  "C2'" . DA  A 19 ? 1.20927 1.08847 0.82265 0.46950  0.22162  -0.03321 19  DA  A "C2'" 
348 C  "C1'" . DA  A 19 ? 1.26301 1.20744 0.86523 0.53151  0.27302  -0.02904 19  DA  A "C1'" 
349 N  N9    . DA  A 19 ? 1.16559 1.28489 0.89102 0.53771  0.27872  0.01330  19  DA  A N9    
350 C  C8    . DA  A 19 ? 1.15050 1.36480 0.95374 0.59583  0.29371  0.03695  19  DA  A C8    
351 N  N7    . DA  A 19 ? 1.05989 1.43647 0.97714 0.57535  0.29285  0.07053  19  DA  A N7    
352 C  C5    . DA  A 19 ? 1.01692 1.38933 0.92546 0.50229  0.27920  0.07241  19  DA  A C5    
353 C  C6    . DA  A 19 ? 0.93787 1.42505 0.93215 0.44811  0.27607  0.10364  19  DA  A C6    
354 N  N6    . DA  A 19 ? 0.88152 1.52206 0.99767 0.44960  0.28505  0.13444  19  DA  A N6    
355 N  N1    . DA  A 19 ? 0.92982 1.36903 0.88119 0.39141  0.26374  0.10358  19  DA  A N1    
356 C  C2    . DA  A 19 ? 0.99258 1.29708 0.83020 0.38534  0.25048  0.07076  19  DA  A C2    
357 N  N3    . DA  A 19 ? 1.06445 1.25542 0.81790 0.42265  0.25133  0.03448  19  DA  A N3    
358 C  C4    . DA  A 19 ? 1.07806 1.30137 0.86987 0.48235  0.26843  0.03874  19  DA  A C4    
359 P  P     . DA  A 20 ? 1.50517 1.03364 0.92059 0.37159  0.17425  -0.11711 20  DA  A P     
360 O  OP1   . DA  A 20 ? 1.53810 0.96943 0.85032 0.32994  0.17025  -0.16331 20  DA  A OP1   
361 O  OP2   . DA  A 20 ? 1.50076 0.97161 0.93397 0.39902  0.17327  -0.10416 20  DA  A OP2   
362 O  "O5'" . DA  A 20 ? 1.29915 0.96466 0.81937 0.32054  0.13880  -0.08267 20  DA  A "O5'" 
363 C  "C5'" . DA  A 20 ? 1.30914 1.02307 0.81727 0.28011  0.12856  -0.08469 20  DA  A "C5'" 
364 C  "C4'" . DA  A 20 ? 1.22592 1.05377 0.83948 0.24373  0.10232  -0.04588 20  DA  A "C4'" 
365 O  "O4'" . DA  A 20 ? 1.12886 1.05722 0.82351 0.27984  0.12121  -0.01456 20  DA  A "O4'" 
366 C  "C3'" . DA  A 20 ? 1.16252 0.97300 0.82610 0.20329  0.06555  -0.04071 20  DA  A "C3'" 
367 O  "O3'" . DA  A 20 ? 1.16280 1.04072 0.88102 0.15900  0.04109  -0.01968 20  DA  A "O3'" 
368 C  "C2'" . DA  A 20 ? 1.15398 1.00453 0.88394 0.23973  0.07164  -0.02081 20  DA  A "C2'" 
369 C  "C1'" . DA  A 20 ? 1.12308 1.07991 0.89726 0.26910  0.09686  0.00141  20  DA  A "C1'" 
370 N  N9    . DA  A 20 ? 1.10906 1.10732 0.91556 0.32780  0.11756  0.01216  20  DA  A N9    
371 C  C8    . DA  A 20 ? 1.15306 1.07696 0.91732 0.37501  0.12725  0.00144  20  DA  A C8    
372 N  N7    . DA  A 20 ? 1.14415 1.14463 0.95641 0.43167  0.14395  0.02065  20  DA  A N7    
373 C  C5    . DA  A 20 ? 1.05027 1.18766 0.94692 0.41131  0.14545  0.04209  20  DA  A C5    
374 C  C6    . DA  A 20 ? 0.97691 1.25946 0.96497 0.44082  0.15909  0.06789  20  DA  A C6    
375 N  N6    . DA  A 20 ? 0.98832 1.31322 0.99848 0.50894  0.17090  0.07791  20  DA  A N6    
376 N  N1    . DA  A 20 ? 0.93292 1.31966 0.99222 0.39765  0.16090  0.08608  20  DA  A N1    
377 C  C2    . DA  A 20 ? 0.91040 1.25278 0.94442 0.33882  0.14960  0.08255  20  DA  A C2    
378 N  N3    . DA  A 20 ? 0.99429 1.21645 0.94724 0.31315  0.13265  0.06055  20  DA  A N3    
379 C  C4    . DA  A 20 ? 1.04789 1.17458 0.93755 0.34795  0.13132  0.03875  20  DA  A C4    
380 P  P     . DG  A 21 ? 1.17131 1.02020 0.84355 0.11158  0.01511  -0.03376 21  DG  A P     
381 O  OP1   . DG  A 21 ? 1.20925 1.14058 0.93812 0.08957  0.00240  0.00053  21  DG  A OP1   
382 O  OP2   . DG  A 21 ? 1.28451 1.06569 0.84818 0.12260  0.03013  -0.06953 21  DG  A OP2   
383 O  "O5'" . DG  A 21 ? 1.16460 0.96139 0.85548 0.08080  -0.01064 -0.04606 21  DG  A "O5'" 
384 C  "C5'" . DG  A 21 ? 1.20107 0.89693 0.82978 0.08370  -0.00365 -0.07701 21  DG  A "C5'" 
385 C  "C4'" . DG  A 21 ? 1.12862 0.80067 0.79467 0.05178  -0.02382 -0.07541 21  DG  A "C4'" 
386 O  "O4'" . DG  A 21 ? 1.00457 0.74402 0.72332 0.01293  -0.05179 -0.06177 21  DG  A "O4'" 
387 C  "C3'" . DG  A 21 ? 1.07640 0.76829 0.80005 0.07851  -0.01870 -0.05311 21  DG  A "C3'" 
388 O  "O3'" . DG  A 21 ? 1.16221 0.76103 0.83930 0.09611  -0.00400 -0.06372 21  DG  A "O3'" 
389 C  "C2'" . DG  A 21 ? 0.97904 0.72174 0.77158 0.04125  -0.04432 -0.03919 21  DG  A "C2'" 
390 C  "C1'" . DG  A 21 ? 0.99272 0.73024 0.76097 -0.00108 -0.06116 -0.05351 21  DG  A "C1'" 
391 N  N9    . DG  A 21 ? 0.86426 0.67230 0.69905 -0.02633 -0.08329 -0.03556 21  DG  A N9    
392 C  C8    . DG  A 21 ? 0.83272 0.71136 0.71135 -0.02224 -0.08996 -0.01177 21  DG  A C8    
393 N  N7    . DG  A 21 ? 0.77336 0.68915 0.70649 -0.04163 -0.10709 0.00100  21  DG  A N7    
394 C  C5    . DG  A 21 ? 0.78471 0.66438 0.71261 -0.06086 -0.11092 -0.01597 21  DG  A C5    
395 C  C6    . DG  A 21 ? 0.73980 0.64204 0.71361 -0.08270 -0.12227 -0.01294 21  DG  A C6    
396 O  O6    . DG  A 21 ? 0.67490 0.63041 0.70470 -0.08412 -0.13275 0.00439  21  DG  A O6    
397 N  N1    . DG  A 21 ? 0.77667 0.62859 0.72525 -0.10106 -0.11563 -0.03018 21  DG  A N1    
398 C  C2    . DG  A 21 ? 0.85840 0.63229 0.74105 -0.09628 -0.10031 -0.04715 21  DG  A C2    
399 N  N2    . DG  A 21 ? 0.93376 0.65306 0.79640 -0.11810 -0.09127 -0.05698 21  DG  A N2    
400 N  N3    . DG  A 21 ? 0.85065 0.59827 0.68988 -0.06944 -0.09007 -0.05179 21  DG  A N3    
401 C  C4    . DG  A 21 ? 0.84206 0.65166 0.70872 -0.05400 -0.09608 -0.03639 21  DG  A C4    
402 P  P     . DG  A 22 ? 1.21777 0.83082 0.93089 0.13460  0.00132  -0.04009 22  DG  A P     
403 O  OP1   . DG  A 22 ? 1.34384 0.87239 0.99227 0.18542  0.02952  -0.04462 22  DG  A OP1   
404 O  OP2   . DG  A 22 ? 1.07320 0.80458 0.86905 0.14031  -0.01142 -0.01913 22  DG  A OP2   
405 O  "O5'" . DG  A 22 ? 1.14527 0.72506 0.86850 0.09623  -0.01229 -0.03780 22  DG  A "O5'" 
406 C  "C5'" . DG  A 22 ? 1.22593 0.70185 0.89069 0.06719  -0.00439 -0.05492 22  DG  A "C5'" 
407 C  "C4'" . DG  A 22 ? 1.19076 0.66795 0.88411 0.03739  -0.01248 -0.04267 22  DG  A "C4'" 
408 O  "O4'" . DG  A 22 ? 1.09915 0.66580 0.85727 -0.00145 -0.03625 -0.04280 22  DG  A "O4'" 
409 C  "C3'" . DG  A 22 ? 1.20144 0.70830 0.91623 0.07921  -0.01002 -0.01618 22  DG  A "C3'" 
410 O  "O3'" . DG  A 22 ? 1.26316 0.69932 0.94497 0.07055  0.00224  -0.00532 22  DG  A "O3'" 
411 C  "C2'" . DG  A 22 ? 1.07003 0.69172 0.86421 0.06359  -0.03349 -0.01053 22  DG  A "C2'" 
412 C  "C1'" . DG  A 22 ? 1.01868 0.64451 0.82874 0.00848  -0.04346 -0.02433 22  DG  A "C1'" 
413 N  N9    . DG  A 22 ? 0.90344 0.62001 0.77820 -0.00418 -0.06218 -0.02206 22  DG  A N9    
414 C  C8    . DG  A 22 ? 0.87125 0.63817 0.76794 0.01185  -0.06674 -0.01871 22  DG  A C8    
415 N  N7    . DG  A 22 ? 0.81983 0.64880 0.77247 -0.00501 -0.08053 -0.01204 22  DG  A N7    
416 C  C5    . DG  A 22 ? 0.79915 0.62507 0.76994 -0.02924 -0.08585 -0.01399 22  DG  A C5    
417 C  C6    . DG  A 22 ? 0.72181 0.59556 0.74824 -0.04623 -0.09638 -0.00889 22  DG  A C6    
418 O  O6    . DG  A 22 ? 0.65071 0.56828 0.71939 -0.04457 -0.10428 0.00047  22  DG  A O6    
419 N  N1    . DG  A 22 ? 0.70829 0.57123 0.73867 -0.06389 -0.09241 -0.01246 22  DG  A N1    
420 C  C2    . DG  A 22 ? 0.78397 0.59041 0.76798 -0.07057 -0.07922 -0.01677 22  DG  A C2    
421 N  N2    . DG  A 22 ? 0.81945 0.63001 0.81755 -0.09187 -0.07173 -0.01547 22  DG  A N2    
422 N  N3    . DG  A 22 ? 0.85222 0.59862 0.77955 -0.05482 -0.06948 -0.01939 22  DG  A N3    
423 C  C4    . DG  A 22 ? 0.86886 0.63147 0.79374 -0.03209 -0.07402 -0.01953 22  DG  A C4    
424 P  P     . DG  A 23 ? 1.28358 0.73717 0.96293 0.11643  0.00507  0.02443  23  DG  A P     
425 O  OP1   . DG  A 23 ? 1.38329 0.71102 0.98531 0.13882  0.03300  0.03919  23  DG  A OP1   
426 O  OP2   . DG  A 23 ? 1.22994 0.78283 0.95306 0.15795  -0.01006 0.02937  23  DG  A OP2   
427 O  "O5'" . DG  A 23 ? 1.23192 0.73934 0.95235 0.07641  -0.00650 0.02812  23  DG  A "O5'" 
428 C  "C5'" . DG  A 23 ? 1.22447 0.68900 0.93929 0.02206  0.00274  0.02157  23  DG  A "C5'" 
429 C  "C4'" . DG  A 23 ? 1.16105 0.69992 0.92337 0.00056  -0.00530 0.02602  23  DG  A "C4'" 
430 O  "O4'" . DG  A 23 ? 1.04251 0.66903 0.87202 -0.01556 -0.02770 0.00941  23  DG  A "O4'" 
431 C  "C3'" . DG  A 23 ? 1.14314 0.71719 0.89555 0.04239  -0.00782 0.04400  23  DG  A "C3'" 
432 O  "O3'" . DG  A 23 ? 1.20096 0.75022 0.92768 0.02826  0.01063  0.05985  23  DG  A "O3'" 
433 C  "C2'" . DG  A 23 ? 1.04641 0.72561 0.86595 0.04266  -0.03327 0.02816  23  DG  A "C2'" 
434 C  "C1'" . DG  A 23 ? 0.98279 0.67973 0.84823 -0.00104 -0.03793 0.01185  23  DG  A "C1'" 
435 N  N9    . DG  A 23 ? 0.88229 0.64389 0.80044 0.00219  -0.05778 0.00060  23  DG  A N9    
436 C  C8    . DG  A 23 ? 0.87419 0.64494 0.79306 0.02316  -0.06440 -0.00048 23  DG  A C8    
437 N  N7    . DG  A 23 ? 0.82081 0.65047 0.79250 0.01620  -0.07773 -0.00586 23  DG  A N7    
438 C  C5    . DG  A 23 ? 0.74761 0.60145 0.75396 -0.00612 -0.08111 -0.01042 23  DG  A C5    
439 C  C6    . DG  A 23 ? 0.71757 0.61762 0.78102 -0.01725 -0.09061 -0.01473 23  DG  A C6    
440 O  O6    . DG  A 23 ? 0.68924 0.61691 0.78444 -0.01562 -0.09816 -0.01252 23  DG  A O6    
441 N  N1    . DG  A 23 ? 0.73276 0.64155 0.81505 -0.02932 -0.08577 -0.01923 23  DG  A N1    
442 C  C2    . DG  A 23 ? 0.80988 0.69543 0.86159 -0.03524 -0.07186 -0.01768 23  DG  A C2    
443 N  N2    . DG  A 23 ? 0.75008 0.65974 0.82974 -0.04373 -0.06342 -0.02176 23  DG  A N2    
444 N  N3    . DG  A 23 ? 0.84074 0.67858 0.83740 -0.03081 -0.06223 -0.00998 23  DG  A N3    
445 C  C4    . DG  A 23 ? 0.81287 0.63299 0.78876 -0.01398 -0.06843 -0.00761 23  DG  A C4    
446 P  P     . DG  A 24 ? 1.24841 0.81957 0.93695 0.07115  0.01154  0.08203  24  DG  A P     
447 O  OP1   . DG  A 24 ? 1.29335 0.77906 0.91875 0.06404  0.04474  0.11145  24  DG  A OP1   
448 O  OP2   . DG  A 24 ? 1.23961 0.84162 0.92239 0.12365  -0.00839 0.08528  24  DG  A OP2   
449 O  "O5'" . DG  A 24 ? 1.17509 0.84202 0.91624 0.05337  -0.00215 0.06213  24  DG  A "O5'" 
450 C  "C5'" . DG  A 24 ? 1.16494 0.84496 0.94303 0.00833  0.01090  0.05277  24  DG  A "C5'" 
451 C  "C4'" . DG  A 24 ? 1.13105 0.89016 0.94610 0.00938  0.00232  0.03419  24  DG  A "C4'" 
452 O  "O4'" . DG  A 24 ? 1.04102 0.84869 0.92118 0.00416  -0.02224 0.00978  24  DG  A "O4'" 
453 C  "C3'" . DG  A 24 ? 1.18384 0.97022 0.95441 0.04660  -0.00607 0.03541  24  DG  A "C3'" 
454 O  "O3'" . DG  A 24 ? 1.25159 1.07663 1.02711 0.03854  0.00590  0.02222  24  DG  A "O3'" 
455 C  "C2'" . DG  A 24 ? 1.11725 0.95081 0.92707 0.06159  -0.04029 0.01391  24  DG  A "C2'" 
456 C  "C1'" . DG  A 24 ? 1.00751 0.85964 0.89006 0.02888  -0.04226 -0.00531 24  DG  A "C1'" 
457 N  N9    . DG  A 24 ? 0.89956 0.77394 0.82741 0.02939  -0.06434 -0.01584 24  DG  A N9    
458 C  C8    . DG  A 24 ? 0.89300 0.74931 0.81065 0.04334  -0.07081 -0.00474 24  DG  A C8    
459 N  N7    . DG  A 24 ? 0.83702 0.72631 0.80335 0.03818  -0.08529 -0.01473 24  DG  A N7    
460 C  C5    . DG  A 24 ? 0.79767 0.71782 0.80840 0.01932  -0.08957 -0.03213 24  DG  A C5    
461 C  C6    . DG  A 24 ? 0.75434 0.70392 0.82306 0.00658  -0.10016 -0.04327 24  DG  A C6    
462 O  O6    . DG  A 24 ? 0.73970 0.70453 0.83404 0.00610  -0.10781 -0.03835 24  DG  A O6    
463 N  N1    . DG  A 24 ? 0.72055 0.67733 0.81514 -0.00389 -0.09647 -0.05929 24  DG  A N1    
464 C  C2    . DG  A 24 ? 0.76808 0.71717 0.83656 -0.00131 -0.08273 -0.06587 24  DG  A C2    
465 N  N2    . DG  A 24 ? 0.73646 0.69213 0.83444 -0.00522 -0.07595 -0.08399 24  DG  A N2    
466 N  N3    . DG  A 24 ? 0.77637 0.70726 0.79110 0.00686  -0.07150 -0.05296 24  DG  A N3    
467 C  C4    . DG  A 24 ? 0.83389 0.74596 0.82198 0.01633  -0.07656 -0.03558 24  DG  A C4    
468 P  P     . DA  A 25 ? 1.48992 1.31758 1.18506 0.06341  0.02109  0.03634  25  DA  A P     
469 O  OP1   . DA  A 25 ? 1.47631 1.35162 1.19027 0.05524  0.03164  0.00853  25  DA  A OP1   
470 O  OP2   . DA  A 25 ? 1.52962 1.28785 1.17090 0.05996  0.05261  0.07910  25  DA  A OP2   
471 O  "O5'" . DA  A 25 ? 1.49069 1.34936 1.15381 0.10247  -0.01574 0.03008  25  DA  A "O5'" 
472 C  "C5'" . DA  A 25 ? 1.46932 1.29313 1.07474 0.13656  -0.01876 0.06631  25  DA  A "C5'" 
473 CO CO    . NCO B .  ? 2.32820 2.42759 2.03419 0.10000  0.04525  0.08754  101 NCO A CO    
474 N  N1    . NCO B .  ? 1.98435 2.11813 1.58037 0.11578  0.07011  0.10419  101 NCO A N1    
475 N  N2    . NCO B .  ? 1.84816 1.91732 1.64895 0.08702  0.02184  0.07215  101 NCO A N2    
476 N  N3    . NCO B .  ? 1.90594 1.95469 1.55210 0.06392  -0.00736 0.05915  101 NCO A N3    
477 N  N4    . NCO B .  ? 1.95065 1.96820 1.55493 0.13557  0.06454  0.02468  101 NCO A N4    
478 N  N5    . NCO B .  ? 1.93466 2.11023 1.71608 0.13113  0.09605  0.11645  101 NCO A N5    
479 N  N6    . NCO B .  ? 1.91383 2.07005 1.71511 0.06882  0.03171  0.15063  101 NCO A N6    
480 K  K     . K   C .  ? 0.59187 0.57434 0.77062 -0.01964 -0.11013 -0.02748 102 K   A K     
481 K  K     . K   D .  ? 0.60498 0.57012 0.77119 -0.03755 -0.10686 0.00427  103 K   A K     
482 K  K     . K   E .  ? 0.56195 0.55461 0.69951 -0.06866 -0.12646 0.02101  104 K   A K     
483 K  K     . K   F .  ? 1.90300 1.36429 1.69841 0.04550  0.01033  0.08952  105 K   A K     
484 C  C1    . MMP G .  ? 0.82006 0.90686 1.05408 -0.03348 -0.14715 -0.08295 106 MMP A C1    
485 N  N1    . MMP G .  ? 0.77815 0.89194 1.06903 -0.06225 -0.15365 -0.09390 106 MMP A N1    
486 C  C11   . MMP G .  ? 0.71593 0.88844 1.03920 -0.06558 -0.15839 -0.08214 106 MMP A C11   
487 C  C12   . MMP G .  ? 0.73469 0.91572 1.11663 -0.10546 -0.15943 -0.09405 106 MMP A C12   
488 C  C13   . MMP G .  ? 0.74419 0.85458 1.11951 -0.11924 -0.15425 -0.11439 106 MMP A C13   
489 C  C14   . MMP G .  ? 0.78742 0.86436 1.10916 -0.09029 -0.15043 -0.11452 106 MMP A C14   
490 C  C15   . MMP G .  ? 0.77688 0.78906 1.08133 -0.08790 -0.13961 -0.13257 106 MMP A C15   
491 C  C16   . MMP G .  ? 0.81806 1.07357 1.26286 -0.12947 -0.16150 -0.08551 106 MMP A C16   
492 C  C17   . MMP G .  ? 0.85546 0.92081 1.27425 -0.15872 -0.14837 -0.13354 106 MMP A C17   
493 N  N2    . MMP G .  ? 0.79277 0.82567 0.98844 -0.03873 -0.14294 -0.12937 106 MMP A N2    
494 C  C21   . MMP G .  ? 0.78268 0.79362 1.02623 -0.06482 -0.14154 -0.14951 106 MMP A C21   
495 C  C22   . MMP G .  ? 0.81233 0.79300 1.02542 -0.06099 -0.13548 -0.18359 106 MMP A C22   
496 C  C23   . MMP G .  ? 0.78993 0.78041 0.94473 -0.03864 -0.13214 -0.18448 106 MMP A C23   
497 C  C24   . MMP G .  ? 0.77896 0.79452 0.90723 -0.02181 -0.13546 -0.15244 106 MMP A C24   
498 C  C25   . MMP G .  ? 0.78885 0.80617 0.85269 0.00278  -0.12860 -0.13376 106 MMP A C25   
499 C  C26   . MMP G .  ? 0.83387 0.76510 1.07467 -0.08000 -0.12805 -0.21607 106 MMP A C26   
500 C  C27   . MMP G .  ? 0.88346 0.85156 0.99762 -0.03052 -0.12044 -0.21833 106 MMP A C27   
501 N  N3    . MMP G .  ? 0.83511 0.90414 0.91025 0.02278  -0.15073 -0.09300 106 MMP A N3    
502 C  C31   . MMP G .  ? 0.84090 0.87817 0.88586 0.02047  -0.13783 -0.10429 106 MMP A C31   
503 C  C32   . MMP G .  ? 0.88854 0.90594 0.87142 0.04359  -0.12697 -0.08188 106 MMP A C32   
504 C  C33   . MMP G .  ? 0.88534 0.91222 0.85774 0.06463  -0.13388 -0.05849 106 MMP A C33   
505 C  C34   . MMP G .  ? 0.84847 0.91457 0.87812 0.05452  -0.14813 -0.06555 106 MMP A C34   
506 C  C35   . MMP G .  ? 0.81253 0.90599 0.84648 0.08049  -0.15309 -0.04364 106 MMP A C35   
507 C  C36   . MMP G .  ? 0.90160 0.89001 0.83780 0.04612  -0.10508 -0.08160 106 MMP A C36   
508 C  C37   . MMP G .  ? 0.91754 0.90874 0.82375 0.09659  -0.12190 -0.02677 106 MMP A C37   
509 N  N4    . MMP G .  ? 0.77189 0.91319 0.92763 0.02387  -0.16169 -0.06772 106 MMP A N4    
510 C  C41   . MMP G .  ? 0.78272 0.92172 0.88506 0.06375  -0.15967 -0.04782 106 MMP A C41   
511 C  C42   . MMP G .  ? 0.74167 0.92872 0.87317 0.08213  -0.15984 -0.03147 106 MMP A C42   
512 C  C43   . MMP G .  ? 0.68034 0.90655 0.87751 0.05449  -0.16035 -0.03598 106 MMP A C43   
513 C  C44   . MMP G .  ? 0.70398 0.90796 0.93247 0.01307  -0.16181 -0.05472 106 MMP A C44   
514 C  C45   . MMP G .  ? 0.71049 0.91963 1.00270 -0.02779 -0.15847 -0.06118 106 MMP A C45   
515 C  C46   . MMP G .  ? 0.59200 0.87992 0.82584 0.07109  -0.15412 -0.01845 106 MMP A C46   
516 C  C47   . MMP G .  ? 0.74552 0.93371 0.83330 0.13457  -0.15410 -0.00698 106 MMP A C47   
517 O  O     . HOH H .  ? 0.83232 0.91984 1.20056 -0.08100 -0.05433 0.11470  201 HOH A O     
518 O  O     . HOH H .  ? 1.88991 0.99142 1.97744 0.13565  0.15748  -0.53091 202 HOH A O     
519 O  O     . HOH H .  ? 1.73122 1.01351 1.97922 0.00116  0.05898  -0.41019 203 HOH A O     
520 O  O     . HOH H .  ? 1.02043 1.72301 1.76343 -0.06032 -0.00732 0.07548  204 HOH A O     
521 O  O     . HOH H .  ? 1.19993 1.28909 1.19454 -0.01433 0.18657  -0.01831 205 HOH A O     
# 
